data_8BC8
#
_entry.id   8BC8
#
_cell.length_a   100.600
_cell.length_b   119.061
_cell.length_c   187.031
_cell.angle_alpha   90.000
_cell.angle_beta   90.000
_cell.angle_gamma   90.000
#
_symmetry.space_group_name_H-M   'P 21 21 21'
#
loop_
_entity.id
_entity.type
_entity.pdbx_description
1 polymer 'U5 small nuclear ribonucleoprotein 200 kDa helicase'
2 polymer 'Pre-mRNA-processing-splicing factor 8'
3 non-polymer 3-azanyl-4-oxidanyl-benzenesulfonamide
4 non-polymer 1,2-ETHANEDIOL
5 water water
#
loop_
_entity_poly.entity_id
_entity_poly.type
_entity_poly.pdbx_seq_one_letter_code
_entity_poly.pdbx_strand_id
1 'polypeptide(L)'
;GAEFMDLDQGGEALAPRQVLDLEDLVFTQGSHFMANKRCQLPDGSFRRQRKGYEEVHVPALKPKPFGSEEQLLPVEKLPK
YAQAGFEGFKTLNRIQSKLYRAALETDENLLLCAPTGAGKTNVALMCMLREIGKHINMDGTINVDDFKIIYIAPMRSLVQ
EMVGSFGKRLATYGITVAELTGDHQLCKEEISATQIIVCTPEKWDIITRKGGERTYTQLVRLIILDEIHLLHDDRGPVLE
ALVARAIRNIEMTQEDVRLIGLSATLPNYEDVATFLRVDPAKGLFYFDNSFRPVPLEQTYVGITEKKAIKRFQIMNEIVY
EKIMEHAGKNQVLVFVHSRKETGKTARAIRDMCLEKDTLGLFLREGSASTEVLRTEAEQCKNLELKDLLPYGFAIHHAGM
TRVDRTLVEDLFADKHIQVLVSTATLAWGVNLPAHTVIIKGTQVYSPEKGRWTELGALDILQMLGRAGRPQYDTKGEGIL
ITSHGELQYYLSLLNQQLPIESQMVSKLPDMLNAEIVLGNVQNAKDAVNWLGYAYLYIRMLRSPTLYGISHDDLKGDPLL
DQRRLDLVHTAALMLDKNNLVKYDKKTGNFQVTELGRIASHYYITNDTVQTYNQLLKPTLSEIELFRVFSLSSEFKNITV
REEEKLELQKLLERVPIPVKESIEEPSAKINVLLQAFISQLKLEGFALMADMVYVTQSAGRLMRAIFEIVLNRGWAQLTD
KTLNLCKMIDKRMWQSMCPLRQFRKLPEEVVKKIEKKNFPFERLYDLNHNEIGELIRMPKMGKTIHKYVHLFPKLELSVH
LQPITRSTLKVELTITPDFQWDEKVHGSSEAFWILVEDVDSEVILHHEYFLLKAKYAQDEHLITFFVPVFEPLPPQYFIR
VVSDRWLSCETQLPVSFRHLILPEKYPPPTELLDLQPLPVSALRNSAFESLYQDKFPFFNPIQTQVFNTVYNSDDNVFVG
APTGSGKTICAEFAILRMLLQSSEGRCVYITPMEALAEQVYMDWYEKFQDRLNKKVVLLTGETSTDLKLLGKGNIIISTP
EKWDILSRRWKQRKNVQNINLFVVDEVHLIGGENGPVLEVICSRMRYISSQIERPIRIVALSSSLSNAKDVAHWLGCSAT
STFNFHPNVRPVPLELHIQGFNISHTQTRLLSMAKPVYHAITKHSPKKPVIVFVPSRKQTRLTAIDILTTCAADIQRQRF
LHCTEKDLIPYLEKLSDSTLKETLLNGVGYLHEGLSPMERRLVEQLFSSGAIQVVVASRSLCWGMNVAAHLVIIMDTQYY
NGKIHAYVDYPIYDVLQMVGHANRPLQDDEGRCVIMCQGSKKDFFKKFLYEPLPVESHLDHCMHDHFNAEIVTKTIENKQ
DAVDYLTWTFLYRRMTQNPNYYNLQGISHRHLSDHLSELVEQTLSDLEQSKCISIEDEMDVAPLNLGMIAAYYYINYTTI
ELFSMSLNAKTKVRGLIEIISNAAEYENIPIRHHEDNLLRQLAQKVPHKLNNPKFNDPHVKTNLLLQAHLSRMQLSAELQ
SDTEEILSKAIRLIQACVDVLSSNGWLSPALAAMELAQMVTQAMWSKDSYLKQLPHFTSEHIKRCTDKGVESVFDIMEME
DEERNALLQLTDSQIADVARFCNRYPNIELSYEVVDKDSIRSGGPVVVLVQLEREEEVTGPVIAPLFPQKREEGWWVVIG
DAKSNSLISIKRLTLQQKAKVKLDFVAPATGAHNYTLYFMSDAYMGCDQEYKFSVDVKEAETDSDSD
;
B
2 'polypeptide(L)'
;GPLGSMTQTFSSKTEWRVRAISAANLHLRTNHIYVSSDDIKETGYTYILPKNVLKKFICISDLRAQIAGYLYGVSPPDNP
QVKEIRCIVMVPQWGTHQTVHLPGQLPQHEYLKEMEPLGWIHTQPNESPQLSPQDVTTHAKIMADNPSWDGEKTIIITCS
FTPGSCTLTAYKLTPSGYEWGRQNTDKGNNPKGYLPSHYERVQMLLSDRFLGFFMVPAQSSWNYNFMGVRHDPNMKYELQ
LANPKEFYHEVHRPSHFLNFALL
;
J
#
# COMPACT_ATOMS: atom_id res chain seq x y z
N ALA A 15 12.56 36.66 17.75
CA ALA A 15 12.75 37.70 18.77
C ALA A 15 12.96 37.04 20.13
N PRO A 16 13.36 37.82 21.16
CA PRO A 16 13.39 37.27 22.52
C PRO A 16 12.06 36.61 22.87
N ARG A 17 11.99 35.31 22.63
CA ARG A 17 10.79 34.55 22.86
C ARG A 17 10.62 34.23 24.35
N GLN A 18 9.40 33.86 24.71
CA GLN A 18 9.10 33.42 26.07
C GLN A 18 8.42 32.05 26.02
N VAL A 19 8.76 31.21 26.98
CA VAL A 19 8.12 29.90 27.11
C VAL A 19 6.87 30.09 27.96
N LEU A 20 5.71 29.76 27.41
CA LEU A 20 4.46 29.96 28.12
C LEU A 20 4.10 28.70 28.90
N ASP A 21 3.17 28.84 29.82
CA ASP A 21 2.55 27.69 30.49
C ASP A 21 1.18 27.47 29.84
N LEU A 22 1.07 26.46 28.99
CA LEU A 22 -0.21 26.25 28.31
C LEU A 22 -1.36 25.89 29.28
N GLU A 23 -1.07 25.15 30.36
CA GLU A 23 -2.11 24.76 31.32
C GLU A 23 -2.81 25.97 31.93
N ASP A 24 -2.06 27.06 32.16
CA ASP A 24 -2.64 28.25 32.77
C ASP A 24 -3.47 29.04 31.76
N LEU A 25 -3.33 28.77 30.47
CA LEU A 25 -4.11 29.44 29.44
C LEU A 25 -5.42 28.71 29.11
N VAL A 26 -5.50 27.42 29.45
CA VAL A 26 -6.62 26.54 29.07
C VAL A 26 -7.90 26.94 29.80
N PHE A 27 -9.01 27.04 29.06
CA PHE A 27 -10.34 27.04 29.70
C PHE A 27 -10.61 25.61 30.22
N THR A 28 -10.50 25.39 31.54
CA THR A 28 -10.66 24.03 32.07
C THR A 28 -12.09 23.49 31.96
N GLN A 29 -13.10 24.37 31.89
CA GLN A 29 -14.49 23.93 31.86
C GLN A 29 -14.90 23.34 30.52
N GLY A 30 -14.08 23.49 29.47
CA GLY A 30 -14.50 23.02 28.15
C GLY A 30 -15.70 23.81 27.66
N SER A 31 -16.70 23.09 27.14
CA SER A 31 -17.94 23.73 26.71
C SER A 31 -18.74 24.34 27.87
N HIS A 32 -18.33 24.10 29.12
CA HIS A 32 -19.05 24.71 30.22
C HIS A 32 -18.48 26.07 30.60
N PHE A 33 -17.37 26.50 29.99
CA PHE A 33 -16.85 27.83 30.23
C PHE A 33 -17.84 28.89 29.77
N MET A 34 -18.13 29.84 30.64
CA MET A 34 -19.09 30.91 30.40
C MET A 34 -18.32 32.24 30.32
N ALA A 35 -18.09 32.71 29.09
CA ALA A 35 -17.29 33.93 28.90
C ALA A 35 -18.08 35.19 29.29
N ASN A 36 -19.41 35.21 29.06
CA ASN A 36 -20.24 36.37 29.39
C ASN A 36 -20.48 36.48 30.89
N LYS A 37 -20.35 37.70 31.42
CA LYS A 37 -20.53 37.93 32.86
C LYS A 37 -22.00 38.14 33.25
N ARG A 38 -22.82 38.67 32.34
CA ARG A 38 -24.21 38.94 32.67
C ARG A 38 -25.14 38.16 31.75
N CYS A 39 -26.41 38.12 32.12
CA CYS A 39 -27.42 37.35 31.41
C CYS A 39 -28.74 38.09 31.49
N GLN A 40 -29.30 38.46 30.34
CA GLN A 40 -30.62 39.08 30.27
C GLN A 40 -31.60 38.10 29.60
N LEU A 41 -32.77 37.90 30.25
CA LEU A 41 -33.78 36.93 29.86
C LEU A 41 -34.83 37.58 28.96
N PRO A 42 -35.51 36.80 28.12
CA PRO A 42 -36.56 37.40 27.28
C PRO A 42 -37.62 38.06 28.13
N ASP A 43 -38.21 39.12 27.58
CA ASP A 43 -39.24 39.82 28.32
C ASP A 43 -40.40 38.87 28.62
N GLY A 44 -40.82 38.88 29.88
CA GLY A 44 -41.89 38.03 30.35
C GLY A 44 -41.41 36.88 31.22
N SER A 45 -40.11 36.69 31.35
CA SER A 45 -39.57 35.64 32.19
C SER A 45 -39.78 35.97 33.67
N PHE A 46 -39.84 34.93 34.51
CA PHE A 46 -40.06 35.22 35.92
C PHE A 46 -39.54 34.07 36.77
N ARG A 47 -39.06 34.42 37.97
CA ARG A 47 -38.56 33.44 38.91
C ARG A 47 -39.67 33.05 39.87
N ARG A 48 -39.39 32.01 40.66
CA ARG A 48 -40.39 31.46 41.60
C ARG A 48 -39.67 30.59 42.61
N GLN A 49 -39.79 30.90 43.89
CA GLN A 49 -39.11 30.15 44.93
C GLN A 49 -39.91 28.91 45.32
N ARG A 50 -39.19 27.89 45.78
CA ARG A 50 -39.80 26.67 46.26
C ARG A 50 -38.80 26.05 47.23
N LYS A 51 -39.31 25.22 48.13
CA LYS A 51 -38.49 24.68 49.20
C LYS A 51 -37.40 23.78 48.62
N GLY A 52 -36.17 24.29 48.62
CA GLY A 52 -35.03 23.56 48.11
C GLY A 52 -34.69 23.85 46.66
N TYR A 53 -35.46 24.71 45.97
CA TYR A 53 -35.10 24.96 44.58
C TYR A 53 -35.83 26.20 44.06
N GLU A 54 -35.23 26.80 43.04
CA GLU A 54 -35.80 27.93 42.32
C GLU A 54 -36.23 27.50 40.92
N GLU A 55 -37.26 28.16 40.39
CA GLU A 55 -37.73 27.94 39.02
C GLU A 55 -37.68 29.25 38.25
N VAL A 56 -36.99 29.23 37.12
CA VAL A 56 -37.06 30.31 36.14
C VAL A 56 -37.97 29.84 35.01
N HIS A 57 -38.96 30.67 34.66
N HIS A 57 -38.97 30.64 34.68
CA HIS A 57 -39.85 30.40 33.53
CA HIS A 57 -39.80 30.37 33.52
C HIS A 57 -39.58 31.41 32.43
C HIS A 57 -39.53 31.40 32.43
N VAL A 58 -39.35 30.91 31.22
CA VAL A 58 -39.12 31.74 30.04
C VAL A 58 -40.20 31.43 29.01
N PRO A 59 -41.04 32.40 28.64
CA PRO A 59 -42.17 32.10 27.74
C PRO A 59 -41.69 31.85 26.31
N ALA A 60 -42.62 31.36 25.50
CA ALA A 60 -42.33 31.07 24.11
C ALA A 60 -42.20 32.37 23.32
N LEU A 61 -41.27 32.38 22.37
CA LEU A 61 -41.00 33.59 21.60
C LEU A 61 -41.98 33.74 20.45
N LYS A 62 -42.29 34.99 20.13
CA LYS A 62 -43.17 35.13 18.97
C LYS A 62 -42.34 35.23 17.69
N PRO A 63 -42.79 34.57 16.61
CA PRO A 63 -42.09 34.70 15.33
C PRO A 63 -42.14 36.12 14.80
N LYS A 64 -41.11 36.49 14.03
CA LYS A 64 -41.18 37.71 13.23
C LYS A 64 -42.30 37.56 12.19
N PRO A 65 -43.21 38.54 12.07
CA PRO A 65 -44.48 38.35 11.37
C PRO A 65 -44.42 38.38 9.85
N PHE A 66 -43.43 37.69 9.28
CA PHE A 66 -43.19 37.67 7.83
C PHE A 66 -43.10 39.08 7.25
N GLY A 67 -42.21 39.89 7.84
CA GLY A 67 -41.84 41.14 7.21
C GLY A 67 -41.00 40.83 5.99
N SER A 68 -40.56 41.85 5.26
CA SER A 68 -39.68 41.63 4.11
C SER A 68 -40.35 40.81 3.02
N GLU A 69 -41.68 40.95 2.89
CA GLU A 69 -42.53 40.30 1.88
C GLU A 69 -41.98 38.97 1.40
N GLU A 70 -41.30 38.26 2.29
CA GLU A 70 -40.61 37.02 1.97
C GLU A 70 -41.64 35.92 1.75
N GLN A 71 -41.78 35.48 0.51
CA GLN A 71 -42.59 34.30 0.27
C GLN A 71 -41.73 33.05 0.38
N LEU A 72 -42.36 31.93 0.68
CA LEU A 72 -41.73 30.63 0.54
C LEU A 72 -41.55 30.33 -0.94
N LEU A 73 -40.33 30.09 -1.37
CA LEU A 73 -40.08 29.78 -2.78
C LEU A 73 -40.73 28.44 -3.12
N PRO A 74 -41.65 28.39 -4.06
CA PRO A 74 -42.12 27.08 -4.54
C PRO A 74 -40.95 26.34 -5.17
N VAL A 75 -40.93 25.03 -4.94
CA VAL A 75 -39.93 24.18 -5.59
C VAL A 75 -39.90 24.43 -7.09
N GLU A 76 -41.07 24.74 -7.68
CA GLU A 76 -41.16 24.99 -9.11
C GLU A 76 -40.24 26.11 -9.57
N LYS A 77 -39.99 27.11 -8.72
CA LYS A 77 -39.14 28.22 -9.10
C LYS A 77 -37.64 27.91 -8.96
N LEU A 78 -37.28 26.77 -8.36
CA LEU A 78 -35.88 26.38 -8.26
C LEU A 78 -35.31 26.00 -9.63
N PRO A 79 -33.99 26.03 -9.78
CA PRO A 79 -33.35 25.42 -10.94
C PRO A 79 -33.82 23.98 -11.16
N LYS A 80 -34.04 23.63 -12.43
CA LYS A 80 -34.74 22.38 -12.74
C LYS A 80 -33.97 21.15 -12.27
N TYR A 81 -32.64 21.23 -12.23
CA TYR A 81 -31.83 20.10 -11.79
C TYR A 81 -31.91 19.88 -10.29
N ALA A 82 -32.24 20.93 -9.51
CA ALA A 82 -32.38 20.86 -8.05
C ALA A 82 -33.77 20.43 -7.61
N GLN A 83 -34.74 20.45 -8.53
CA GLN A 83 -36.11 20.15 -8.17
C GLN A 83 -36.34 18.69 -7.83
N ALA A 84 -35.46 17.79 -8.25
CA ALA A 84 -35.64 16.38 -7.90
C ALA A 84 -35.29 16.13 -6.43
N GLY A 85 -34.28 16.82 -5.90
CA GLY A 85 -33.95 16.73 -4.49
C GLY A 85 -35.02 17.29 -3.57
N PHE A 86 -36.03 17.98 -4.11
CA PHE A 86 -37.16 18.45 -3.32
C PHE A 86 -38.43 17.70 -3.71
N GLU A 87 -38.26 16.45 -4.12
CA GLU A 87 -39.40 15.65 -4.55
C GLU A 87 -40.37 15.43 -3.41
N GLY A 88 -41.64 15.80 -3.62
CA GLY A 88 -42.63 15.65 -2.60
C GLY A 88 -42.69 16.77 -1.59
N PHE A 89 -42.23 17.98 -1.92
CA PHE A 89 -42.50 19.19 -1.16
C PHE A 89 -43.07 20.22 -2.10
N LYS A 90 -43.88 21.13 -1.55
CA LYS A 90 -44.48 22.18 -2.36
C LYS A 90 -43.62 23.45 -2.31
N THR A 91 -43.24 23.87 -1.11
CA THR A 91 -42.35 25.00 -0.92
C THR A 91 -41.17 24.59 -0.04
N LEU A 92 -40.03 25.23 -0.26
CA LEU A 92 -39.01 25.26 0.77
C LEU A 92 -39.57 25.95 2.00
N ASN A 93 -38.97 25.69 3.16
CA ASN A 93 -39.43 26.33 4.38
C ASN A 93 -38.95 27.79 4.39
N ARG A 94 -39.08 28.48 5.52
CA ARG A 94 -38.79 29.92 5.57
C ARG A 94 -37.28 30.21 5.43
N ILE A 95 -36.45 29.48 6.17
CA ILE A 95 -35.01 29.75 6.19
C ILE A 95 -34.36 29.28 4.88
N GLN A 96 -34.79 28.13 4.34
CA GLN A 96 -34.37 27.73 3.01
C GLN A 96 -34.71 28.80 1.97
N SER A 97 -35.87 29.44 2.12
CA SER A 97 -36.28 30.46 1.16
C SER A 97 -35.40 31.71 1.28
N LYS A 98 -35.01 32.09 2.50
CA LYS A 98 -34.06 33.20 2.60
C LYS A 98 -32.64 32.79 2.21
N LEU A 99 -32.35 31.50 2.08
CA LEU A 99 -30.99 31.03 1.81
C LEU A 99 -30.78 30.49 0.41
N TYR A 100 -31.83 30.35 -0.38
CA TYR A 100 -31.74 29.57 -1.61
C TYR A 100 -30.81 30.21 -2.64
N ARG A 101 -30.81 31.55 -2.74
CA ARG A 101 -29.91 32.20 -3.69
C ARG A 101 -28.47 31.91 -3.34
N ALA A 102 -28.09 32.15 -2.08
CA ALA A 102 -26.71 31.93 -1.65
C ALA A 102 -26.33 30.47 -1.75
N ALA A 103 -27.27 29.56 -1.45
CA ALA A 103 -26.88 28.16 -1.39
C ALA A 103 -26.77 27.57 -2.79
N LEU A 104 -27.70 27.91 -3.68
CA LEU A 104 -27.85 27.33 -5.01
C LEU A 104 -27.22 28.18 -6.13
N GLU A 105 -27.33 29.50 -6.06
CA GLU A 105 -26.86 30.37 -7.14
C GLU A 105 -25.47 30.95 -6.89
N THR A 106 -24.76 30.53 -5.82
CA THR A 106 -23.40 31.00 -5.58
C THR A 106 -22.60 29.91 -4.91
N ASP A 107 -21.28 30.11 -4.90
CA ASP A 107 -20.32 29.24 -4.23
C ASP A 107 -19.73 29.89 -2.98
N GLU A 108 -20.35 30.98 -2.50
CA GLU A 108 -19.87 31.68 -1.31
C GLU A 108 -19.84 30.74 -0.11
N ASN A 109 -18.75 30.80 0.65
CA ASN A 109 -18.69 30.13 1.94
C ASN A 109 -19.80 30.68 2.83
N LEU A 110 -20.49 29.78 3.52
CA LEU A 110 -21.68 30.16 4.28
C LEU A 110 -21.46 29.90 5.76
N LEU A 111 -22.04 30.74 6.60
CA LEU A 111 -22.28 30.43 8.01
C LEU A 111 -23.76 30.70 8.27
N LEU A 112 -24.48 29.66 8.72
CA LEU A 112 -25.90 29.81 9.07
C LEU A 112 -26.11 29.51 10.54
N CYS A 113 -26.57 30.50 11.29
CA CYS A 113 -26.96 30.37 12.69
C CYS A 113 -28.46 30.38 12.80
N ALA A 114 -29.04 29.32 13.33
CA ALA A 114 -30.48 29.28 13.53
C ALA A 114 -30.75 28.39 14.73
N PRO A 115 -31.88 28.58 15.40
CA PRO A 115 -32.22 27.70 16.53
C PRO A 115 -32.26 26.27 16.05
N THR A 116 -31.92 25.35 16.93
CA THR A 116 -31.96 23.94 16.57
C THR A 116 -33.33 23.56 16.05
N GLY A 117 -33.36 22.97 14.85
CA GLY A 117 -34.60 22.57 14.18
C GLY A 117 -35.14 23.56 13.16
N ALA A 118 -34.39 24.61 12.81
CA ALA A 118 -34.98 25.60 11.91
C ALA A 118 -34.88 25.19 10.44
N GLY A 119 -33.89 24.39 10.08
CA GLY A 119 -33.81 23.89 8.72
C GLY A 119 -32.43 24.01 8.12
N LYS A 120 -31.42 24.15 9.00
CA LYS A 120 -30.05 24.32 8.54
C LYS A 120 -29.61 23.12 7.70
N THR A 121 -29.92 21.91 8.16
CA THR A 121 -29.57 20.73 7.38
C THR A 121 -30.21 20.77 5.99
N ASN A 122 -31.38 21.38 5.85
CA ASN A 122 -32.01 21.46 4.53
C ASN A 122 -31.28 22.47 3.64
N VAL A 123 -30.79 23.56 4.23
CA VAL A 123 -29.94 24.48 3.47
C VAL A 123 -28.66 23.75 3.03
N ALA A 124 -28.13 22.88 3.90
CA ALA A 124 -26.93 22.11 3.54
C ALA A 124 -27.20 21.18 2.36
N LEU A 125 -28.37 20.54 2.35
CA LEU A 125 -28.78 19.76 1.20
C LEU A 125 -28.80 20.62 -0.06
N MET A 126 -29.30 21.86 0.04
CA MET A 126 -29.28 22.71 -1.16
C MET A 126 -27.87 22.94 -1.65
N CYS A 127 -26.93 23.18 -0.72
CA CYS A 127 -25.52 23.36 -1.10
C CYS A 127 -24.99 22.11 -1.81
N MET A 128 -25.24 20.94 -1.23
CA MET A 128 -24.84 19.70 -1.87
C MET A 128 -25.45 19.60 -3.27
N LEU A 129 -26.68 20.11 -3.44
CA LEU A 129 -27.34 20.01 -4.73
C LEU A 129 -26.64 20.88 -5.76
N ARG A 130 -26.27 22.10 -5.39
CA ARG A 130 -25.42 22.91 -6.26
C ARG A 130 -24.19 22.15 -6.70
N GLU A 131 -23.50 21.51 -5.76
CA GLU A 131 -22.28 20.79 -6.13
C GLU A 131 -22.60 19.68 -7.13
N ILE A 132 -23.64 18.89 -6.83
CA ILE A 132 -24.06 17.81 -7.73
C ILE A 132 -24.37 18.37 -9.11
N GLY A 133 -25.04 19.50 -9.16
CA GLY A 133 -25.37 20.14 -10.43
C GLY A 133 -24.16 20.55 -11.22
N LYS A 134 -23.03 20.80 -10.55
CA LYS A 134 -21.80 21.09 -11.29
C LYS A 134 -21.31 19.92 -12.15
N HIS A 135 -21.94 18.73 -12.08
CA HIS A 135 -21.38 17.54 -12.70
C HIS A 135 -22.44 16.73 -13.46
N ILE A 136 -23.49 17.37 -13.95
CA ILE A 136 -24.46 16.69 -14.80
C ILE A 136 -24.10 16.99 -16.24
N ASN A 137 -24.08 15.97 -17.09
CA ASN A 137 -23.81 16.13 -18.52
C ASN A 137 -25.14 16.20 -19.29
N MET A 138 -25.06 16.11 -20.63
CA MET A 138 -26.28 16.11 -21.43
C MET A 138 -26.99 14.75 -21.39
N ASP A 139 -26.24 13.67 -21.22
CA ASP A 139 -26.79 12.35 -20.95
C ASP A 139 -27.66 12.31 -19.68
N GLY A 140 -27.88 13.42 -18.96
CA GLY A 140 -28.67 13.41 -17.77
C GLY A 140 -28.00 12.78 -16.54
N THR A 141 -27.07 11.84 -16.72
CA THR A 141 -26.41 11.21 -15.59
C THR A 141 -25.51 12.23 -14.88
N ILE A 142 -25.01 11.83 -13.71
CA ILE A 142 -24.06 12.62 -12.95
C ILE A 142 -22.68 11.97 -13.06
N ASN A 143 -21.66 12.78 -13.32
CA ASN A 143 -20.27 12.29 -13.32
C ASN A 143 -19.86 12.00 -11.88
N VAL A 144 -20.36 10.88 -11.35
CA VAL A 144 -20.24 10.61 -9.93
C VAL A 144 -18.81 10.32 -9.49
N ASP A 145 -17.86 10.29 -10.42
CA ASP A 145 -16.47 10.02 -10.06
C ASP A 145 -15.62 11.29 -9.99
N ASP A 146 -16.20 12.46 -10.25
CA ASP A 146 -15.44 13.70 -10.39
C ASP A 146 -15.44 14.57 -9.12
N PHE A 147 -15.94 14.06 -7.99
CA PHE A 147 -16.08 14.91 -6.81
C PHE A 147 -16.49 14.09 -5.60
N LYS A 148 -16.17 14.64 -4.43
CA LYS A 148 -16.64 14.15 -3.13
C LYS A 148 -17.21 15.32 -2.35
N ILE A 149 -18.06 15.00 -1.37
CA ILE A 149 -18.68 15.98 -0.49
C ILE A 149 -18.57 15.42 0.91
N ILE A 150 -17.89 16.13 1.81
CA ILE A 150 -17.74 15.72 3.21
C ILE A 150 -18.81 16.42 4.05
N TYR A 151 -19.62 15.64 4.74
CA TYR A 151 -20.55 16.14 5.74
C TYR A 151 -20.03 15.73 7.11
N ILE A 152 -19.66 16.73 7.92
CA ILE A 152 -19.05 16.52 9.23
C ILE A 152 -20.12 16.74 10.30
N ALA A 153 -20.40 15.69 11.09
CA ALA A 153 -21.44 15.76 12.09
C ALA A 153 -20.86 15.25 13.41
N PRO A 154 -21.27 15.83 14.55
CA PRO A 154 -20.50 15.64 15.80
C PRO A 154 -20.65 14.24 16.40
N MET A 155 -21.80 13.58 16.26
CA MET A 155 -22.05 12.29 16.88
C MET A 155 -22.25 11.19 15.83
N ARG A 156 -21.68 10.02 16.11
CA ARG A 156 -21.80 8.88 15.21
C ARG A 156 -23.26 8.52 14.94
N SER A 157 -24.12 8.60 15.96
CA SER A 157 -25.51 8.22 15.72
C SER A 157 -26.18 9.19 14.74
N LEU A 158 -25.87 10.49 14.90
CA LEU A 158 -26.31 11.49 13.93
C LEU A 158 -25.76 11.19 12.53
N VAL A 159 -24.50 10.76 12.44
CA VAL A 159 -23.90 10.40 11.15
C VAL A 159 -24.74 9.35 10.42
N GLN A 160 -25.10 8.27 11.13
CA GLN A 160 -25.90 7.22 10.48
C GLN A 160 -27.27 7.73 10.07
N GLU A 161 -27.94 8.48 10.95
CA GLU A 161 -29.23 9.02 10.54
C GLU A 161 -29.11 9.88 9.28
N MET A 162 -28.00 10.61 9.13
CA MET A 162 -27.88 11.45 7.93
C MET A 162 -27.57 10.63 6.68
N VAL A 163 -26.72 9.60 6.80
CA VAL A 163 -26.51 8.68 5.69
C VAL A 163 -27.87 8.21 5.16
N GLY A 164 -28.74 7.78 6.08
CA GLY A 164 -30.10 7.43 5.69
C GLY A 164 -30.87 8.53 4.99
N SER A 165 -31.03 9.68 5.66
CA SER A 165 -31.92 10.72 5.11
C SER A 165 -31.37 11.31 3.81
N PHE A 166 -30.05 11.51 3.73
CA PHE A 166 -29.44 12.04 2.53
C PHE A 166 -29.48 11.03 1.39
N GLY A 167 -29.12 9.77 1.67
CA GLY A 167 -29.23 8.74 0.65
C GLY A 167 -30.62 8.67 0.05
N LYS A 168 -31.65 8.72 0.91
CA LYS A 168 -33.02 8.63 0.37
C LYS A 168 -33.37 9.88 -0.44
N ARG A 169 -32.93 11.07 -0.02
CA ARG A 169 -33.25 12.27 -0.80
C ARG A 169 -32.48 12.31 -2.12
N LEU A 170 -31.30 11.71 -2.17
CA LEU A 170 -30.44 11.86 -3.34
C LEU A 170 -30.43 10.63 -4.24
N ALA A 171 -31.11 9.55 -3.84
CA ALA A 171 -31.15 8.32 -4.62
C ALA A 171 -31.46 8.57 -6.10
N THR A 172 -32.45 9.41 -6.38
CA THR A 172 -32.90 9.75 -7.73
C THR A 172 -31.81 10.39 -8.59
N TYR A 173 -30.63 10.63 -8.02
CA TYR A 173 -29.51 11.16 -8.77
C TYR A 173 -28.43 10.11 -8.99
N GLY A 174 -28.59 8.90 -8.46
CA GLY A 174 -27.49 7.95 -8.46
C GLY A 174 -26.35 8.32 -7.53
N ILE A 175 -26.60 9.16 -6.53
CA ILE A 175 -25.61 9.55 -5.55
C ILE A 175 -25.55 8.50 -4.44
N THR A 176 -24.33 8.18 -4.00
CA THR A 176 -24.09 7.26 -2.91
C THR A 176 -23.63 8.02 -1.67
N VAL A 177 -24.36 7.84 -0.55
CA VAL A 177 -24.03 8.47 0.73
C VAL A 177 -23.61 7.37 1.70
N ALA A 178 -22.54 7.60 2.45
CA ALA A 178 -22.06 6.53 3.32
C ALA A 178 -21.20 7.07 4.46
N GLU A 179 -21.16 6.30 5.54
CA GLU A 179 -20.31 6.57 6.68
C GLU A 179 -19.01 5.78 6.56
N LEU A 180 -17.93 6.36 7.09
CA LEU A 180 -16.65 5.66 7.12
C LEU A 180 -16.64 4.66 8.27
N THR A 181 -16.42 3.39 7.94
CA THR A 181 -16.33 2.36 8.95
C THR A 181 -14.88 2.29 9.48
N GLY A 182 -14.66 1.38 10.44
CA GLY A 182 -13.44 1.39 11.22
C GLY A 182 -12.21 0.78 10.56
N ASP A 183 -12.39 -0.34 9.87
CA ASP A 183 -11.30 -0.95 9.12
C ASP A 183 -10.87 0.02 8.01
N HIS A 184 -9.70 -0.22 7.42
CA HIS A 184 -9.09 0.79 6.56
C HIS A 184 -8.89 0.42 5.10
N GLN A 185 -8.86 -0.88 4.76
CA GLN A 185 -8.54 -1.27 3.39
C GLN A 185 -9.76 -1.52 2.51
N LEU A 186 -10.80 -2.18 3.04
CA LEU A 186 -12.07 -2.26 2.31
C LEU A 186 -12.74 -0.90 2.23
N CYS A 187 -12.48 -0.03 3.21
CA CYS A 187 -13.17 1.25 3.28
C CYS A 187 -12.70 2.24 2.22
N LYS A 188 -11.45 2.15 1.79
CA LYS A 188 -11.02 3.02 0.69
C LYS A 188 -11.66 2.56 -0.62
N GLU A 189 -11.80 1.25 -0.81
CA GLU A 189 -12.59 0.73 -1.92
C GLU A 189 -14.00 1.33 -1.91
N GLU A 190 -14.62 1.39 -0.73
CA GLU A 190 -15.94 2.02 -0.64
C GLU A 190 -15.88 3.52 -0.92
N ILE A 191 -14.89 4.22 -0.33
CA ILE A 191 -14.71 5.66 -0.53
C ILE A 191 -14.65 6.00 -2.01
N SER A 192 -14.09 5.10 -2.82
CA SER A 192 -14.02 5.38 -4.25
C SER A 192 -15.41 5.53 -4.89
N ALA A 193 -16.42 4.81 -4.39
CA ALA A 193 -17.76 4.88 -4.97
C ALA A 193 -18.72 5.71 -4.14
N THR A 194 -18.25 6.29 -3.04
CA THR A 194 -19.08 7.13 -2.18
C THR A 194 -18.91 8.59 -2.60
N GLN A 195 -20.01 9.24 -2.96
CA GLN A 195 -19.91 10.66 -3.33
C GLN A 195 -20.05 11.59 -2.13
N ILE A 196 -20.82 11.20 -1.11
CA ILE A 196 -21.03 11.99 0.09
C ILE A 196 -20.57 11.16 1.27
N ILE A 197 -19.47 11.58 1.88
CA ILE A 197 -18.89 10.92 3.03
C ILE A 197 -19.42 11.63 4.26
N VAL A 198 -20.07 10.88 5.15
CA VAL A 198 -20.63 11.42 6.37
C VAL A 198 -19.79 10.87 7.51
N CYS A 199 -19.19 11.76 8.29
CA CYS A 199 -18.28 11.32 9.34
C CYS A 199 -18.13 12.40 10.41
N THR A 200 -17.43 12.06 11.48
CA THR A 200 -17.21 12.94 12.61
C THR A 200 -16.01 13.81 12.35
N PRO A 201 -15.82 14.88 13.13
CA PRO A 201 -14.56 15.65 12.99
C PRO A 201 -13.32 14.80 13.16
N GLU A 202 -13.29 13.93 14.17
CA GLU A 202 -12.08 13.16 14.46
C GLU A 202 -11.74 12.19 13.33
N LYS A 203 -12.75 11.60 12.68
CA LYS A 203 -12.47 10.65 11.60
C LYS A 203 -11.90 11.36 10.39
N TRP A 204 -12.47 12.51 10.00
CA TRP A 204 -11.90 13.25 8.90
C TRP A 204 -10.50 13.72 9.24
N ASP A 205 -10.30 14.14 10.48
CA ASP A 205 -8.94 14.52 10.90
C ASP A 205 -7.95 13.35 10.76
N ILE A 206 -8.31 12.16 11.27
CA ILE A 206 -7.34 11.07 11.18
C ILE A 206 -7.11 10.66 9.73
N ILE A 207 -8.13 10.76 8.86
CA ILE A 207 -7.92 10.39 7.46
C ILE A 207 -7.01 11.37 6.75
N THR A 208 -7.32 12.68 6.85
CA THR A 208 -6.45 13.65 6.20
C THR A 208 -5.12 13.83 6.92
N ARG A 209 -4.86 13.13 8.04
CA ARG A 209 -3.54 13.19 8.65
C ARG A 209 -2.56 12.31 7.90
N LYS A 210 -3.03 11.15 7.49
CA LYS A 210 -2.23 10.25 6.68
C LYS A 210 -2.02 10.88 5.30
N GLY A 211 -0.78 11.21 4.97
CA GLY A 211 -0.49 11.77 3.67
C GLY A 211 -0.10 10.72 2.64
N GLY A 212 -1.05 10.35 1.77
CA GLY A 212 -0.76 9.45 0.67
C GLY A 212 -1.40 9.96 -0.60
N GLU A 213 -0.58 10.38 -1.59
CA GLU A 213 -1.08 11.24 -2.66
C GLU A 213 -2.26 10.62 -3.41
N ARG A 214 -2.35 9.26 -3.48
CA ARG A 214 -3.47 8.58 -4.16
C ARG A 214 -4.78 8.69 -3.36
N THR A 215 -4.73 9.53 -2.34
CA THR A 215 -5.92 9.85 -1.56
C THR A 215 -6.99 10.47 -2.46
N TYR A 216 -8.24 10.12 -2.17
CA TYR A 216 -9.37 10.70 -2.87
C TYR A 216 -9.75 12.07 -2.35
N THR A 217 -9.12 12.53 -1.26
CA THR A 217 -9.41 13.84 -0.71
C THR A 217 -9.14 14.95 -1.71
N GLN A 218 -8.38 14.68 -2.76
CA GLN A 218 -8.20 15.65 -3.83
C GLN A 218 -9.53 16.03 -4.47
N LEU A 219 -10.48 15.10 -4.51
CA LEU A 219 -11.77 15.29 -5.14
C LEU A 219 -12.75 16.12 -4.32
N VAL A 220 -12.43 16.41 -3.05
CA VAL A 220 -13.40 17.03 -2.15
C VAL A 220 -13.66 18.46 -2.59
N ARG A 221 -14.92 18.77 -2.88
CA ARG A 221 -15.27 20.11 -3.33
C ARG A 221 -16.09 20.90 -2.32
N LEU A 222 -16.65 20.23 -1.32
CA LEU A 222 -17.58 20.84 -0.38
C LEU A 222 -17.47 20.11 0.95
N ILE A 223 -17.31 20.89 2.02
CA ILE A 223 -17.29 20.39 3.39
C ILE A 223 -18.39 21.12 4.17
N ILE A 224 -19.32 20.36 4.73
CA ILE A 224 -20.33 20.88 5.62
C ILE A 224 -19.89 20.57 7.04
N LEU A 225 -19.92 21.58 7.90
CA LEU A 225 -19.55 21.51 9.30
C LEU A 225 -20.82 21.79 10.07
N ASP A 226 -21.53 20.74 10.44
CA ASP A 226 -22.79 20.87 11.17
C ASP A 226 -22.50 21.03 12.67
N GLU A 227 -23.37 21.75 13.38
CA GLU A 227 -23.17 22.00 14.82
C GLU A 227 -21.76 22.55 15.09
N ILE A 228 -21.41 23.61 14.36
CA ILE A 228 -20.05 24.13 14.43
C ILE A 228 -19.80 24.83 15.75
N HIS A 229 -20.85 25.10 16.53
CA HIS A 229 -20.66 25.53 17.91
C HIS A 229 -19.95 24.47 18.76
N LEU A 230 -19.70 23.28 18.22
CA LEU A 230 -18.77 22.37 18.88
C LEU A 230 -17.39 22.99 19.07
N LEU A 231 -17.10 24.09 18.35
CA LEU A 231 -15.87 24.83 18.59
C LEU A 231 -15.67 25.14 20.06
N HIS A 232 -16.77 25.35 20.81
CA HIS A 232 -16.68 25.64 22.24
C HIS A 232 -16.39 24.41 23.11
N ASP A 233 -16.63 23.22 22.57
CA ASP A 233 -16.37 21.95 23.25
C ASP A 233 -14.86 21.66 23.33
N ASP A 234 -14.48 20.73 24.21
CA ASP A 234 -13.11 20.20 24.21
C ASP A 234 -12.73 19.55 22.90
N ARG A 235 -13.72 19.11 22.11
CA ARG A 235 -13.52 18.56 20.78
C ARG A 235 -13.29 19.64 19.71
N GLY A 236 -13.61 20.90 20.01
CA GLY A 236 -13.53 21.95 19.00
C GLY A 236 -12.24 22.12 18.27
N PRO A 237 -11.08 21.92 18.91
CA PRO A 237 -9.82 22.12 18.19
C PRO A 237 -9.70 21.23 16.97
N VAL A 238 -10.38 20.08 16.94
CA VAL A 238 -10.39 19.24 15.74
C VAL A 238 -10.96 20.00 14.56
N LEU A 239 -12.13 20.63 14.75
CA LEU A 239 -12.73 21.50 13.74
C LEU A 239 -11.77 22.61 13.32
N GLU A 240 -11.06 23.20 14.28
CA GLU A 240 -10.09 24.25 13.91
C GLU A 240 -8.99 23.68 13.01
N ALA A 241 -8.44 22.54 13.39
CA ALA A 241 -7.39 21.90 12.60
C ALA A 241 -7.87 21.53 11.20
N LEU A 242 -9.10 20.99 11.10
CA LEU A 242 -9.65 20.65 9.78
C LEU A 242 -9.80 21.87 8.91
N VAL A 243 -10.38 22.94 9.46
CA VAL A 243 -10.65 24.11 8.64
C VAL A 243 -9.36 24.78 8.21
N ALA A 244 -8.42 24.92 9.15
CA ALA A 244 -7.14 25.53 8.84
C ALA A 244 -6.40 24.73 7.76
N ARG A 245 -6.31 23.41 7.92
CA ARG A 245 -5.71 22.55 6.91
C ARG A 245 -6.38 22.68 5.55
N ALA A 246 -7.73 22.77 5.52
CA ALA A 246 -8.46 22.88 4.26
C ALA A 246 -8.19 24.21 3.56
N ILE A 247 -8.17 25.32 4.30
CA ILE A 247 -7.95 26.64 3.71
C ILE A 247 -6.50 26.80 3.23
N ARG A 248 -5.54 26.40 4.08
CA ARG A 248 -4.14 26.42 3.64
C ARG A 248 -3.93 25.54 2.42
N ASN A 249 -4.62 24.41 2.34
CA ASN A 249 -4.49 23.55 1.16
C ASN A 249 -5.13 24.15 -0.08
N ILE A 250 -6.25 24.89 0.09
CA ILE A 250 -6.85 25.62 -1.03
C ILE A 250 -5.84 26.58 -1.63
N GLU A 251 -5.05 27.24 -0.78
CA GLU A 251 -3.98 28.06 -1.35
C GLU A 251 -2.84 27.20 -1.92
N MET A 252 -2.56 26.07 -1.27
CA MET A 252 -1.48 25.18 -1.72
C MET A 252 -1.73 24.64 -3.13
N THR A 253 -2.98 24.43 -3.51
CA THR A 253 -3.33 23.82 -4.79
C THR A 253 -4.15 24.73 -5.70
N GLN A 254 -4.71 25.81 -5.17
CA GLN A 254 -5.60 26.75 -5.85
C GLN A 254 -6.86 26.10 -6.41
N GLU A 255 -7.13 24.85 -6.04
CA GLU A 255 -8.45 24.26 -6.22
C GLU A 255 -9.34 24.66 -5.05
N ASP A 256 -10.46 25.32 -5.35
CA ASP A 256 -11.33 25.82 -4.29
C ASP A 256 -12.04 24.67 -3.57
N VAL A 257 -12.45 24.95 -2.34
CA VAL A 257 -13.37 24.08 -1.60
C VAL A 257 -14.41 24.99 -0.95
N ARG A 258 -15.69 24.62 -1.07
CA ARG A 258 -16.74 25.37 -0.40
C ARG A 258 -16.89 24.89 1.05
N LEU A 259 -16.94 25.83 1.99
CA LEU A 259 -17.21 25.54 3.40
C LEU A 259 -18.59 26.07 3.80
N ILE A 260 -19.40 25.20 4.41
CA ILE A 260 -20.70 25.59 5.00
C ILE A 260 -20.63 25.29 6.50
N GLY A 261 -20.88 26.30 7.33
CA GLY A 261 -20.98 26.11 8.78
C GLY A 261 -22.43 26.20 9.21
N LEU A 262 -22.87 25.24 10.04
CA LEU A 262 -24.22 25.23 10.61
C LEU A 262 -24.10 25.36 12.12
N SER A 263 -24.65 26.44 12.67
CA SER A 263 -24.43 26.81 14.05
C SER A 263 -25.73 27.10 14.78
N ALA A 264 -25.76 26.76 16.06
CA ALA A 264 -26.77 27.32 16.94
C ALA A 264 -26.59 28.83 16.99
N THR A 265 -27.58 29.49 17.55
CA THR A 265 -27.53 30.95 17.65
C THR A 265 -26.89 31.33 18.98
N LEU A 266 -25.60 31.70 18.92
CA LEU A 266 -24.75 32.00 20.08
C LEU A 266 -23.80 33.13 19.72
N PRO A 267 -23.32 33.88 20.71
CA PRO A 267 -22.41 35.00 20.42
C PRO A 267 -21.06 34.54 19.89
N ASN A 268 -20.42 35.46 19.15
CA ASN A 268 -19.15 35.28 18.42
C ASN A 268 -19.34 34.56 17.09
N TYR A 269 -20.58 34.51 16.58
CA TYR A 269 -20.81 33.92 15.26
C TYR A 269 -20.10 34.70 14.16
N GLU A 270 -19.95 36.01 14.35
CA GLU A 270 -19.18 36.81 13.40
C GLU A 270 -17.70 36.38 13.37
N ASP A 271 -17.13 35.99 14.51
CA ASP A 271 -15.78 35.44 14.50
C ASP A 271 -15.72 34.07 13.83
N VAL A 272 -16.74 33.22 14.07
CA VAL A 272 -16.78 31.94 13.38
C VAL A 272 -16.81 32.15 11.87
N ALA A 273 -17.54 33.17 11.41
CA ALA A 273 -17.61 33.44 9.97
C ALA A 273 -16.26 33.91 9.43
N THR A 274 -15.58 34.82 10.15
CA THR A 274 -14.19 35.14 9.78
C THR A 274 -13.34 33.89 9.64
N PHE A 275 -13.50 32.94 10.58
CA PHE A 275 -12.72 31.72 10.61
C PHE A 275 -12.98 30.84 9.38
N LEU A 276 -14.18 30.89 8.84
CA LEU A 276 -14.55 30.11 7.65
C LEU A 276 -14.40 30.90 6.37
N ARG A 277 -13.82 32.11 6.43
CA ARG A 277 -13.64 32.93 5.22
C ARG A 277 -14.99 33.20 4.57
N VAL A 278 -16.01 33.42 5.43
CA VAL A 278 -17.32 33.83 5.01
C VAL A 278 -17.31 35.35 4.86
N ASP A 279 -17.74 35.83 3.70
CA ASP A 279 -18.06 37.24 3.56
C ASP A 279 -19.31 37.54 4.38
N PRO A 280 -19.21 38.34 5.45
CA PRO A 280 -20.41 38.65 6.24
C PRO A 280 -21.52 39.22 5.38
N ALA A 281 -21.17 40.07 4.41
CA ALA A 281 -22.17 40.72 3.58
C ALA A 281 -22.80 39.78 2.56
N LYS A 282 -22.17 38.67 2.25
CA LYS A 282 -22.67 37.78 1.22
C LYS A 282 -23.13 36.42 1.75
N GLY A 283 -22.45 35.85 2.73
CA GLY A 283 -22.82 34.51 3.14
C GLY A 283 -23.03 34.25 4.61
N LEU A 284 -23.37 35.27 5.40
CA LEU A 284 -23.58 35.12 6.83
C LEU A 284 -25.06 35.37 7.14
N PHE A 285 -25.71 34.42 7.78
CA PHE A 285 -27.14 34.53 8.08
C PHE A 285 -27.37 34.17 9.52
N TYR A 286 -28.03 35.06 10.25
CA TYR A 286 -28.31 34.89 11.68
C TYR A 286 -29.81 34.97 11.92
N PHE A 287 -30.42 33.86 12.32
CA PHE A 287 -31.83 33.85 12.65
C PHE A 287 -31.99 33.58 14.15
N ASP A 288 -32.72 34.45 14.86
CA ASP A 288 -32.81 34.31 16.31
C ASP A 288 -33.74 33.15 16.70
N ASN A 289 -33.89 32.91 18.00
CA ASN A 289 -34.63 31.75 18.52
C ASN A 289 -36.13 31.81 18.28
N SER A 290 -36.65 32.95 17.81
CA SER A 290 -38.06 32.99 17.42
C SER A 290 -38.31 32.18 16.15
N PHE A 291 -37.27 31.88 15.39
CA PHE A 291 -37.37 31.02 14.22
C PHE A 291 -37.41 29.53 14.58
N ARG A 292 -37.57 29.18 15.85
CA ARG A 292 -37.82 27.80 16.19
C ARG A 292 -39.16 27.39 15.57
N PRO A 293 -39.21 26.30 14.79
CA PRO A 293 -40.48 25.97 14.12
C PRO A 293 -41.63 25.79 15.09
N VAL A 294 -41.39 25.23 16.28
CA VAL A 294 -42.40 25.13 17.32
C VAL A 294 -41.94 25.98 18.51
N PRO A 295 -42.70 26.99 18.92
CA PRO A 295 -42.26 27.85 20.05
C PRO A 295 -42.00 27.04 21.32
N LEU A 296 -41.12 27.56 22.16
CA LEU A 296 -40.63 26.79 23.31
C LEU A 296 -40.82 27.57 24.61
N GLU A 297 -41.83 27.20 25.39
CA GLU A 297 -41.88 27.55 26.79
C GLU A 297 -40.81 26.75 27.51
N GLN A 298 -39.95 27.43 28.26
CA GLN A 298 -38.84 26.77 28.92
C GLN A 298 -38.99 26.92 30.43
N THR A 299 -38.67 25.84 31.15
CA THR A 299 -38.66 25.83 32.60
C THR A 299 -37.28 25.39 33.05
N TYR A 300 -36.62 26.21 33.85
CA TYR A 300 -35.33 25.90 34.45
C TYR A 300 -35.54 25.71 35.95
N VAL A 301 -35.24 24.52 36.43
CA VAL A 301 -35.38 24.19 37.84
C VAL A 301 -33.97 24.02 38.39
N GLY A 302 -33.55 24.94 39.27
CA GLY A 302 -32.23 24.91 39.86
C GLY A 302 -32.28 24.60 41.33
N ILE A 303 -31.66 23.50 41.71
CA ILE A 303 -31.86 22.89 43.03
C ILE A 303 -30.78 23.38 43.97
N THR A 304 -31.18 23.75 45.19
CA THR A 304 -30.22 24.30 46.13
C THR A 304 -29.66 23.26 47.09
N GLU A 305 -30.37 22.16 47.34
CA GLU A 305 -29.91 21.20 48.33
C GLU A 305 -28.55 20.62 47.94
N LYS A 306 -27.65 20.56 48.91
CA LYS A 306 -26.30 20.04 48.68
C LYS A 306 -26.14 18.59 49.08
N LYS A 307 -27.03 18.06 49.93
CA LYS A 307 -26.87 16.71 50.47
C LYS A 307 -27.40 15.69 49.47
N ALA A 308 -26.55 14.71 49.13
CA ALA A 308 -26.88 13.75 48.08
C ALA A 308 -28.28 13.15 48.25
N ILE A 309 -28.58 12.64 49.45
CA ILE A 309 -29.86 11.99 49.70
C ILE A 309 -31.02 12.94 49.40
N LYS A 310 -31.02 14.11 50.06
CA LYS A 310 -32.15 15.03 49.94
C LYS A 310 -32.28 15.57 48.52
N ARG A 311 -31.16 15.86 47.86
CA ARG A 311 -31.23 16.37 46.48
C ARG A 311 -31.80 15.30 45.54
N PHE A 312 -31.39 14.05 45.69
CA PHE A 312 -31.93 12.99 44.84
C PHE A 312 -33.44 12.87 45.02
N GLN A 313 -33.89 12.87 46.27
CA GLN A 313 -35.34 12.79 46.50
C GLN A 313 -36.06 14.00 45.93
N ILE A 314 -35.51 15.20 46.13
CA ILE A 314 -36.13 16.42 45.60
C ILE A 314 -36.29 16.31 44.10
N MET A 315 -35.26 15.80 43.41
CA MET A 315 -35.30 15.67 41.96
C MET A 315 -36.42 14.75 41.52
N ASN A 316 -36.52 13.58 42.18
CA ASN A 316 -37.62 12.70 41.84
C ASN A 316 -38.97 13.37 42.11
N GLU A 317 -39.05 14.20 43.14
CA GLU A 317 -40.28 14.96 43.41
C GLU A 317 -40.62 15.91 42.27
N ILE A 318 -39.63 16.69 41.82
CA ILE A 318 -39.87 17.67 40.77
C ILE A 318 -40.29 16.98 39.48
N VAL A 319 -39.62 15.87 39.13
CA VAL A 319 -40.03 15.18 37.91
C VAL A 319 -41.45 14.67 38.03
N TYR A 320 -41.82 14.13 39.20
CA TYR A 320 -43.19 13.64 39.34
C TYR A 320 -44.21 14.77 39.16
N GLU A 321 -43.96 15.91 39.80
CA GLU A 321 -44.91 17.02 39.72
C GLU A 321 -45.03 17.55 38.29
N LYS A 322 -43.89 17.70 37.62
CA LYS A 322 -43.92 18.11 36.22
C LYS A 322 -44.69 17.10 35.37
N ILE A 323 -44.40 15.80 35.53
CA ILE A 323 -45.16 14.77 34.80
C ILE A 323 -46.65 14.93 35.04
N MET A 324 -47.06 15.14 36.29
CA MET A 324 -48.49 15.23 36.57
C MET A 324 -49.12 16.44 35.90
N GLU A 325 -48.36 17.51 35.66
CA GLU A 325 -48.91 18.61 34.86
C GLU A 325 -49.25 18.16 33.44
N HIS A 326 -48.71 17.03 32.97
CA HIS A 326 -48.92 16.57 31.60
C HIS A 326 -49.54 15.17 31.49
N ALA A 327 -49.85 14.52 32.61
CA ALA A 327 -50.34 13.13 32.59
C ALA A 327 -51.69 13.05 31.89
N GLY A 328 -51.73 12.34 30.76
CA GLY A 328 -52.95 12.22 30.01
C GLY A 328 -53.24 13.38 29.09
N LYS A 329 -52.44 14.44 29.13
CA LYS A 329 -52.56 15.56 28.20
C LYS A 329 -51.39 15.70 27.23
N ASN A 330 -50.20 15.24 27.60
CA ASN A 330 -49.03 15.33 26.74
C ASN A 330 -48.08 14.18 27.03
N GLN A 331 -47.40 13.74 25.97
CA GLN A 331 -46.29 12.81 26.12
C GLN A 331 -45.10 13.55 26.71
N VAL A 332 -44.32 12.85 27.52
CA VAL A 332 -43.16 13.47 28.18
C VAL A 332 -41.96 12.57 27.97
N LEU A 333 -40.93 13.13 27.34
CA LEU A 333 -39.67 12.48 27.12
C LEU A 333 -38.70 12.99 28.18
N VAL A 334 -38.20 12.09 29.00
CA VAL A 334 -37.26 12.44 30.05
C VAL A 334 -35.92 11.87 29.64
N PHE A 335 -34.91 12.75 29.58
CA PHE A 335 -33.53 12.34 29.32
C PHE A 335 -32.79 12.24 30.66
N VAL A 336 -32.15 11.09 30.88
CA VAL A 336 -31.31 10.85 32.05
C VAL A 336 -29.90 10.50 31.57
N HIS A 337 -29.01 10.18 32.50
CA HIS A 337 -27.57 10.23 32.23
C HIS A 337 -26.94 8.89 31.92
N SER A 338 -27.59 7.77 32.27
CA SER A 338 -27.02 6.44 32.13
C SER A 338 -27.99 5.53 31.39
N ARG A 339 -27.47 4.36 31.02
CA ARG A 339 -28.34 3.27 30.57
C ARG A 339 -29.22 2.77 31.72
N LYS A 340 -28.60 2.50 32.87
CA LYS A 340 -29.33 1.98 34.03
C LYS A 340 -30.31 3.00 34.58
N GLU A 341 -30.01 4.29 34.40
CA GLU A 341 -30.83 5.32 35.03
C GLU A 341 -32.17 5.48 34.31
N THR A 342 -32.23 5.15 33.01
CA THR A 342 -33.52 5.18 32.32
C THR A 342 -34.53 4.32 33.06
N GLY A 343 -34.16 3.07 33.33
CA GLY A 343 -35.04 2.16 34.05
C GLY A 343 -35.26 2.57 35.49
N LYS A 344 -34.19 2.90 36.22
CA LYS A 344 -34.36 3.32 37.61
C LYS A 344 -35.33 4.49 37.72
N THR A 345 -35.21 5.47 36.81
CA THR A 345 -36.06 6.66 36.87
C THR A 345 -37.49 6.35 36.44
N ALA A 346 -37.68 5.58 35.37
CA ALA A 346 -39.04 5.23 34.97
C ALA A 346 -39.74 4.43 36.06
N ARG A 347 -39.03 3.51 36.72
N ARG A 347 -39.03 3.51 36.71
CA ARG A 347 -39.62 2.78 37.83
CA ARG A 347 -39.61 2.78 37.83
C ARG A 347 -39.95 3.70 38.99
C ARG A 347 -39.94 3.71 38.98
N ALA A 348 -39.05 4.66 39.30
CA ALA A 348 -39.33 5.61 40.36
C ALA A 348 -40.62 6.38 40.09
N ILE A 349 -40.74 6.92 38.88
CA ILE A 349 -41.91 7.74 38.54
C ILE A 349 -43.19 6.91 38.62
N ARG A 350 -43.19 5.71 38.02
CA ARG A 350 -44.46 4.97 38.03
C ARG A 350 -44.77 4.36 39.39
N ASP A 351 -43.77 4.09 40.24
CA ASP A 351 -44.06 3.66 41.60
C ASP A 351 -44.69 4.80 42.39
N MET A 352 -44.14 6.01 42.25
CA MET A 352 -44.74 7.16 42.91
C MET A 352 -46.15 7.43 42.39
N CYS A 353 -46.42 7.08 41.12
CA CYS A 353 -47.78 7.15 40.62
C CYS A 353 -48.68 6.10 41.26
N LEU A 354 -48.16 4.87 41.38
CA LEU A 354 -48.94 3.78 41.98
C LEU A 354 -49.36 4.12 43.40
N GLU A 355 -48.42 4.65 44.19
CA GLU A 355 -48.74 4.97 45.57
C GLU A 355 -49.78 6.09 45.69
N LYS A 356 -49.87 6.97 44.69
CA LYS A 356 -50.81 8.08 44.72
C LYS A 356 -52.03 7.87 43.83
N ASP A 357 -52.27 6.64 43.37
CA ASP A 357 -53.45 6.26 42.58
C ASP A 357 -53.52 6.99 41.24
N THR A 358 -52.40 7.55 40.78
CA THR A 358 -52.40 8.38 39.59
C THR A 358 -52.00 7.64 38.32
N LEU A 359 -51.71 6.32 38.41
CA LEU A 359 -51.33 5.57 37.22
C LEU A 359 -52.42 5.60 36.15
N GLY A 360 -53.65 5.99 36.51
CA GLY A 360 -54.76 5.99 35.58
C GLY A 360 -54.88 7.22 34.71
N LEU A 361 -54.24 8.33 35.10
CA LEU A 361 -54.22 9.49 34.22
C LEU A 361 -53.49 9.18 32.92
N PHE A 362 -52.45 8.34 32.97
CA PHE A 362 -51.68 8.04 31.78
C PHE A 362 -52.45 7.13 30.82
N LEU A 363 -53.26 6.24 31.36
CA LEU A 363 -53.91 5.20 30.58
C LEU A 363 -55.41 5.28 30.77
N ARG A 364 -56.15 5.40 29.67
CA ARG A 364 -57.59 5.25 29.71
C ARG A 364 -57.94 3.77 29.64
N GLU A 365 -58.75 3.31 30.59
CA GLU A 365 -59.04 1.89 30.69
C GLU A 365 -59.80 1.38 29.47
N GLY A 366 -60.52 2.25 28.78
CA GLY A 366 -61.31 1.83 27.63
C GLY A 366 -60.73 2.24 26.29
N SER A 367 -59.44 1.96 26.07
CA SER A 367 -58.76 2.31 24.83
C SER A 367 -57.78 1.20 24.45
N ALA A 368 -57.77 0.84 23.16
CA ALA A 368 -56.94 -0.26 22.68
C ALA A 368 -55.46 -0.03 22.95
N SER A 369 -55.08 1.19 23.30
CA SER A 369 -53.69 1.48 23.65
C SER A 369 -53.21 0.57 24.78
N THR A 370 -54.03 0.37 25.80
CA THR A 370 -53.67 -0.47 26.95
C THR A 370 -53.42 -1.92 26.51
N GLU A 371 -54.21 -2.42 25.57
CA GLU A 371 -54.04 -3.79 25.13
C GLU A 371 -52.81 -3.94 24.25
N VAL A 372 -52.56 -2.97 23.38
CA VAL A 372 -51.33 -2.98 22.60
C VAL A 372 -50.14 -3.05 23.54
N LEU A 373 -50.19 -2.26 24.62
CA LEU A 373 -49.08 -2.25 25.57
C LEU A 373 -48.92 -3.61 26.25
N ARG A 374 -50.03 -4.24 26.66
CA ARG A 374 -49.93 -5.53 27.33
C ARG A 374 -49.40 -6.63 26.40
N THR A 375 -49.94 -6.71 25.18
CA THR A 375 -49.46 -7.71 24.22
C THR A 375 -47.97 -7.50 23.93
N GLU A 376 -47.59 -6.28 23.52
CA GLU A 376 -46.20 -6.04 23.14
C GLU A 376 -45.26 -6.19 24.32
N ALA A 377 -45.73 -5.88 25.54
CA ALA A 377 -44.95 -6.17 26.74
C ALA A 377 -44.69 -7.66 26.86
N GLU A 378 -45.78 -8.46 26.94
CA GLU A 378 -45.67 -9.90 27.09
C GLU A 378 -44.79 -10.54 26.02
N GLN A 379 -44.79 -10.00 24.80
CA GLN A 379 -43.94 -10.52 23.73
C GLN A 379 -42.53 -9.93 23.74
N CYS A 380 -42.22 -9.05 24.68
CA CYS A 380 -40.95 -8.32 24.66
C CYS A 380 -39.83 -9.11 25.35
N LYS A 381 -38.60 -8.92 24.84
CA LYS A 381 -37.42 -9.58 25.39
C LYS A 381 -36.91 -8.91 26.67
N ASN A 382 -37.05 -7.59 26.77
CA ASN A 382 -36.48 -6.82 27.87
C ASN A 382 -37.37 -6.88 29.10
N LEU A 383 -36.75 -7.18 30.25
CA LEU A 383 -37.50 -7.35 31.50
C LEU A 383 -37.98 -6.03 32.08
N GLU A 384 -37.16 -4.98 31.99
CA GLU A 384 -37.60 -3.66 32.42
C GLU A 384 -38.71 -3.14 31.52
N LEU A 385 -38.59 -3.38 30.21
CA LEU A 385 -39.68 -3.05 29.30
C LEU A 385 -40.96 -3.83 29.65
N LYS A 386 -40.82 -5.07 30.14
CA LYS A 386 -41.98 -5.81 30.65
C LYS A 386 -42.61 -5.09 31.84
N ASP A 387 -41.81 -4.86 32.88
CA ASP A 387 -42.28 -4.18 34.08
C ASP A 387 -42.97 -2.85 33.76
N LEU A 388 -42.53 -2.17 32.70
CA LEU A 388 -42.95 -0.79 32.49
C LEU A 388 -43.99 -0.58 31.39
N LEU A 389 -43.93 -1.32 30.28
CA LEU A 389 -44.81 -1.05 29.14
C LEU A 389 -46.31 -1.12 29.46
N PRO A 390 -46.80 -2.00 30.34
CA PRO A 390 -48.25 -1.97 30.64
C PRO A 390 -48.73 -0.63 31.16
N TYR A 391 -47.94 0.02 32.00
CA TYR A 391 -48.33 1.31 32.59
C TYR A 391 -48.15 2.49 31.63
N GLY A 392 -47.53 2.28 30.48
CA GLY A 392 -47.26 3.35 29.56
C GLY A 392 -45.92 4.01 29.74
N PHE A 393 -45.09 3.47 30.64
CA PHE A 393 -43.73 3.94 30.87
C PHE A 393 -42.77 3.12 30.01
N ALA A 394 -41.90 3.78 29.26
CA ALA A 394 -40.94 3.08 28.40
C ALA A 394 -39.53 3.59 28.66
N ILE A 395 -38.54 2.74 28.38
CA ILE A 395 -37.14 3.11 28.43
C ILE A 395 -36.53 2.90 27.05
N HIS A 396 -35.57 3.76 26.68
CA HIS A 396 -34.87 3.62 25.42
C HIS A 396 -33.40 3.94 25.62
N HIS A 397 -32.52 3.03 25.21
CA HIS A 397 -31.09 3.31 25.33
C HIS A 397 -30.31 2.37 24.41
N ALA A 398 -28.99 2.57 24.37
CA ALA A 398 -28.11 1.90 23.42
C ALA A 398 -27.92 0.40 23.71
N GLY A 399 -28.14 -0.03 24.97
CA GLY A 399 -27.96 -1.40 25.38
C GLY A 399 -29.11 -2.34 25.09
N MET A 400 -30.05 -1.95 24.25
CA MET A 400 -31.25 -2.72 23.96
C MET A 400 -31.14 -3.36 22.58
N THR A 401 -32.16 -4.13 22.23
CA THR A 401 -32.23 -4.74 20.90
C THR A 401 -32.62 -3.68 19.86
N ARG A 402 -32.15 -3.89 18.63
CA ARG A 402 -32.66 -3.07 17.52
C ARG A 402 -34.18 -3.20 17.40
N VAL A 403 -34.72 -4.41 17.63
CA VAL A 403 -36.16 -4.58 17.49
C VAL A 403 -36.89 -4.00 18.69
N ASP A 404 -36.30 -4.05 19.90
CA ASP A 404 -36.92 -3.40 21.05
C ASP A 404 -36.84 -1.88 20.96
N ARG A 405 -35.71 -1.33 20.49
CA ARG A 405 -35.61 0.11 20.27
C ARG A 405 -36.62 0.58 19.23
N THR A 406 -36.78 -0.16 18.13
CA THR A 406 -37.81 0.18 17.17
C THR A 406 -39.22 -0.04 17.73
N LEU A 407 -39.38 -0.99 18.65
CA LEU A 407 -40.65 -1.13 19.33
C LEU A 407 -41.00 0.17 20.04
N VAL A 408 -40.08 0.66 20.87
CA VAL A 408 -40.41 1.85 21.65
C VAL A 408 -40.58 3.06 20.74
N GLU A 409 -39.81 3.14 19.64
CA GLU A 409 -39.96 4.26 18.72
C GLU A 409 -41.34 4.25 18.07
N ASP A 410 -41.72 3.10 17.48
CA ASP A 410 -43.01 3.01 16.81
C ASP A 410 -44.16 3.22 17.77
N LEU A 411 -44.05 2.71 19.01
CA LEU A 411 -45.13 2.88 19.97
C LEU A 411 -45.18 4.27 20.58
N PHE A 412 -44.06 5.01 20.59
CA PHE A 412 -44.12 6.39 21.05
C PHE A 412 -44.66 7.31 19.96
N ALA A 413 -44.23 7.10 18.71
CA ALA A 413 -44.77 7.89 17.61
C ALA A 413 -46.28 7.69 17.49
N ASP A 414 -46.75 6.46 17.68
CA ASP A 414 -48.18 6.15 17.71
C ASP A 414 -48.88 6.70 18.95
N LYS A 415 -48.21 7.48 19.79
CA LYS A 415 -48.84 8.11 20.96
C LYS A 415 -49.42 7.06 21.92
N HIS A 416 -48.74 5.91 22.02
CA HIS A 416 -49.10 4.84 22.96
C HIS A 416 -48.41 5.00 24.31
N ILE A 417 -47.08 5.14 24.31
CA ILE A 417 -46.33 5.52 25.50
C ILE A 417 -46.61 6.98 25.83
N GLN A 418 -46.85 7.26 27.11
CA GLN A 418 -47.00 8.64 27.58
C GLN A 418 -45.76 9.20 28.26
N VAL A 419 -44.87 8.32 28.74
CA VAL A 419 -43.67 8.73 29.46
C VAL A 419 -42.51 7.87 28.96
N LEU A 420 -41.64 8.47 28.15
CA LEU A 420 -40.48 7.75 27.61
C LEU A 420 -39.21 8.31 28.26
N VAL A 421 -38.54 7.48 29.05
CA VAL A 421 -37.27 7.82 29.67
C VAL A 421 -36.15 7.24 28.82
N SER A 422 -35.19 8.08 28.44
CA SER A 422 -34.23 7.73 27.44
C SER A 422 -32.90 8.42 27.70
N THR A 423 -31.93 8.06 26.86
CA THR A 423 -30.54 8.44 26.89
C THR A 423 -30.33 9.58 25.88
N ALA A 424 -29.07 10.00 25.68
CA ALA A 424 -28.78 11.04 24.69
C ALA A 424 -28.72 10.48 23.27
N THR A 425 -28.31 9.21 23.13
CA THR A 425 -28.31 8.53 21.85
C THR A 425 -29.63 8.75 21.12
N LEU A 426 -30.75 8.63 21.83
CA LEU A 426 -32.05 8.87 21.20
C LEU A 426 -32.15 10.30 20.68
N ALA A 427 -31.68 11.27 21.47
CA ALA A 427 -31.72 12.65 21.02
C ALA A 427 -31.02 12.82 19.68
N TRP A 428 -29.89 12.16 19.48
CA TRP A 428 -29.12 12.37 18.25
C TRP A 428 -29.55 11.47 17.09
N GLY A 429 -29.85 10.20 17.35
CA GLY A 429 -29.99 9.20 16.30
C GLY A 429 -31.37 9.00 15.69
N VAL A 430 -32.41 9.41 16.39
CA VAL A 430 -33.78 9.14 15.98
C VAL A 430 -34.55 10.45 15.86
N ASN A 431 -35.45 10.53 14.89
CA ASN A 431 -36.35 11.67 14.76
C ASN A 431 -37.58 11.34 15.59
N LEU A 432 -37.54 11.68 16.88
CA LEU A 432 -38.62 11.37 17.82
C LEU A 432 -38.87 12.57 18.72
N PRO A 433 -39.75 13.49 18.31
CA PRO A 433 -40.11 14.61 19.18
C PRO A 433 -41.21 14.23 20.18
N ALA A 434 -41.31 15.07 21.22
CA ALA A 434 -42.34 14.93 22.24
C ALA A 434 -42.82 16.33 22.60
N HIS A 435 -44.11 16.44 22.95
CA HIS A 435 -44.62 17.74 23.32
C HIS A 435 -43.84 18.30 24.50
N THR A 436 -43.41 17.44 25.41
CA THR A 436 -42.71 17.87 26.62
C THR A 436 -41.42 17.08 26.79
N VAL A 437 -40.36 17.80 27.15
CA VAL A 437 -39.05 17.18 27.40
C VAL A 437 -38.57 17.63 28.77
N ILE A 438 -38.13 16.68 29.57
CA ILE A 438 -37.52 16.95 30.87
C ILE A 438 -36.09 16.41 30.84
N ILE A 439 -35.14 17.27 31.15
CA ILE A 439 -33.75 16.90 31.31
C ILE A 439 -33.52 16.72 32.81
N LYS A 440 -33.39 15.47 33.25
CA LYS A 440 -33.35 15.13 34.68
C LYS A 440 -31.89 15.07 35.14
N GLY A 441 -31.41 16.19 35.69
CA GLY A 441 -30.02 16.35 36.07
C GLY A 441 -29.13 16.67 34.89
N THR A 442 -28.12 17.52 35.08
CA THR A 442 -27.18 17.86 34.02
C THR A 442 -25.78 17.33 34.31
N GLN A 443 -25.63 16.55 35.37
CA GLN A 443 -24.38 15.91 35.73
C GLN A 443 -24.24 14.58 35.02
N VAL A 444 -23.02 14.31 34.54
CA VAL A 444 -22.70 13.13 33.73
C VAL A 444 -21.31 12.67 34.13
N TYR A 445 -21.06 11.36 34.13
CA TYR A 445 -19.73 10.88 34.50
C TYR A 445 -18.84 10.84 33.26
N SER A 446 -17.70 11.54 33.30
CA SER A 446 -16.73 11.57 32.19
C SER A 446 -15.48 10.77 32.57
N PRO A 447 -15.26 9.59 31.99
CA PRO A 447 -14.04 8.82 32.32
C PRO A 447 -12.76 9.53 31.92
N GLU A 448 -12.78 10.19 30.76
CA GLU A 448 -11.65 11.01 30.35
C GLU A 448 -11.28 12.04 31.40
N LYS A 449 -12.28 12.73 31.94
CA LYS A 449 -11.98 13.70 32.99
C LYS A 449 -11.82 13.02 34.34
N GLY A 450 -12.30 11.79 34.47
CA GLY A 450 -12.14 11.01 35.67
C GLY A 450 -13.19 11.27 36.73
N ARG A 451 -14.29 11.94 36.37
CA ARG A 451 -15.16 12.52 37.38
C ARG A 451 -16.45 13.01 36.74
N TRP A 452 -17.38 13.41 37.60
CA TRP A 452 -18.65 13.94 37.15
C TRP A 452 -18.45 15.37 36.68
N THR A 453 -19.01 15.67 35.51
CA THR A 453 -18.97 16.98 34.90
C THR A 453 -20.40 17.35 34.51
N GLU A 454 -20.54 18.51 33.89
CA GLU A 454 -21.82 18.96 33.36
C GLU A 454 -21.99 18.43 31.95
N LEU A 455 -23.25 18.32 31.52
CA LEU A 455 -23.52 17.87 30.16
C LEU A 455 -22.96 18.86 29.15
N GLY A 456 -22.40 18.34 28.05
CA GLY A 456 -22.01 19.18 26.94
C GLY A 456 -23.15 20.04 26.42
N ALA A 457 -22.79 21.22 25.93
CA ALA A 457 -23.79 22.14 25.39
C ALA A 457 -24.50 21.56 24.16
N LEU A 458 -23.78 20.83 23.31
CA LEU A 458 -24.40 20.23 22.14
C LEU A 458 -25.49 19.23 22.53
N ASP A 459 -25.18 18.35 23.48
CA ASP A 459 -26.20 17.46 24.04
C ASP A 459 -27.42 18.22 24.51
N ILE A 460 -27.20 19.29 25.30
CA ILE A 460 -28.32 20.05 25.87
C ILE A 460 -29.19 20.63 24.76
N LEU A 461 -28.54 21.29 23.78
CA LEU A 461 -29.29 21.92 22.70
C LEU A 461 -30.09 20.88 21.96
N GLN A 462 -29.49 19.72 21.67
CA GLN A 462 -30.18 18.70 20.87
C GLN A 462 -31.40 18.18 21.62
N MET A 463 -31.24 17.85 22.90
CA MET A 463 -32.34 17.31 23.70
C MET A 463 -33.49 18.30 23.82
N LEU A 464 -33.21 19.55 24.19
CA LEU A 464 -34.33 20.49 24.24
C LEU A 464 -34.86 20.80 22.86
N GLY A 465 -34.03 20.64 21.82
CA GLY A 465 -34.53 20.73 20.47
C GLY A 465 -35.61 19.71 20.19
N ARG A 466 -35.59 18.59 20.92
CA ARG A 466 -36.62 17.58 20.73
C ARG A 466 -37.99 17.93 21.34
N ALA A 467 -38.23 19.15 21.83
CA ALA A 467 -39.51 19.52 22.42
C ALA A 467 -40.40 20.20 21.39
N GLY A 468 -41.67 19.78 21.34
CA GLY A 468 -42.59 20.28 20.36
C GLY A 468 -42.55 19.45 19.09
N ARG A 469 -43.68 18.80 18.74
CA ARG A 469 -43.76 17.99 17.52
C ARG A 469 -44.09 18.90 16.34
N PRO A 470 -43.29 18.85 15.27
CA PRO A 470 -43.33 19.95 14.29
C PRO A 470 -44.70 20.21 13.68
N GLN A 471 -45.61 19.22 13.67
CA GLN A 471 -46.94 19.45 13.12
C GLN A 471 -48.07 18.95 14.00
N TYR A 472 -47.78 18.46 15.20
CA TYR A 472 -48.83 18.00 16.11
C TYR A 472 -49.04 18.92 17.30
N ASP A 473 -48.10 19.83 17.58
CA ASP A 473 -48.16 20.69 18.74
C ASP A 473 -48.06 22.15 18.31
N THR A 474 -48.76 23.03 19.03
CA THR A 474 -48.63 24.45 18.80
C THR A 474 -47.54 25.09 19.67
N LYS A 475 -47.19 24.47 20.79
CA LYS A 475 -46.03 24.86 21.57
C LYS A 475 -45.35 23.61 22.10
N GLY A 476 -44.09 23.76 22.48
CA GLY A 476 -43.36 22.70 23.15
C GLY A 476 -43.01 23.15 24.54
N GLU A 477 -42.63 22.23 25.43
CA GLU A 477 -42.31 22.59 26.81
C GLU A 477 -41.04 21.87 27.23
N GLY A 478 -39.96 22.65 27.40
CA GLY A 478 -38.68 22.13 27.84
C GLY A 478 -38.40 22.46 29.29
N ILE A 479 -38.14 21.43 30.10
CA ILE A 479 -37.93 21.54 31.54
C ILE A 479 -36.54 20.99 31.81
N LEU A 480 -35.60 21.86 32.17
CA LEU A 480 -34.25 21.45 32.51
C LEU A 480 -34.10 21.50 34.03
N ILE A 481 -33.64 20.40 34.62
CA ILE A 481 -33.46 20.29 36.07
C ILE A 481 -31.97 20.19 36.34
N THR A 482 -31.41 21.17 37.03
CA THR A 482 -29.98 21.24 37.30
C THR A 482 -29.77 21.77 38.71
N SER A 483 -28.52 21.98 39.08
CA SER A 483 -28.22 22.60 40.36
C SER A 483 -28.21 24.12 40.20
N HIS A 484 -28.54 24.81 41.30
CA HIS A 484 -28.88 26.23 41.21
C HIS A 484 -27.74 27.04 40.62
N GLY A 485 -26.51 26.77 41.04
CA GLY A 485 -25.37 27.54 40.59
C GLY A 485 -25.05 27.44 39.12
N GLU A 486 -25.76 26.57 38.37
CA GLU A 486 -25.59 26.42 36.93
C GLU A 486 -26.66 27.13 36.12
N LEU A 487 -27.69 27.66 36.79
CA LEU A 487 -28.79 28.30 36.10
C LEU A 487 -28.31 29.28 35.02
N GLN A 488 -27.46 30.25 35.40
CA GLN A 488 -27.00 31.22 34.42
C GLN A 488 -26.46 30.53 33.17
N TYR A 489 -25.58 29.54 33.38
CA TYR A 489 -25.04 28.80 32.25
C TYR A 489 -26.16 28.36 31.30
N TYR A 490 -27.11 27.56 31.80
CA TYR A 490 -28.06 26.98 30.85
C TYR A 490 -28.94 28.07 30.27
N LEU A 491 -29.25 29.10 31.07
CA LEU A 491 -30.02 30.21 30.54
C LEU A 491 -29.31 30.85 29.37
N SER A 492 -28.02 31.14 29.56
CA SER A 492 -27.21 31.69 28.48
C SER A 492 -27.27 30.79 27.25
N LEU A 493 -27.03 29.49 27.46
CA LEU A 493 -26.95 28.58 26.34
C LEU A 493 -28.23 28.59 25.55
N LEU A 494 -29.37 28.68 26.22
CA LEU A 494 -30.61 28.46 25.50
C LEU A 494 -31.26 29.77 25.10
N ASN A 495 -30.57 30.89 25.32
CA ASN A 495 -31.16 32.18 24.95
C ASN A 495 -30.11 33.07 24.31
N GLN A 496 -29.32 32.47 23.43
CA GLN A 496 -28.46 33.15 22.46
C GLN A 496 -27.29 33.87 23.13
N GLN A 497 -26.83 33.42 24.29
CA GLN A 497 -25.97 34.32 25.04
C GLN A 497 -24.72 33.67 25.63
N LEU A 498 -24.43 32.39 25.33
CA LEU A 498 -23.22 31.70 25.75
C LEU A 498 -22.15 31.75 24.65
N PRO A 499 -21.18 32.67 24.71
CA PRO A 499 -20.31 32.90 23.54
C PRO A 499 -19.49 31.68 23.17
N ILE A 500 -19.25 31.51 21.87
CA ILE A 500 -18.45 30.39 21.39
C ILE A 500 -16.99 30.76 21.47
N GLU A 501 -16.24 30.06 22.32
CA GLU A 501 -14.83 30.31 22.46
C GLU A 501 -14.01 29.20 21.83
N SER A 502 -12.70 29.44 21.73
CA SER A 502 -11.71 28.49 21.22
C SER A 502 -11.07 27.70 22.36
N GLN A 503 -11.11 26.37 22.25
CA GLN A 503 -10.37 25.51 23.16
C GLN A 503 -9.00 25.10 22.61
N MET A 504 -8.49 25.78 21.59
CA MET A 504 -7.32 25.29 20.87
C MET A 504 -6.11 25.07 21.78
N VAL A 505 -5.88 25.97 22.75
CA VAL A 505 -4.64 25.85 23.53
C VAL A 505 -4.53 24.45 24.14
N SER A 506 -5.66 23.89 24.58
CA SER A 506 -5.73 22.56 25.19
C SER A 506 -5.18 21.43 24.30
N LYS A 507 -5.10 21.63 22.98
CA LYS A 507 -4.53 20.59 22.13
C LYS A 507 -3.42 21.12 21.24
N LEU A 508 -2.81 22.25 21.59
CA LEU A 508 -1.89 22.86 20.63
C LEU A 508 -0.71 21.98 20.26
N PRO A 509 0.08 21.41 21.19
CA PRO A 509 1.19 20.52 20.75
C PRO A 509 0.72 19.41 19.81
N ASP A 510 -0.36 18.68 20.17
CA ASP A 510 -0.83 17.59 19.32
C ASP A 510 -1.23 18.08 17.92
N MET A 511 -2.05 19.12 17.87
CA MET A 511 -2.46 19.67 16.58
C MET A 511 -1.26 20.20 15.79
N LEU A 512 -0.21 20.68 16.49
CA LEU A 512 0.94 21.18 15.76
C LEU A 512 1.73 20.03 15.16
N ASN A 513 1.86 18.93 15.92
CA ASN A 513 2.64 17.81 15.43
C ASN A 513 2.05 17.27 14.14
N ALA A 514 0.71 17.20 14.06
CA ALA A 514 0.08 16.71 12.83
C ALA A 514 0.48 17.55 11.63
N GLU A 515 0.55 18.87 11.78
CA GLU A 515 0.92 19.69 10.62
C GLU A 515 2.40 19.51 10.31
N ILE A 516 3.21 19.21 11.32
CA ILE A 516 4.61 18.94 11.05
C ILE A 516 4.72 17.60 10.34
N VAL A 517 3.87 16.66 10.71
CA VAL A 517 4.00 15.35 10.10
C VAL A 517 3.57 15.40 8.64
N LEU A 518 2.60 16.27 8.31
CA LEU A 518 2.11 16.40 6.94
C LEU A 518 3.04 17.21 6.06
N GLY A 519 4.11 17.78 6.62
CA GLY A 519 4.92 18.74 5.90
C GLY A 519 4.26 20.08 5.63
N ASN A 520 3.05 20.32 6.14
CA ASN A 520 2.46 21.64 6.04
C ASN A 520 3.17 22.67 6.91
N VAL A 521 3.89 22.26 7.95
CA VAL A 521 4.58 23.19 8.82
C VAL A 521 5.99 22.65 9.04
N GLN A 522 6.97 23.31 8.42
CA GLN A 522 8.37 22.90 8.46
C GLN A 522 9.20 23.73 9.43
N ASN A 523 8.64 24.77 10.04
CA ASN A 523 9.39 25.66 10.91
C ASN A 523 8.43 26.55 11.67
N ALA A 524 8.96 27.27 12.67
CA ALA A 524 8.13 28.12 13.53
C ALA A 524 7.37 29.20 12.77
N LYS A 525 7.95 29.76 11.70
CA LYS A 525 7.24 30.76 10.90
C LYS A 525 6.00 30.17 10.24
N ASP A 526 6.15 29.01 9.58
CA ASP A 526 5.00 28.24 9.10
C ASP A 526 3.97 28.00 10.20
N ALA A 527 4.41 27.68 11.41
CA ALA A 527 3.44 27.39 12.47
C ALA A 527 2.67 28.64 12.88
N VAL A 528 3.36 29.78 12.94
CA VAL A 528 2.69 31.07 13.19
C VAL A 528 1.64 31.34 12.12
N ASN A 529 2.02 31.16 10.85
CA ASN A 529 1.06 31.33 9.76
C ASN A 529 -0.10 30.37 9.89
N TRP A 530 0.19 29.13 10.24
CA TRP A 530 -0.86 28.13 10.36
C TRP A 530 -1.84 28.50 11.46
N LEU A 531 -1.30 28.93 12.60
CA LEU A 531 -2.13 29.30 13.74
C LEU A 531 -2.98 30.51 13.40
N GLY A 532 -2.53 31.33 12.44
CA GLY A 532 -3.36 32.45 11.96
C GLY A 532 -4.67 32.03 11.30
N TYR A 533 -4.85 30.75 11.00
CA TYR A 533 -6.10 30.21 10.45
C TYR A 533 -6.95 29.59 11.53
N ALA A 534 -6.40 29.45 12.74
CA ALA A 534 -7.13 28.89 13.86
C ALA A 534 -8.22 29.85 14.30
N TYR A 535 -9.28 29.28 14.86
CA TYR A 535 -10.31 30.13 15.44
C TYR A 535 -9.77 30.79 16.72
N LEU A 536 -8.85 30.10 17.40
CA LEU A 536 -8.09 30.71 18.49
C LEU A 536 -7.59 32.08 18.09
N TYR A 537 -7.05 32.21 16.86
CA TYR A 537 -6.39 33.45 16.49
C TYR A 537 -7.38 34.60 16.44
N ILE A 538 -8.53 34.37 15.77
CA ILE A 538 -9.57 35.39 15.66
C ILE A 538 -10.08 35.79 17.04
N ARG A 539 -10.30 34.80 17.91
CA ARG A 539 -10.78 35.11 19.27
C ARG A 539 -9.73 35.89 20.08
N MET A 540 -8.44 35.56 19.92
CA MET A 540 -7.37 36.28 20.57
C MET A 540 -7.34 37.74 20.13
N LEU A 541 -7.54 37.99 18.83
CA LEU A 541 -7.56 39.36 18.33
C LEU A 541 -8.78 40.13 18.87
N ARG A 542 -9.95 39.48 18.90
CA ARG A 542 -11.18 40.20 19.22
C ARG A 542 -11.43 40.30 20.72
N SER A 543 -10.88 39.38 21.53
CA SER A 543 -11.06 39.39 22.99
C SER A 543 -9.75 38.96 23.66
N PRO A 544 -8.70 39.79 23.58
CA PRO A 544 -7.38 39.31 24.02
C PRO A 544 -7.31 38.94 25.50
N THR A 545 -7.99 39.69 26.36
CA THR A 545 -7.83 39.44 27.80
C THR A 545 -8.48 38.13 28.21
N LEU A 546 -9.44 37.64 27.42
CA LEU A 546 -9.96 36.29 27.63
C LEU A 546 -8.87 35.23 27.48
N TYR A 547 -7.86 35.48 26.64
CA TYR A 547 -6.83 34.50 26.32
C TYR A 547 -5.46 34.86 26.91
N GLY A 548 -5.43 35.65 27.99
CA GLY A 548 -4.20 35.96 28.70
C GLY A 548 -3.36 37.06 28.09
N ILE A 549 -3.93 37.91 27.24
CA ILE A 549 -3.22 38.98 26.56
C ILE A 549 -3.72 40.32 27.10
N SER A 550 -2.84 41.08 27.72
CA SER A 550 -3.27 42.41 28.18
C SER A 550 -3.51 43.32 26.98
N HIS A 551 -4.32 44.38 27.20
CA HIS A 551 -4.65 45.30 26.12
C HIS A 551 -3.42 46.09 25.67
N ASP A 552 -2.51 46.36 26.60
CA ASP A 552 -1.23 46.94 26.21
C ASP A 552 -0.43 45.94 25.36
N ASP A 553 -0.44 44.65 25.74
CA ASP A 553 0.20 43.62 24.92
C ASP A 553 -0.28 43.65 23.48
N LEU A 554 -1.60 43.75 23.29
CA LEU A 554 -2.16 43.78 21.94
C LEU A 554 -1.72 45.03 21.19
N LYS A 555 -1.89 46.21 21.81
CA LYS A 555 -1.51 47.43 21.09
C LYS A 555 -0.02 47.43 20.70
N GLY A 556 0.83 46.73 21.45
CA GLY A 556 2.23 46.58 21.11
C GLY A 556 2.54 45.43 20.16
N ASP A 557 1.54 44.63 19.82
CA ASP A 557 1.70 43.49 18.92
C ASP A 557 0.37 43.29 18.20
N PRO A 558 0.03 44.19 17.26
CA PRO A 558 -1.34 44.23 16.77
C PRO A 558 -1.76 43.00 15.98
N LEU A 559 -0.83 42.36 15.29
CA LEU A 559 -1.16 41.12 14.60
C LEU A 559 -0.94 39.89 15.48
N LEU A 560 -0.47 40.08 16.73
CA LEU A 560 -0.11 38.98 17.64
C LEU A 560 0.90 38.03 17.00
N ASP A 561 1.90 38.61 16.31
CA ASP A 561 3.02 37.84 15.81
C ASP A 561 3.82 37.24 16.95
N GLN A 562 4.23 38.08 17.90
CA GLN A 562 5.08 37.59 18.98
C GLN A 562 4.32 36.61 19.87
N ARG A 563 3.05 36.87 20.14
CA ARG A 563 2.24 35.94 20.93
C ARG A 563 2.18 34.56 20.26
N ARG A 564 1.98 34.53 18.94
CA ARG A 564 1.84 33.24 18.26
C ARG A 564 3.18 32.54 18.18
N LEU A 565 4.24 33.28 17.93
CA LEU A 565 5.58 32.73 17.98
C LEU A 565 5.87 32.11 19.35
N ASP A 566 5.49 32.78 20.44
CA ASP A 566 5.69 32.22 21.77
C ASP A 566 4.89 30.93 21.98
N LEU A 567 3.60 30.92 21.58
CA LEU A 567 2.79 29.70 21.74
C LEU A 567 3.37 28.55 20.92
N VAL A 568 3.87 28.87 19.73
CA VAL A 568 4.46 27.86 18.86
C VAL A 568 5.77 27.37 19.43
N HIS A 569 6.57 28.28 19.98
CA HIS A 569 7.83 27.92 20.65
C HIS A 569 7.56 26.96 21.81
N THR A 570 6.58 27.27 22.64
CA THR A 570 6.26 26.41 23.78
C THR A 570 5.80 25.03 23.29
N ALA A 571 4.90 25.00 22.30
CA ALA A 571 4.44 23.70 21.82
C ALA A 571 5.59 22.90 21.21
N ALA A 572 6.41 23.56 20.40
CA ALA A 572 7.58 22.92 19.79
C ALA A 572 8.50 22.30 20.84
N LEU A 573 8.79 23.04 21.92
CA LEU A 573 9.70 22.49 22.92
C LEU A 573 9.07 21.31 23.64
N MET A 574 7.75 21.34 23.87
CA MET A 574 7.10 20.15 24.42
C MET A 574 7.29 18.96 23.48
N LEU A 575 7.09 19.17 22.18
CA LEU A 575 7.16 18.05 21.25
C LEU A 575 8.58 17.56 21.10
N ASP A 576 9.53 18.45 21.33
CA ASP A 576 10.94 18.10 21.23
C ASP A 576 11.40 17.33 22.47
N LYS A 577 10.98 17.78 23.66
CA LYS A 577 11.27 17.04 24.89
C LYS A 577 10.79 15.59 24.80
N ASN A 578 9.70 15.35 24.09
CA ASN A 578 9.10 14.03 24.03
C ASN A 578 9.54 13.24 22.79
N ASN A 579 10.48 13.80 22.00
CA ASN A 579 11.16 13.10 20.91
C ASN A 579 10.25 12.83 19.72
N LEU A 580 9.18 13.62 19.56
CA LEU A 580 8.35 13.60 18.34
C LEU A 580 8.88 14.51 17.25
N VAL A 581 9.54 15.61 17.62
CA VAL A 581 10.11 16.57 16.68
C VAL A 581 11.54 16.88 17.15
N LYS A 582 12.45 17.13 16.21
CA LYS A 582 13.69 17.82 16.52
C LYS A 582 13.51 19.30 16.17
N TYR A 583 13.62 20.15 17.19
CA TYR A 583 13.33 21.57 17.10
C TYR A 583 14.64 22.32 17.32
N ASP A 584 15.08 23.04 16.29
CA ASP A 584 16.25 23.92 16.40
C ASP A 584 15.80 25.31 16.81
N LYS A 585 16.08 25.68 18.06
CA LYS A 585 15.68 27.00 18.55
C LYS A 585 16.25 28.13 17.68
N LYS A 586 17.50 27.98 17.23
CA LYS A 586 18.14 29.06 16.48
C LYS A 586 17.43 29.32 15.16
N THR A 587 17.36 28.30 14.30
CA THR A 587 16.75 28.49 13.00
C THR A 587 15.22 28.52 13.06
N GLY A 588 14.63 27.91 14.08
CA GLY A 588 13.19 27.71 14.12
C GLY A 588 12.70 26.47 13.40
N ASN A 589 13.61 25.65 12.84
CA ASN A 589 13.23 24.52 12.01
C ASN A 589 12.66 23.36 12.83
N PHE A 590 11.84 22.57 12.16
CA PHE A 590 11.17 21.39 12.71
C PHE A 590 11.56 20.19 11.85
N GLN A 591 12.00 19.11 12.50
CA GLN A 591 12.36 17.87 11.81
C GLN A 591 11.40 16.77 12.28
N VAL A 592 10.71 16.14 11.32
CA VAL A 592 9.78 15.08 11.64
C VAL A 592 10.54 13.84 12.15
N THR A 593 9.81 12.98 12.86
CA THR A 593 10.31 11.69 13.31
C THR A 593 9.26 10.64 13.09
N GLU A 594 9.72 9.38 13.05
CA GLU A 594 8.83 8.22 13.05
C GLU A 594 7.89 8.23 14.25
N LEU A 595 8.42 8.59 15.43
CA LEU A 595 7.60 8.67 16.63
C LEU A 595 6.50 9.71 16.49
N GLY A 596 6.86 10.90 15.99
CA GLY A 596 5.86 11.92 15.75
C GLY A 596 4.83 11.46 14.74
N ARG A 597 5.30 10.80 13.68
CA ARG A 597 4.36 10.34 12.64
C ARG A 597 3.37 9.36 13.22
N ILE A 598 3.85 8.41 14.03
CA ILE A 598 2.96 7.43 14.64
C ILE A 598 1.96 8.11 15.56
N ALA A 599 2.42 9.08 16.37
CA ALA A 599 1.53 9.81 17.25
C ALA A 599 0.39 10.45 16.46
N SER A 600 0.74 11.10 15.35
CA SER A 600 -0.27 11.80 14.57
C SER A 600 -1.22 10.80 13.87
N HIS A 601 -0.66 9.79 13.21
CA HIS A 601 -1.44 8.85 12.39
C HIS A 601 -2.27 7.90 13.22
N TYR A 602 -1.86 7.60 14.45
CA TYR A 602 -2.66 6.80 15.36
C TYR A 602 -3.42 7.63 16.36
N TYR A 603 -3.41 8.97 16.22
CA TYR A 603 -4.26 9.84 17.02
C TYR A 603 -3.94 9.68 18.51
N ILE A 604 -2.64 9.68 18.81
CA ILE A 604 -2.09 9.43 20.15
C ILE A 604 -1.55 10.75 20.65
N THR A 605 -1.85 11.10 21.91
CA THR A 605 -1.29 12.32 22.46
C THR A 605 0.21 12.15 22.70
N ASN A 606 0.95 13.28 22.65
CA ASN A 606 2.41 13.21 22.52
C ASN A 606 3.10 12.64 23.77
N ASP A 607 2.55 12.87 24.97
CA ASP A 607 3.11 12.26 26.19
C ASP A 607 3.06 10.72 26.14
N THR A 608 2.04 10.16 25.48
CA THR A 608 1.93 8.71 25.40
C THR A 608 3.06 8.12 24.57
N VAL A 609 3.36 8.70 23.41
CA VAL A 609 4.42 8.09 22.63
C VAL A 609 5.76 8.35 23.28
N GLN A 610 5.88 9.41 24.07
CA GLN A 610 7.11 9.51 24.84
C GLN A 610 7.21 8.34 25.84
N THR A 611 6.12 7.99 26.51
CA THR A 611 6.15 6.84 27.43
C THR A 611 6.48 5.54 26.69
N TYR A 612 5.78 5.28 25.60
CA TYR A 612 6.08 4.10 24.79
C TYR A 612 7.54 4.08 24.37
N ASN A 613 8.08 5.22 23.92
CA ASN A 613 9.49 5.21 23.54
C ASN A 613 10.37 4.93 24.73
N GLN A 614 9.95 5.38 25.91
CA GLN A 614 10.84 5.25 27.06
C GLN A 614 10.84 3.85 27.63
N LEU A 615 9.71 3.15 27.55
CA LEU A 615 9.54 1.86 28.22
C LEU A 615 9.61 0.65 27.29
N LEU A 616 9.29 0.79 26.00
CA LEU A 616 9.36 -0.36 25.11
C LEU A 616 10.80 -0.84 24.93
N LYS A 617 10.98 -2.16 25.05
CA LYS A 617 12.23 -2.90 24.89
C LYS A 617 11.89 -4.22 24.22
N PRO A 618 12.80 -4.78 23.42
CA PRO A 618 12.50 -6.08 22.76
C PRO A 618 12.31 -7.22 23.77
N THR A 619 12.79 -7.09 25.00
CA THR A 619 12.66 -8.14 25.98
C THR A 619 11.34 -8.10 26.74
N LEU A 620 10.46 -7.16 26.39
CA LEU A 620 9.21 -6.96 27.13
C LEU A 620 8.31 -8.19 27.10
N SER A 621 7.81 -8.60 28.26
CA SER A 621 6.83 -9.68 28.33
C SER A 621 5.42 -9.09 28.39
N GLU A 622 4.42 -10.00 28.31
CA GLU A 622 3.04 -9.56 28.30
C GLU A 622 2.72 -8.77 29.56
N ILE A 623 3.44 -9.06 30.64
CA ILE A 623 3.25 -8.34 31.90
C ILE A 623 3.60 -6.87 31.71
N GLU A 624 4.84 -6.60 31.26
CA GLU A 624 5.23 -5.21 31.08
C GLU A 624 4.47 -4.59 29.92
N LEU A 625 4.05 -5.38 28.93
CA LEU A 625 3.28 -4.79 27.82
C LEU A 625 1.94 -4.26 28.30
N PHE A 626 1.21 -5.04 29.10
CA PHE A 626 -0.03 -4.52 29.70
C PHE A 626 0.26 -3.29 30.56
N ARG A 627 1.33 -3.34 31.36
CA ARG A 627 1.66 -2.18 32.20
C ARG A 627 1.99 -0.94 31.37
N VAL A 628 2.72 -1.13 30.26
CA VAL A 628 3.05 -0.01 29.39
C VAL A 628 1.79 0.59 28.80
N PHE A 629 0.85 -0.26 28.35
CA PHE A 629 -0.41 0.26 27.84
C PHE A 629 -1.15 1.06 28.91
N SER A 630 -1.23 0.50 30.11
CA SER A 630 -1.97 1.15 31.16
C SER A 630 -1.34 2.47 31.58
N LEU A 631 -0.10 2.76 31.19
CA LEU A 631 0.50 4.06 31.50
C LEU A 631 0.21 5.15 30.43
N SER A 632 -0.68 4.91 29.48
CA SER A 632 -0.90 5.90 28.42
C SER A 632 -1.55 7.15 29.00
N SER A 633 -1.22 8.29 28.40
CA SER A 633 -1.73 9.56 28.94
C SER A 633 -3.22 9.71 28.70
N GLU A 634 -3.79 9.00 27.71
CA GLU A 634 -5.24 9.02 27.53
C GLU A 634 -5.96 8.70 28.82
N PHE A 635 -5.29 7.99 29.72
CA PHE A 635 -5.86 7.49 30.96
C PHE A 635 -5.39 8.29 32.20
N LYS A 636 -4.76 9.46 32.02
CA LYS A 636 -4.04 10.11 33.12
C LYS A 636 -4.95 10.53 34.26
N ASN A 637 -6.24 10.78 34.00
CA ASN A 637 -7.15 11.25 35.04
C ASN A 637 -7.88 10.12 35.74
N ILE A 638 -7.71 8.87 35.30
CA ILE A 638 -8.35 7.73 35.96
C ILE A 638 -7.76 7.57 37.36
N THR A 639 -8.64 7.36 38.35
CA THR A 639 -8.22 7.11 39.72
C THR A 639 -8.91 5.86 40.27
N VAL A 640 -8.39 5.34 41.38
CA VAL A 640 -8.94 4.15 42.01
C VAL A 640 -9.77 4.62 43.20
N ARG A 641 -11.10 4.61 43.04
CA ARG A 641 -12.01 5.02 44.10
C ARG A 641 -12.13 3.92 45.14
N GLU A 642 -12.21 4.32 46.41
CA GLU A 642 -12.28 3.36 47.51
C GLU A 642 -13.38 2.34 47.25
N GLU A 643 -14.54 2.80 46.77
CA GLU A 643 -15.69 1.93 46.62
C GLU A 643 -15.53 0.88 45.51
N GLU A 644 -14.57 1.05 44.60
CA GLU A 644 -14.30 -0.03 43.63
C GLU A 644 -13.17 -0.95 44.09
N LYS A 645 -12.39 -0.55 45.11
CA LYS A 645 -11.23 -1.31 45.56
C LYS A 645 -11.55 -2.76 45.90
N LEU A 646 -12.79 -3.06 46.27
CA LEU A 646 -13.10 -4.45 46.58
C LEU A 646 -13.26 -5.26 45.31
N GLU A 647 -14.08 -4.77 44.38
CA GLU A 647 -14.34 -5.53 43.17
C GLU A 647 -13.10 -5.65 42.30
N LEU A 648 -12.18 -4.69 42.45
CA LEU A 648 -10.89 -4.76 41.77
C LEU A 648 -9.96 -5.77 42.43
N GLN A 649 -9.97 -5.89 43.76
CA GLN A 649 -9.13 -6.90 44.40
C GLN A 649 -9.50 -8.29 43.88
N LYS A 650 -10.81 -8.59 43.89
CA LYS A 650 -11.34 -9.83 43.34
C LYS A 650 -10.78 -10.10 41.95
N LEU A 651 -10.63 -9.06 41.15
CA LEU A 651 -10.17 -9.26 39.78
C LEU A 651 -8.66 -9.29 39.66
N LEU A 652 -7.97 -8.59 40.56
CA LEU A 652 -6.52 -8.48 40.48
C LEU A 652 -5.83 -9.81 40.76
N GLU A 653 -6.37 -10.60 41.70
CA GLU A 653 -5.75 -11.85 42.10
C GLU A 653 -6.27 -13.06 41.32
N ARG A 654 -6.89 -12.82 40.17
CA ARG A 654 -7.22 -13.93 39.28
C ARG A 654 -6.91 -13.66 37.81
N VAL A 655 -6.67 -12.41 37.39
CA VAL A 655 -6.32 -12.05 36.00
C VAL A 655 -5.21 -12.95 35.46
N PRO A 656 -5.29 -13.40 34.20
CA PRO A 656 -4.26 -14.33 33.70
C PRO A 656 -2.90 -13.69 33.48
N ILE A 657 -2.80 -12.37 33.32
CA ILE A 657 -1.52 -11.67 33.22
C ILE A 657 -1.22 -11.04 34.59
N PRO A 658 -0.18 -11.47 35.29
CA PRO A 658 0.14 -10.85 36.59
C PRO A 658 0.35 -9.35 36.48
N VAL A 659 -0.07 -8.65 37.53
CA VAL A 659 0.02 -7.20 37.65
C VAL A 659 0.99 -6.89 38.78
N LYS A 660 2.13 -6.29 38.44
CA LYS A 660 3.19 -6.06 39.42
C LYS A 660 2.77 -5.08 40.51
N GLU A 661 2.12 -3.97 40.15
CA GLU A 661 1.96 -2.87 41.09
C GLU A 661 0.65 -2.97 41.87
N SER A 662 0.56 -2.15 42.92
CA SER A 662 -0.50 -2.26 43.91
C SER A 662 -1.85 -1.76 43.37
N ILE A 663 -2.92 -2.25 43.99
CA ILE A 663 -4.28 -1.80 43.68
C ILE A 663 -4.46 -0.31 43.96
N GLU A 664 -3.55 0.29 44.72
CA GLU A 664 -3.60 1.73 44.96
C GLU A 664 -3.27 2.55 43.71
N GLU A 665 -2.72 1.91 42.62
CA GLU A 665 -2.23 2.65 41.44
C GLU A 665 -3.26 2.64 40.32
N PRO A 666 -3.62 3.80 39.77
CA PRO A 666 -4.44 3.82 38.56
C PRO A 666 -4.00 2.85 37.46
N SER A 667 -2.69 2.66 37.25
CA SER A 667 -2.24 1.79 36.17
C SER A 667 -2.71 0.34 36.39
N ALA A 668 -2.85 -0.07 37.66
CA ALA A 668 -3.29 -1.45 37.89
C ALA A 668 -4.79 -1.63 37.67
N LYS A 669 -5.60 -0.59 37.96
CA LYS A 669 -7.02 -0.64 37.60
C LYS A 669 -7.22 -0.66 36.11
N ILE A 670 -6.46 0.18 35.37
CA ILE A 670 -6.53 0.21 33.92
C ILE A 670 -6.15 -1.14 33.32
N ASN A 671 -5.07 -1.74 33.85
CA ASN A 671 -4.59 -3.04 33.38
C ASN A 671 -5.64 -4.12 33.59
N VAL A 672 -6.16 -4.21 34.83
CA VAL A 672 -7.20 -5.18 35.15
C VAL A 672 -8.43 -4.98 34.27
N LEU A 673 -8.83 -3.72 34.03
CA LEU A 673 -10.01 -3.44 33.20
C LEU A 673 -9.87 -3.99 31.79
N LEU A 674 -8.71 -3.76 31.15
CA LEU A 674 -8.47 -4.38 29.85
C LEU A 674 -8.54 -5.90 29.93
N GLN A 675 -7.92 -6.47 30.97
CA GLN A 675 -7.90 -7.93 31.07
C GLN A 675 -9.29 -8.52 31.24
N ALA A 676 -10.14 -7.81 32.00
CA ALA A 676 -11.55 -8.19 32.18
C ALA A 676 -12.35 -8.03 30.89
N PHE A 677 -12.00 -7.03 30.09
CA PHE A 677 -12.73 -6.82 28.85
C PHE A 677 -12.45 -7.92 27.86
N ILE A 678 -11.18 -8.33 27.74
CA ILE A 678 -10.83 -9.45 26.88
C ILE A 678 -11.53 -10.73 27.36
N SER A 679 -11.53 -10.98 28.67
CA SER A 679 -12.25 -12.12 29.20
C SER A 679 -13.76 -11.96 29.16
N GLN A 680 -14.29 -10.81 28.75
CA GLN A 680 -15.74 -10.55 28.69
C GLN A 680 -16.40 -10.71 30.06
N LEU A 681 -15.82 -10.07 31.06
CA LEU A 681 -16.37 -10.17 32.41
C LEU A 681 -17.42 -9.09 32.64
N LYS A 682 -18.37 -9.39 33.53
CA LYS A 682 -19.40 -8.46 33.94
C LYS A 682 -18.98 -7.82 35.27
N LEU A 683 -18.76 -6.50 35.25
CA LEU A 683 -18.37 -5.74 36.43
C LEU A 683 -19.60 -5.11 37.05
N GLU A 684 -19.52 -4.82 38.35
CA GLU A 684 -20.68 -4.33 39.05
C GLU A 684 -20.64 -2.82 39.33
N GLY A 685 -19.50 -2.27 39.76
CA GLY A 685 -19.41 -0.82 39.92
C GLY A 685 -19.73 -0.11 38.61
N PHE A 686 -20.46 1.02 38.72
CA PHE A 686 -20.83 1.80 37.55
C PHE A 686 -19.67 2.66 37.04
N ALA A 687 -18.91 3.25 37.98
CA ALA A 687 -17.65 3.89 37.62
C ALA A 687 -16.71 2.91 36.93
N LEU A 688 -16.61 1.69 37.47
CA LEU A 688 -15.74 0.69 36.88
C LEU A 688 -16.19 0.33 35.46
N MET A 689 -17.49 0.20 35.24
CA MET A 689 -17.96 -0.17 33.91
C MET A 689 -17.73 0.94 32.89
N ALA A 690 -17.99 2.20 33.28
CA ALA A 690 -17.76 3.30 32.35
C ALA A 690 -16.27 3.47 32.06
N ASP A 691 -15.43 3.33 33.10
CA ASP A 691 -13.99 3.39 32.91
C ASP A 691 -13.50 2.28 31.98
N MET A 692 -14.02 1.07 32.15
CA MET A 692 -13.63 -0.02 31.26
C MET A 692 -13.98 0.31 29.83
N VAL A 693 -15.18 0.86 29.60
CA VAL A 693 -15.55 1.23 28.23
C VAL A 693 -14.54 2.22 27.66
N TYR A 694 -14.21 3.26 28.43
CA TYR A 694 -13.29 4.28 27.93
C TYR A 694 -11.91 3.69 27.64
N VAL A 695 -11.43 2.79 28.51
CA VAL A 695 -10.10 2.21 28.34
C VAL A 695 -10.05 1.33 27.09
N THR A 696 -10.98 0.40 26.98
CA THR A 696 -10.98 -0.56 25.90
C THR A 696 -11.33 0.08 24.56
N GLN A 697 -12.08 1.19 24.57
CA GLN A 697 -12.43 1.78 23.28
C GLN A 697 -11.23 2.38 22.55
N SER A 698 -10.16 2.71 23.26
CA SER A 698 -8.94 3.24 22.68
C SER A 698 -7.79 2.22 22.72
N ALA A 699 -7.95 1.12 23.48
CA ALA A 699 -6.97 0.05 23.45
C ALA A 699 -6.57 -0.30 22.02
N GLY A 700 -7.53 -0.49 21.14
CA GLY A 700 -7.22 -0.97 19.80
C GLY A 700 -6.19 -0.16 19.04
N ARG A 701 -6.44 1.15 18.86
CA ARG A 701 -5.48 1.91 18.10
C ARG A 701 -4.21 2.19 18.89
N LEU A 702 -4.29 2.33 20.22
CA LEU A 702 -3.04 2.48 20.99
C LEU A 702 -2.13 1.26 20.80
N MET A 703 -2.72 0.07 20.91
CA MET A 703 -1.94 -1.15 20.74
C MET A 703 -1.45 -1.32 19.31
N ARG A 704 -2.19 -0.81 18.33
CA ARG A 704 -1.76 -0.91 16.94
C ARG A 704 -0.60 0.03 16.67
N ALA A 705 -0.55 1.16 17.37
CA ALA A 705 0.64 2.01 17.34
C ALA A 705 1.85 1.29 17.94
N ILE A 706 1.66 0.63 19.09
CA ILE A 706 2.77 -0.14 19.64
C ILE A 706 3.24 -1.18 18.63
N PHE A 707 2.29 -1.93 18.06
CA PHE A 707 2.61 -2.94 17.08
C PHE A 707 3.47 -2.37 15.97
N GLU A 708 3.09 -1.19 15.47
CA GLU A 708 3.84 -0.64 14.34
C GLU A 708 5.24 -0.21 14.76
N ILE A 709 5.38 0.43 15.94
CA ILE A 709 6.70 0.80 16.44
C ILE A 709 7.63 -0.42 16.48
N VAL A 710 7.19 -1.50 17.14
CA VAL A 710 8.10 -2.63 17.37
C VAL A 710 8.31 -3.43 16.10
N LEU A 711 7.31 -3.50 15.21
CA LEU A 711 7.50 -4.19 13.95
C LEU A 711 8.56 -3.47 13.12
N ASN A 712 8.45 -2.14 13.01
CA ASN A 712 9.42 -1.45 12.18
C ASN A 712 10.82 -1.51 12.82
N ARG A 713 10.89 -1.63 14.15
CA ARG A 713 12.21 -1.78 14.77
C ARG A 713 12.78 -3.20 14.65
N GLY A 714 12.00 -4.19 14.20
CA GLY A 714 12.51 -5.53 13.93
C GLY A 714 12.47 -6.48 15.11
N TRP A 715 11.70 -6.17 16.16
CA TRP A 715 11.73 -6.87 17.45
C TRP A 715 10.72 -8.00 17.39
N ALA A 716 11.20 -9.24 17.13
CA ALA A 716 10.30 -10.30 16.68
C ALA A 716 9.39 -10.80 17.81
N GLN A 717 9.96 -11.05 19.00
CA GLN A 717 9.15 -11.50 20.14
C GLN A 717 8.02 -10.50 20.46
N LEU A 718 8.37 -9.20 20.52
CA LEU A 718 7.37 -8.23 20.93
C LEU A 718 6.39 -7.95 19.81
N THR A 719 6.84 -8.02 18.56
CA THR A 719 5.91 -7.89 17.46
C THR A 719 4.85 -8.97 17.53
N ASP A 720 5.27 -10.19 17.83
CA ASP A 720 4.30 -11.27 17.93
C ASP A 720 3.33 -11.01 19.08
N LYS A 721 3.86 -10.71 20.28
CA LYS A 721 2.98 -10.42 21.43
C LYS A 721 2.01 -9.25 21.16
N THR A 722 2.47 -8.15 20.52
CA THR A 722 1.55 -7.01 20.39
C THR A 722 0.54 -7.22 19.27
N LEU A 723 0.94 -7.80 18.14
CA LEU A 723 -0.10 -8.12 17.15
C LEU A 723 -1.15 -9.02 17.79
N ASN A 724 -0.68 -9.95 18.61
CA ASN A 724 -1.57 -10.85 19.31
C ASN A 724 -2.54 -10.09 20.20
N LEU A 725 -2.02 -9.16 21.01
CA LEU A 725 -2.89 -8.42 21.92
C LEU A 725 -3.89 -7.57 21.16
N CYS A 726 -3.50 -6.99 20.01
CA CYS A 726 -4.47 -6.31 19.14
C CYS A 726 -5.62 -7.24 18.79
N LYS A 727 -5.28 -8.47 18.39
CA LYS A 727 -6.35 -9.37 17.97
C LYS A 727 -7.18 -9.84 19.16
N MET A 728 -6.58 -9.97 20.34
CA MET A 728 -7.38 -10.31 21.53
C MET A 728 -8.31 -9.16 21.90
N ILE A 729 -7.84 -7.93 21.79
CA ILE A 729 -8.69 -6.76 22.04
C ILE A 729 -9.85 -6.71 21.05
N ASP A 730 -9.57 -6.90 19.76
CA ASP A 730 -10.64 -6.81 18.75
C ASP A 730 -11.62 -8.00 18.81
N LYS A 731 -11.14 -9.22 19.06
CA LYS A 731 -12.00 -10.41 19.07
C LYS A 731 -12.61 -10.71 20.43
N ARG A 732 -12.10 -10.06 21.49
CA ARG A 732 -12.54 -10.23 22.89
C ARG A 732 -12.42 -11.68 23.36
N MET A 733 -11.22 -12.23 23.18
CA MET A 733 -10.91 -13.57 23.65
C MET A 733 -9.39 -13.75 23.60
N TRP A 734 -8.91 -14.70 24.38
CA TRP A 734 -7.49 -15.04 24.38
C TRP A 734 -7.26 -16.16 23.38
N GLN A 735 -6.01 -16.28 22.93
CA GLN A 735 -5.69 -17.31 21.95
C GLN A 735 -5.88 -18.70 22.54
N SER A 736 -5.78 -18.81 23.88
CA SER A 736 -6.10 -20.06 24.54
C SER A 736 -7.46 -20.60 24.13
N MET A 737 -8.40 -19.72 23.79
CA MET A 737 -9.72 -20.15 23.34
C MET A 737 -9.68 -20.79 21.96
N CYS A 738 -10.62 -21.70 21.72
CA CYS A 738 -10.80 -22.31 20.41
C CYS A 738 -10.93 -21.22 19.35
N PRO A 739 -10.06 -21.19 18.33
CA PRO A 739 -10.24 -20.24 17.23
C PRO A 739 -11.65 -20.29 16.62
N LEU A 740 -12.33 -21.42 16.75
CA LEU A 740 -13.64 -21.61 16.14
C LEU A 740 -14.71 -20.67 16.67
N ARG A 741 -14.50 -20.07 17.85
CA ARG A 741 -15.49 -19.10 18.29
C ARG A 741 -15.41 -17.78 17.54
N GLN A 742 -14.41 -17.59 16.68
CA GLN A 742 -14.42 -16.41 15.84
C GLN A 742 -15.44 -16.52 14.72
N PHE A 743 -16.12 -17.65 14.60
CA PHE A 743 -17.32 -17.76 13.77
C PHE A 743 -18.50 -17.52 14.70
N ARG A 744 -18.96 -16.27 14.75
CA ARG A 744 -20.10 -15.91 15.59
C ARG A 744 -21.29 -16.86 15.37
N LYS A 745 -21.47 -17.32 14.12
CA LYS A 745 -22.56 -18.20 13.74
C LYS A 745 -22.49 -19.57 14.42
N LEU A 746 -21.36 -19.94 15.04
CA LEU A 746 -21.30 -21.19 15.77
C LEU A 746 -21.90 -21.04 17.17
N PRO A 747 -22.50 -22.10 17.71
CA PRO A 747 -23.10 -22.04 19.06
C PRO A 747 -22.05 -22.18 20.15
N GLU A 748 -22.12 -21.28 21.14
CA GLU A 748 -21.19 -21.30 22.26
C GLU A 748 -21.11 -22.69 22.91
N GLU A 749 -22.23 -23.41 22.93
CA GLU A 749 -22.28 -24.70 23.62
C GLU A 749 -21.27 -25.67 23.05
N VAL A 750 -21.28 -25.84 21.72
CA VAL A 750 -20.45 -26.86 21.09
C VAL A 750 -18.98 -26.43 21.09
N VAL A 751 -18.71 -25.13 20.95
CA VAL A 751 -17.32 -24.69 21.00
C VAL A 751 -16.77 -24.89 22.41
N LYS A 752 -17.60 -24.73 23.44
CA LYS A 752 -17.12 -25.03 24.79
C LYS A 752 -16.96 -26.54 25.00
N LYS A 753 -17.81 -27.37 24.38
CA LYS A 753 -17.57 -28.81 24.41
C LYS A 753 -16.20 -29.13 23.81
N ILE A 754 -15.88 -28.49 22.69
CA ILE A 754 -14.61 -28.72 21.99
C ILE A 754 -13.43 -28.28 22.84
N GLU A 755 -13.52 -27.08 23.45
CA GLU A 755 -12.47 -26.62 24.34
C GLU A 755 -12.29 -27.56 25.53
N LYS A 756 -13.40 -28.10 26.04
CA LYS A 756 -13.34 -29.06 27.13
C LYS A 756 -12.66 -30.36 26.71
N LYS A 757 -12.84 -30.77 25.44
CA LYS A 757 -12.25 -32.04 24.99
C LYS A 757 -10.73 -31.98 24.89
N ASN A 758 -10.13 -30.78 24.85
CA ASN A 758 -8.68 -30.59 25.00
C ASN A 758 -7.88 -31.46 24.02
N PHE A 759 -8.11 -31.25 22.74
CA PHE A 759 -7.23 -31.74 21.70
C PHE A 759 -6.71 -30.56 20.90
N PRO A 760 -5.56 -30.71 20.24
CA PRO A 760 -5.08 -29.64 19.36
C PRO A 760 -6.16 -29.26 18.33
N PHE A 761 -6.28 -27.96 18.06
CA PHE A 761 -7.23 -27.53 17.03
C PHE A 761 -6.90 -28.19 15.70
N GLU A 762 -5.62 -28.22 15.34
CA GLU A 762 -5.20 -28.79 14.07
C GLU A 762 -5.51 -30.29 13.97
N ARG A 763 -5.69 -30.95 15.11
CA ARG A 763 -6.18 -32.33 15.12
C ARG A 763 -7.43 -32.51 14.26
N LEU A 764 -8.20 -31.43 14.02
CA LEU A 764 -9.43 -31.50 13.25
C LEU A 764 -9.23 -31.56 11.74
N TYR A 765 -8.02 -31.28 11.24
CA TYR A 765 -7.82 -31.28 9.79
C TYR A 765 -7.76 -32.68 9.21
N ASP A 766 -7.56 -33.70 10.03
CA ASP A 766 -7.32 -35.06 9.59
C ASP A 766 -8.59 -35.92 9.61
N LEU A 767 -9.74 -35.31 9.80
CA LEU A 767 -10.97 -36.06 10.04
C LEU A 767 -11.98 -35.73 8.95
N ASN A 768 -12.67 -36.76 8.47
CA ASN A 768 -13.88 -36.52 7.71
C ASN A 768 -14.96 -36.00 8.66
N HIS A 769 -16.05 -35.50 8.08
CA HIS A 769 -17.09 -34.89 8.90
C HIS A 769 -17.65 -35.83 9.96
N ASN A 770 -17.41 -37.14 9.86
CA ASN A 770 -17.90 -38.11 10.82
C ASN A 770 -16.97 -38.30 12.03
N GLU A 771 -15.67 -38.43 11.80
CA GLU A 771 -14.72 -38.53 12.91
C GLU A 771 -14.69 -37.25 13.73
N ILE A 772 -15.10 -36.13 13.14
CA ILE A 772 -15.17 -34.89 13.89
C ILE A 772 -16.31 -34.95 14.89
N GLY A 773 -17.51 -35.35 14.44
CA GLY A 773 -18.60 -35.57 15.38
C GLY A 773 -18.26 -36.60 16.43
N GLU A 774 -17.52 -37.64 16.06
CA GLU A 774 -17.21 -38.69 17.03
C GLU A 774 -16.18 -38.25 18.06
N LEU A 775 -15.21 -37.41 17.66
CA LEU A 775 -14.20 -36.96 18.62
C LEU A 775 -14.79 -36.05 19.68
N ILE A 776 -15.79 -35.24 19.31
CA ILE A 776 -16.31 -34.19 20.18
C ILE A 776 -17.44 -34.74 21.02
N ARG A 777 -17.62 -36.06 20.97
CA ARG A 777 -18.59 -36.83 21.75
C ARG A 777 -20.04 -36.45 21.44
N MET A 778 -20.28 -35.72 20.37
CA MET A 778 -21.64 -35.51 19.86
C MET A 778 -21.58 -35.45 18.33
N PRO A 779 -22.33 -36.31 17.64
CA PRO A 779 -22.10 -36.50 16.19
C PRO A 779 -22.95 -35.62 15.28
N LYS A 780 -24.06 -35.08 15.81
CA LYS A 780 -24.96 -34.26 14.98
C LYS A 780 -24.26 -33.10 14.30
N MET A 781 -23.07 -32.70 14.78
CA MET A 781 -22.42 -31.47 14.33
C MET A 781 -21.12 -31.74 13.58
N GLY A 782 -20.88 -32.98 13.14
CA GLY A 782 -19.64 -33.26 12.45
C GLY A 782 -19.51 -32.48 11.15
N LYS A 783 -20.61 -32.36 10.41
CA LYS A 783 -20.56 -31.72 9.10
C LYS A 783 -20.40 -30.20 9.22
N THR A 784 -21.16 -29.57 10.13
CA THR A 784 -21.04 -28.12 10.30
C THR A 784 -19.64 -27.75 10.82
N ILE A 785 -19.12 -28.54 11.76
CA ILE A 785 -17.76 -28.29 12.24
C ILE A 785 -16.75 -28.46 11.11
N HIS A 786 -16.92 -29.49 10.27
CA HIS A 786 -16.03 -29.71 9.12
C HIS A 786 -16.02 -28.50 8.19
N LYS A 787 -17.20 -27.98 7.88
CA LYS A 787 -17.30 -26.77 7.07
C LYS A 787 -16.51 -25.63 7.70
N TYR A 788 -16.77 -25.34 8.99
CA TYR A 788 -16.08 -24.23 9.63
C TYR A 788 -14.58 -24.47 9.78
N VAL A 789 -14.17 -25.72 9.99
CA VAL A 789 -12.74 -26.05 10.05
C VAL A 789 -12.05 -25.65 8.75
N HIS A 790 -12.68 -25.95 7.63
CA HIS A 790 -12.01 -25.62 6.38
C HIS A 790 -12.36 -24.21 5.88
N LEU A 791 -13.22 -23.48 6.60
CA LEU A 791 -13.39 -22.05 6.35
C LEU A 791 -12.30 -21.21 7.00
N PHE A 792 -11.67 -21.72 8.05
CA PHE A 792 -10.70 -20.96 8.82
C PHE A 792 -9.47 -20.67 7.95
N PRO A 793 -9.00 -19.42 7.89
CA PRO A 793 -7.90 -19.09 6.96
C PRO A 793 -6.64 -19.91 7.26
N LYS A 794 -5.99 -20.37 6.19
CA LYS A 794 -4.88 -21.32 6.29
C LYS A 794 -4.09 -21.29 4.99
N LEU A 795 -2.76 -21.20 5.12
CA LEU A 795 -1.85 -21.00 3.99
C LEU A 795 -0.75 -22.05 4.02
N GLU A 796 -0.44 -22.60 2.85
CA GLU A 796 0.73 -23.45 2.66
C GLU A 796 1.87 -22.57 2.11
N LEU A 797 3.11 -22.85 2.53
CA LEU A 797 4.26 -22.06 2.15
C LEU A 797 5.35 -22.98 1.60
N SER A 798 6.06 -22.51 0.58
CA SER A 798 7.26 -23.22 0.16
C SER A 798 8.27 -22.21 -0.36
N VAL A 799 9.56 -22.52 -0.28
CA VAL A 799 10.59 -21.55 -0.64
C VAL A 799 11.51 -22.13 -1.69
N HIS A 800 11.87 -21.28 -2.64
CA HIS A 800 13.01 -21.46 -3.50
C HIS A 800 14.06 -20.45 -3.04
N LEU A 801 15.13 -20.96 -2.46
CA LEU A 801 16.29 -20.16 -2.09
C LEU A 801 17.21 -19.89 -3.29
N GLN A 802 17.66 -18.64 -3.43
CA GLN A 802 18.37 -18.21 -4.63
C GLN A 802 19.56 -17.35 -4.23
N PRO A 803 20.72 -17.95 -4.02
CA PRO A 803 21.87 -17.17 -3.54
C PRO A 803 22.32 -16.17 -4.59
N ILE A 804 22.62 -14.96 -4.12
CA ILE A 804 23.22 -13.94 -4.96
C ILE A 804 24.72 -13.89 -4.74
N THR A 805 25.14 -13.78 -3.48
CA THR A 805 26.53 -13.83 -3.10
C THR A 805 26.66 -14.84 -1.95
N ARG A 806 27.81 -14.83 -1.29
CA ARG A 806 27.96 -15.60 -0.06
C ARG A 806 27.36 -14.86 1.12
N SER A 807 26.74 -13.70 0.90
CA SER A 807 26.19 -12.93 2.00
C SER A 807 24.82 -12.32 1.73
N THR A 808 24.27 -12.49 0.53
CA THR A 808 22.93 -12.00 0.20
C THR A 808 22.17 -13.10 -0.49
N LEU A 809 20.92 -13.32 -0.07
CA LEU A 809 20.13 -14.45 -0.50
C LEU A 809 18.76 -13.95 -0.96
N LYS A 810 18.40 -14.27 -2.21
CA LYS A 810 17.08 -13.97 -2.69
C LYS A 810 16.17 -15.13 -2.30
N VAL A 811 14.97 -14.80 -1.87
CA VAL A 811 14.02 -15.81 -1.44
C VAL A 811 12.75 -15.62 -2.23
N GLU A 812 12.27 -16.71 -2.84
CA GLU A 812 11.00 -16.71 -3.53
C GLU A 812 10.07 -17.62 -2.73
N LEU A 813 9.02 -17.02 -2.19
CA LEU A 813 8.08 -17.65 -1.27
C LEU A 813 6.78 -17.87 -2.02
N THR A 814 6.31 -19.11 -2.06
CA THR A 814 5.03 -19.43 -2.66
C THR A 814 4.01 -19.62 -1.54
N ILE A 815 2.96 -18.82 -1.60
CA ILE A 815 1.81 -18.90 -0.71
C ILE A 815 0.67 -19.55 -1.48
N THR A 816 0.26 -20.74 -1.04
CA THR A 816 -0.84 -21.49 -1.62
C THR A 816 -2.01 -21.48 -0.64
N PRO A 817 -3.13 -20.87 -0.95
CA PRO A 817 -4.24 -20.89 0.02
C PRO A 817 -4.75 -22.30 0.18
N ASP A 818 -5.06 -22.67 1.42
CA ASP A 818 -5.51 -24.02 1.75
C ASP A 818 -6.78 -23.97 2.56
N PHE A 819 -7.75 -23.19 2.10
CA PHE A 819 -9.03 -23.08 2.78
C PHE A 819 -10.08 -22.63 1.80
N GLN A 820 -11.32 -23.00 2.09
CA GLN A 820 -12.47 -22.59 1.31
C GLN A 820 -12.80 -21.14 1.57
N TRP A 821 -12.98 -20.37 0.51
CA TRP A 821 -13.39 -18.99 0.65
C TRP A 821 -14.91 -18.91 0.73
N ASP A 822 -15.39 -17.91 1.46
CA ASP A 822 -16.82 -17.71 1.67
C ASP A 822 -16.98 -16.25 2.10
N GLU A 823 -17.35 -15.40 1.14
CA GLU A 823 -17.37 -13.96 1.35
C GLU A 823 -18.26 -13.52 2.52
N LYS A 824 -19.10 -14.41 3.04
CA LYS A 824 -19.89 -14.08 4.22
C LYS A 824 -19.02 -14.04 5.47
N VAL A 825 -17.91 -14.76 5.47
CA VAL A 825 -17.03 -14.81 6.62
C VAL A 825 -15.67 -14.15 6.34
N HIS A 826 -15.20 -14.15 5.10
CA HIS A 826 -13.93 -13.55 4.73
C HIS A 826 -14.04 -12.16 4.13
N GLY A 827 -15.27 -11.70 3.87
CA GLY A 827 -15.42 -10.48 3.10
C GLY A 827 -14.85 -10.64 1.69
N SER A 828 -14.17 -9.60 1.22
CA SER A 828 -13.57 -9.57 -0.09
C SER A 828 -12.03 -9.65 -0.07
N SER A 829 -11.42 -9.69 1.11
CA SER A 829 -9.97 -9.80 1.23
C SER A 829 -9.62 -10.33 2.61
N GLU A 830 -8.40 -10.85 2.72
CA GLU A 830 -7.83 -11.28 4.00
C GLU A 830 -6.38 -10.80 4.02
N ALA A 831 -5.96 -10.22 5.14
CA ALA A 831 -4.65 -9.61 5.27
C ALA A 831 -3.76 -10.43 6.21
N PHE A 832 -2.45 -10.46 5.90
CA PHE A 832 -1.45 -11.18 6.67
C PHE A 832 -0.16 -10.35 6.69
N TRP A 833 0.71 -10.69 7.64
CA TRP A 833 2.09 -10.20 7.68
C TRP A 833 3.03 -11.37 7.36
N ILE A 834 3.97 -11.13 6.47
CA ILE A 834 5.08 -12.04 6.22
C ILE A 834 6.28 -11.51 6.97
N LEU A 835 6.76 -12.29 7.93
CA LEU A 835 7.89 -11.96 8.78
C LEU A 835 8.97 -13.00 8.54
N VAL A 836 10.17 -12.54 8.20
CA VAL A 836 11.34 -13.39 8.05
C VAL A 836 12.21 -13.10 9.26
N GLU A 837 12.46 -14.15 10.06
CA GLU A 837 13.05 -14.08 11.38
C GLU A 837 14.32 -14.93 11.44
N ASP A 838 15.30 -14.47 12.22
CA ASP A 838 16.63 -15.07 12.21
C ASP A 838 16.61 -16.40 12.99
N VAL A 839 17.80 -16.92 13.25
CA VAL A 839 17.95 -18.21 13.91
C VAL A 839 17.14 -18.25 15.19
N ASP A 840 17.26 -17.21 16.02
CA ASP A 840 16.79 -17.22 17.39
C ASP A 840 15.37 -16.67 17.55
N SER A 841 14.70 -16.33 16.44
CA SER A 841 13.39 -15.69 16.46
C SER A 841 13.41 -14.41 17.30
N GLU A 842 14.46 -13.62 17.11
CA GLU A 842 14.58 -12.38 17.85
C GLU A 842 14.67 -11.14 16.97
N VAL A 843 15.04 -11.27 15.69
CA VAL A 843 15.10 -10.15 14.76
C VAL A 843 14.25 -10.44 13.52
N ILE A 844 13.49 -9.45 13.09
CA ILE A 844 12.75 -9.51 11.85
C ILE A 844 13.71 -9.04 10.77
N LEU A 845 14.25 -10.00 10.01
CA LEU A 845 15.13 -9.65 8.90
C LEU A 845 14.35 -8.97 7.81
N HIS A 846 13.13 -9.42 7.58
CA HIS A 846 12.36 -8.76 6.53
C HIS A 846 10.89 -8.88 6.90
N HIS A 847 10.09 -7.88 6.55
CA HIS A 847 8.64 -8.04 6.73
C HIS A 847 7.90 -7.31 5.63
N GLU A 848 6.65 -7.71 5.43
CA GLU A 848 5.79 -7.02 4.49
C GLU A 848 4.35 -7.49 4.64
N TYR A 849 3.43 -6.65 4.17
CA TYR A 849 1.99 -6.87 4.20
C TYR A 849 1.57 -7.71 3.00
N PHE A 850 0.64 -8.65 3.21
CA PHE A 850 0.18 -9.52 2.13
C PHE A 850 -1.34 -9.57 2.14
N LEU A 851 -1.96 -9.25 1.00
CA LEU A 851 -3.42 -9.20 0.89
C LEU A 851 -3.93 -10.29 -0.08
N LEU A 852 -4.64 -11.27 0.46
CA LEU A 852 -5.27 -12.32 -0.34
C LEU A 852 -6.68 -11.84 -0.72
N LYS A 853 -6.82 -11.44 -1.98
CA LYS A 853 -8.08 -10.97 -2.55
C LYS A 853 -8.96 -12.16 -2.94
N ALA A 854 -10.28 -11.99 -2.75
CA ALA A 854 -11.24 -13.04 -3.09
C ALA A 854 -11.10 -13.51 -4.54
N LYS A 855 -10.80 -12.60 -5.47
CA LYS A 855 -10.62 -12.98 -6.87
C LYS A 855 -9.46 -13.94 -7.07
N TYR A 856 -8.50 -13.98 -6.13
CA TYR A 856 -7.33 -14.84 -6.22
C TYR A 856 -7.30 -15.91 -5.14
N ALA A 857 -8.44 -16.16 -4.48
CA ALA A 857 -8.52 -17.05 -3.33
C ALA A 857 -7.92 -18.44 -3.59
N GLN A 858 -7.88 -18.90 -4.84
CA GLN A 858 -7.38 -20.23 -5.14
C GLN A 858 -6.00 -20.23 -5.80
N ASP A 859 -5.47 -19.06 -6.14
CA ASP A 859 -4.24 -18.97 -6.92
C ASP A 859 -3.03 -18.93 -5.99
N GLU A 860 -1.93 -19.53 -6.45
CA GLU A 860 -0.67 -19.35 -5.75
C GLU A 860 -0.23 -17.90 -5.87
N HIS A 861 0.47 -17.42 -4.85
CA HIS A 861 1.05 -16.08 -4.83
C HIS A 861 2.54 -16.22 -4.62
N LEU A 862 3.31 -15.45 -5.37
CA LEU A 862 4.77 -15.49 -5.32
C LEU A 862 5.27 -14.18 -4.76
N ILE A 863 6.09 -14.26 -3.70
CA ILE A 863 6.70 -13.11 -3.06
C ILE A 863 8.20 -13.28 -3.18
N THR A 864 8.92 -12.18 -3.46
CA THR A 864 10.38 -12.26 -3.54
C THR A 864 10.99 -11.19 -2.67
N PHE A 865 12.08 -11.53 -1.98
CA PHE A 865 12.76 -10.52 -1.17
C PHE A 865 14.18 -10.97 -0.93
N PHE A 866 15.00 -10.10 -0.33
CA PHE A 866 16.38 -10.41 -0.02
C PHE A 866 16.59 -10.50 1.50
N VAL A 867 17.43 -11.44 1.93
CA VAL A 867 17.87 -11.46 3.33
C VAL A 867 19.38 -11.60 3.38
N PRO A 868 20.01 -11.06 4.43
CA PRO A 868 21.45 -11.29 4.62
C PRO A 868 21.68 -12.66 5.21
N VAL A 869 22.84 -13.22 4.84
CA VAL A 869 23.37 -14.46 5.39
C VAL A 869 24.86 -14.22 5.64
N PHE A 870 25.51 -15.22 6.23
CA PHE A 870 26.88 -15.06 6.68
C PHE A 870 27.51 -16.44 6.80
N GLU A 871 28.82 -16.46 7.00
CA GLU A 871 29.58 -17.69 7.16
C GLU A 871 30.31 -17.69 8.50
N PRO A 872 30.21 -18.77 9.29
CA PRO A 872 29.52 -20.03 9.01
C PRO A 872 28.02 -19.84 8.94
N LEU A 873 27.42 -20.40 7.89
CA LEU A 873 25.98 -20.41 7.70
C LEU A 873 25.22 -20.69 8.99
N PRO A 874 24.20 -19.90 9.29
CA PRO A 874 23.31 -20.19 10.42
C PRO A 874 22.45 -21.40 10.12
N PRO A 875 21.99 -22.12 11.16
CA PRO A 875 21.17 -23.32 10.90
C PRO A 875 19.91 -23.05 10.07
N GLN A 876 19.15 -22.00 10.40
CA GLN A 876 17.89 -21.82 9.69
C GLN A 876 17.40 -20.41 9.90
N TYR A 877 16.57 -19.95 8.97
CA TYR A 877 15.67 -18.83 9.23
C TYR A 877 14.24 -19.35 9.35
N PHE A 878 13.32 -18.44 9.63
CA PHE A 878 11.91 -18.82 9.70
C PHE A 878 11.09 -17.80 8.93
N ILE A 879 10.07 -18.29 8.21
CA ILE A 879 9.07 -17.43 7.55
C ILE A 879 7.74 -17.66 8.26
N ARG A 880 7.28 -16.65 9.00
CA ARG A 880 5.96 -16.66 9.61
C ARG A 880 5.00 -15.88 8.73
N VAL A 881 3.84 -16.48 8.41
CA VAL A 881 2.76 -15.73 7.80
C VAL A 881 1.60 -15.76 8.78
N VAL A 882 1.23 -14.58 9.26
CA VAL A 882 0.30 -14.42 10.38
C VAL A 882 -0.88 -13.59 9.91
N SER A 883 -2.08 -14.02 10.26
CA SER A 883 -3.25 -13.23 9.98
C SER A 883 -3.17 -11.88 10.69
N ASP A 884 -3.57 -10.82 9.99
CA ASP A 884 -3.62 -9.53 10.63
C ASP A 884 -4.80 -9.38 11.57
N ARG A 885 -5.79 -10.29 11.49
CA ARG A 885 -7.02 -10.14 12.28
C ARG A 885 -7.52 -11.43 12.94
N TRP A 886 -7.22 -12.62 12.43
CA TRP A 886 -7.67 -13.84 13.07
C TRP A 886 -6.63 -14.24 14.10
N LEU A 887 -7.13 -14.60 15.30
CA LEU A 887 -6.31 -15.28 16.30
C LEU A 887 -6.04 -16.71 15.89
N SER A 888 -4.87 -17.21 16.29
CA SER A 888 -4.50 -18.60 16.06
C SER A 888 -4.50 -18.91 14.58
N CYS A 889 -3.94 -18.04 13.82
CA CYS A 889 -4.02 -18.18 12.39
C CYS A 889 -2.64 -17.83 11.82
N GLU A 890 -1.77 -18.83 11.77
N GLU A 890 -1.75 -18.82 11.81
CA GLU A 890 -0.38 -18.62 11.40
CA GLU A 890 -0.35 -18.63 11.46
C GLU A 890 0.20 -19.90 10.81
C GLU A 890 0.19 -19.90 10.82
N THR A 891 1.08 -19.73 9.83
CA THR A 891 1.90 -20.83 9.32
C THR A 891 3.36 -20.40 9.35
N GLN A 892 4.22 -21.19 9.99
CA GLN A 892 5.64 -20.91 10.04
C GLN A 892 6.39 -21.99 9.30
N LEU A 893 7.26 -21.59 8.38
CA LEU A 893 8.09 -22.46 7.56
C LEU A 893 9.54 -22.30 7.98
N PRO A 894 10.16 -23.29 8.60
CA PRO A 894 11.62 -23.26 8.74
C PRO A 894 12.26 -23.28 7.36
N VAL A 895 13.19 -22.35 7.13
CA VAL A 895 14.04 -22.37 5.95
C VAL A 895 15.41 -22.84 6.41
N SER A 896 15.73 -24.10 6.17
CA SER A 896 17.02 -24.64 6.58
C SER A 896 18.09 -24.39 5.53
N PHE A 897 19.34 -24.29 6.00
CA PHE A 897 20.48 -23.96 5.15
C PHE A 897 21.43 -25.13 5.04
N ARG A 898 21.00 -26.32 5.48
CA ARG A 898 21.89 -27.46 5.54
C ARG A 898 22.36 -27.88 4.16
N HIS A 899 21.59 -27.59 3.10
CA HIS A 899 21.99 -27.93 1.74
C HIS A 899 22.05 -26.71 0.82
N LEU A 900 22.26 -25.53 1.36
CA LEU A 900 22.42 -24.37 0.50
C LEU A 900 23.81 -24.43 -0.15
N ILE A 901 23.86 -24.17 -1.46
CA ILE A 901 25.13 -24.09 -2.19
C ILE A 901 25.37 -22.61 -2.51
N LEU A 902 26.41 -22.06 -1.90
CA LEU A 902 26.81 -20.69 -2.14
C LEU A 902 27.60 -20.58 -3.45
N PRO A 903 27.43 -19.50 -4.21
CA PRO A 903 28.35 -19.23 -5.32
C PRO A 903 29.75 -19.03 -4.76
N GLU A 904 30.75 -19.34 -5.58
N GLU A 904 30.74 -19.34 -5.59
CA GLU A 904 32.11 -19.10 -5.14
CA GLU A 904 32.13 -19.08 -5.23
C GLU A 904 32.36 -17.60 -5.00
C GLU A 904 32.32 -17.58 -4.98
N LYS A 905 33.22 -17.25 -4.06
CA LYS A 905 33.57 -15.84 -3.86
C LYS A 905 34.23 -15.32 -5.12
N TYR A 906 33.85 -14.10 -5.52
CA TYR A 906 34.24 -13.63 -6.84
C TYR A 906 35.73 -13.26 -6.90
N PRO A 907 36.33 -13.38 -8.07
CA PRO A 907 37.78 -13.22 -8.19
C PRO A 907 38.21 -11.77 -8.06
N PRO A 908 39.52 -11.52 -7.92
CA PRO A 908 40.01 -10.15 -7.92
C PRO A 908 39.71 -9.47 -9.25
N PRO A 909 39.51 -8.16 -9.23
CA PRO A 909 39.35 -7.43 -10.50
C PRO A 909 40.66 -7.42 -11.26
N THR A 910 40.59 -6.96 -12.51
CA THR A 910 41.81 -6.75 -13.28
C THR A 910 42.51 -5.51 -12.76
N GLU A 911 43.83 -5.60 -12.55
CA GLU A 911 44.58 -4.43 -12.12
C GLU A 911 44.54 -3.33 -13.17
N LEU A 912 44.21 -2.11 -12.73
CA LEU A 912 44.54 -0.94 -13.52
C LEU A 912 46.06 -0.78 -13.51
N LEU A 913 46.67 -0.66 -14.69
CA LEU A 913 48.10 -0.90 -14.76
C LEU A 913 48.98 0.34 -14.62
N ASP A 914 48.43 1.55 -14.55
CA ASP A 914 49.23 2.79 -14.55
C ASP A 914 50.20 2.82 -15.74
N LEU A 915 49.63 2.66 -16.92
CA LEU A 915 50.36 2.90 -18.15
C LEU A 915 50.47 4.41 -18.38
N GLN A 916 51.41 4.79 -19.24
CA GLN A 916 51.50 6.19 -19.64
C GLN A 916 50.21 6.56 -20.39
N PRO A 917 49.62 7.72 -20.10
CA PRO A 917 48.36 8.05 -20.77
C PRO A 917 48.53 8.07 -22.28
N LEU A 918 47.55 7.53 -22.99
CA LEU A 918 47.71 7.24 -24.42
C LEU A 918 47.29 8.44 -25.26
N PRO A 919 48.19 9.03 -26.05
CA PRO A 919 47.80 10.13 -26.93
C PRO A 919 46.85 9.63 -28.02
N VAL A 920 46.04 10.56 -28.55
CA VAL A 920 45.28 10.24 -29.76
C VAL A 920 46.22 9.75 -30.86
N SER A 921 47.47 10.26 -30.84
CA SER A 921 48.48 9.90 -31.83
C SER A 921 48.62 8.39 -32.01
N ALA A 922 48.30 7.60 -30.98
CA ALA A 922 48.50 6.16 -31.09
C ALA A 922 47.67 5.55 -32.20
N LEU A 923 46.57 6.20 -32.60
CA LEU A 923 45.73 5.68 -33.67
C LEU A 923 46.39 5.74 -35.05
N ARG A 924 47.51 6.45 -35.19
CA ARG A 924 48.27 6.57 -36.45
C ARG A 924 47.38 6.71 -37.68
N ASN A 925 46.56 7.77 -37.68
CA ASN A 925 45.58 7.95 -38.76
C ASN A 925 44.87 9.30 -38.65
N SER A 926 45.23 10.23 -39.53
CA SER A 926 44.85 11.64 -39.36
C SER A 926 43.33 11.83 -39.38
N ALA A 927 42.63 11.15 -40.30
CA ALA A 927 41.17 11.20 -40.28
C ALA A 927 40.63 10.66 -38.97
N PHE A 928 41.16 9.51 -38.51
CA PHE A 928 40.70 8.93 -37.25
C PHE A 928 41.00 9.84 -36.08
N GLU A 929 42.18 10.46 -36.07
CA GLU A 929 42.53 11.34 -34.99
C GLU A 929 41.70 12.62 -35.02
N SER A 930 41.14 12.96 -36.18
CA SER A 930 40.26 14.11 -36.30
C SER A 930 38.99 13.96 -35.45
N LEU A 931 38.63 12.73 -35.08
CA LEU A 931 37.40 12.52 -34.31
C LEU A 931 37.50 13.07 -32.89
N TYR A 932 38.68 12.91 -32.26
CA TYR A 932 38.86 13.19 -30.84
C TYR A 932 39.79 14.36 -30.55
N GLN A 933 40.51 14.88 -31.55
CA GLN A 933 41.61 15.81 -31.31
C GLN A 933 41.15 17.08 -30.61
N ASP A 934 39.97 17.59 -30.96
CA ASP A 934 39.51 18.84 -30.38
C ASP A 934 38.96 18.66 -28.97
N LYS A 935 38.58 17.44 -28.59
CA LYS A 935 37.88 17.23 -27.33
C LYS A 935 38.78 16.85 -26.16
N PHE A 936 40.01 16.39 -26.42
CA PHE A 936 40.95 16.03 -25.35
C PHE A 936 42.28 15.60 -25.95
N PRO A 937 43.39 15.73 -25.20
CA PRO A 937 44.69 15.32 -25.76
C PRO A 937 44.99 13.83 -25.61
N PHE A 938 44.46 13.22 -24.53
CA PHE A 938 44.82 11.88 -24.09
C PHE A 938 43.55 11.07 -23.80
N PHE A 939 43.67 9.74 -23.87
CA PHE A 939 42.60 8.86 -23.42
C PHE A 939 42.74 8.55 -21.92
N ASN A 940 41.65 8.07 -21.32
CA ASN A 940 41.66 7.80 -19.89
C ASN A 940 42.38 6.48 -19.62
N PRO A 941 42.71 6.19 -18.35
CA PRO A 941 43.52 4.99 -18.07
C PRO A 941 42.91 3.68 -18.53
N ILE A 942 41.58 3.53 -18.46
CA ILE A 942 40.94 2.29 -18.91
C ILE A 942 41.08 2.13 -20.43
N GLN A 943 40.71 3.16 -21.18
CA GLN A 943 40.87 3.14 -22.63
C GLN A 943 42.33 2.89 -23.02
N THR A 944 43.27 3.52 -22.30
CA THR A 944 44.68 3.22 -22.45
C THR A 944 44.96 1.73 -22.26
N GLN A 945 44.38 1.12 -21.24
CA GLN A 945 44.72 -0.27 -20.95
C GLN A 945 44.16 -1.21 -22.01
N VAL A 946 42.97 -0.90 -22.54
CA VAL A 946 42.33 -1.84 -23.46
C VAL A 946 42.66 -1.60 -24.93
N PHE A 947 43.22 -0.42 -25.26
CA PHE A 947 43.44 -0.04 -26.65
C PHE A 947 44.21 -1.08 -27.46
N ASN A 948 45.33 -1.58 -26.92
CA ASN A 948 46.14 -2.57 -27.63
C ASN A 948 45.31 -3.79 -28.05
N THR A 949 44.48 -4.31 -27.14
CA THR A 949 43.67 -5.48 -27.46
C THR A 949 42.56 -5.12 -28.46
N VAL A 950 41.88 -4.00 -28.23
CA VAL A 950 40.71 -3.69 -29.03
C VAL A 950 41.12 -3.31 -30.45
N TYR A 951 42.15 -2.47 -30.57
CA TYR A 951 42.54 -1.82 -31.80
C TYR A 951 43.54 -2.62 -32.61
N ASN A 952 44.43 -3.39 -31.96
CA ASN A 952 45.54 -4.09 -32.61
C ASN A 952 45.36 -5.60 -32.62
N SER A 953 44.14 -6.09 -32.45
CA SER A 953 43.89 -7.52 -32.48
C SER A 953 42.45 -7.74 -32.93
N ASP A 954 42.07 -9.01 -33.04
CA ASP A 954 40.72 -9.40 -33.40
C ASP A 954 40.08 -10.25 -32.34
N ASP A 955 40.73 -10.41 -31.19
CA ASP A 955 40.18 -11.23 -30.13
C ASP A 955 38.86 -10.64 -29.67
N ASN A 956 37.87 -11.50 -29.45
CA ASN A 956 36.71 -11.07 -28.69
C ASN A 956 37.20 -10.49 -27.37
N VAL A 957 36.60 -9.38 -26.96
CA VAL A 957 37.06 -8.67 -25.77
C VAL A 957 35.87 -8.28 -24.91
N PHE A 958 36.10 -8.28 -23.59
CA PHE A 958 35.13 -7.84 -22.58
C PHE A 958 35.74 -6.70 -21.78
N VAL A 959 35.02 -5.57 -21.70
CA VAL A 959 35.43 -4.44 -20.86
C VAL A 959 34.32 -4.17 -19.83
N GLY A 960 34.66 -4.36 -18.55
CA GLY A 960 33.76 -4.12 -17.44
C GLY A 960 34.31 -3.04 -16.52
N ALA A 961 33.49 -2.04 -16.24
CA ALA A 961 33.94 -0.81 -15.59
C ALA A 961 32.70 0.05 -15.28
N PRO A 962 32.80 0.94 -14.30
CA PRO A 962 31.62 1.74 -13.92
C PRO A 962 31.13 2.63 -15.06
N THR A 963 29.83 2.93 -15.02
CA THR A 963 29.27 3.97 -15.89
C THR A 963 30.04 5.27 -15.70
N GLY A 964 30.34 5.94 -16.81
CA GLY A 964 31.24 7.08 -16.78
C GLY A 964 32.71 6.73 -16.94
N SER A 965 33.04 5.47 -17.21
CA SER A 965 34.43 5.10 -17.45
C SER A 965 34.85 5.31 -18.90
N GLY A 966 33.91 5.62 -19.79
CA GLY A 966 34.26 5.82 -21.20
C GLY A 966 34.40 4.57 -22.03
N LYS A 967 33.58 3.54 -21.79
CA LYS A 967 33.62 2.28 -22.54
C LYS A 967 33.17 2.46 -24.00
N THR A 968 32.45 3.54 -24.28
CA THR A 968 31.96 3.76 -25.63
C THR A 968 33.11 4.06 -26.59
N ILE A 969 34.17 4.72 -26.12
CA ILE A 969 35.34 4.93 -26.95
C ILE A 969 36.09 3.61 -27.20
N CYS A 970 35.98 2.65 -26.27
CA CYS A 970 36.51 1.32 -26.53
C CYS A 970 35.82 0.66 -27.73
N ALA A 971 34.47 0.66 -27.72
CA ALA A 971 33.76 0.21 -28.92
C ALA A 971 34.23 0.96 -30.18
N GLU A 972 34.46 2.27 -30.06
CA GLU A 972 34.89 3.00 -31.24
C GLU A 972 36.27 2.54 -31.72
N PHE A 973 37.15 2.14 -30.80
CA PHE A 973 38.43 1.53 -31.20
C PHE A 973 38.20 0.30 -32.07
N ALA A 974 37.28 -0.57 -31.64
CA ALA A 974 37.00 -1.78 -32.42
C ALA A 974 36.46 -1.46 -33.82
N ILE A 975 35.58 -0.45 -33.89
CA ILE A 975 35.03 -0.03 -35.18
C ILE A 975 36.13 0.51 -36.09
N LEU A 976 36.93 1.46 -35.59
CA LEU A 976 38.03 2.02 -36.38
C LEU A 976 38.91 0.93 -36.94
N ARG A 977 39.19 -0.12 -36.16
CA ARG A 977 39.95 -1.25 -36.71
C ARG A 977 39.21 -1.91 -37.87
N MET A 978 37.91 -2.19 -37.66
CA MET A 978 37.08 -2.75 -38.74
C MET A 978 37.19 -1.94 -40.04
N LEU A 979 37.20 -0.61 -39.92
CA LEU A 979 37.15 0.26 -41.11
C LEU A 979 38.44 0.19 -41.92
N LEU A 980 39.53 -0.26 -41.28
CA LEU A 980 40.81 -0.49 -41.92
C LEU A 980 40.92 -1.88 -42.52
N GLN A 981 40.34 -2.90 -41.88
CA GLN A 981 40.37 -4.23 -42.48
C GLN A 981 39.46 -4.33 -43.71
N SER A 982 38.23 -3.83 -43.60
CA SER A 982 37.19 -4.03 -44.60
C SER A 982 36.63 -2.67 -45.00
N SER A 983 36.76 -2.32 -46.27
CA SER A 983 36.23 -1.05 -46.75
C SER A 983 34.73 -0.93 -46.53
N GLU A 984 33.99 -2.03 -46.79
CA GLU A 984 32.58 -2.11 -46.48
C GLU A 984 32.37 -3.09 -45.32
N GLY A 985 32.93 -2.77 -44.16
CA GLY A 985 32.67 -3.56 -42.96
C GLY A 985 31.32 -3.23 -42.34
N ARG A 986 30.65 -4.26 -41.84
CA ARG A 986 29.39 -4.09 -41.13
C ARG A 986 29.65 -4.32 -39.65
N CYS A 987 29.51 -3.27 -38.85
CA CYS A 987 29.44 -3.37 -37.41
C CYS A 987 28.00 -3.12 -37.00
N VAL A 988 27.48 -4.03 -36.15
CA VAL A 988 26.17 -3.90 -35.52
C VAL A 988 26.40 -3.64 -34.02
N TYR A 989 25.74 -2.61 -33.50
CA TYR A 989 25.90 -2.13 -32.14
C TYR A 989 24.56 -2.20 -31.43
N ILE A 990 24.50 -2.99 -30.37
CA ILE A 990 23.29 -3.20 -29.57
C ILE A 990 23.46 -2.50 -28.23
N THR A 991 22.51 -1.64 -27.88
CA THR A 991 22.39 -1.07 -26.54
C THR A 991 20.97 -1.32 -26.04
N PRO A 992 20.79 -1.54 -24.74
CA PRO A 992 19.51 -2.10 -24.28
C PRO A 992 18.39 -1.09 -24.14
N MET A 993 18.62 0.21 -24.38
CA MET A 993 17.59 1.23 -24.19
C MET A 993 17.46 2.08 -25.44
N GLU A 994 16.22 2.48 -25.75
CA GLU A 994 16.00 3.28 -26.96
C GLU A 994 16.57 4.69 -26.83
N ALA A 995 16.46 5.29 -25.64
CA ALA A 995 17.00 6.64 -25.44
C ALA A 995 18.52 6.65 -25.55
N LEU A 996 19.17 5.62 -24.99
CA LEU A 996 20.60 5.45 -25.19
C LEU A 996 20.93 5.27 -26.66
N ALA A 997 20.14 4.45 -27.37
CA ALA A 997 20.39 4.22 -28.79
C ALA A 997 20.35 5.52 -29.56
N GLU A 998 19.36 6.38 -29.27
CA GLU A 998 19.27 7.65 -30.01
C GLU A 998 20.45 8.57 -29.67
N GLN A 999 20.90 8.61 -28.41
CA GLN A 999 22.10 9.40 -28.10
C GLN A 999 23.31 8.91 -28.89
N VAL A 1000 23.57 7.59 -28.85
CA VAL A 1000 24.70 7.01 -29.55
C VAL A 1000 24.58 7.24 -31.04
N TYR A 1001 23.35 7.26 -31.56
CA TYR A 1001 23.17 7.46 -32.98
C TYR A 1001 23.53 8.89 -33.35
N MET A 1002 23.16 9.85 -32.51
CA MET A 1002 23.50 11.23 -32.85
C MET A 1002 24.98 11.52 -32.71
N ASP A 1003 25.69 10.81 -31.82
CA ASP A 1003 27.14 11.04 -31.74
C ASP A 1003 27.90 10.29 -32.85
N TRP A 1004 27.49 9.05 -33.14
CA TRP A 1004 28.18 8.24 -34.13
C TRP A 1004 27.83 8.64 -35.57
N TYR A 1005 26.66 9.24 -35.80
CA TYR A 1005 26.45 9.90 -37.08
C TYR A 1005 27.52 10.96 -37.29
N GLU A 1006 27.63 11.90 -36.34
CA GLU A 1006 28.60 12.98 -36.45
C GLU A 1006 30.02 12.45 -36.70
N LYS A 1007 30.45 11.47 -35.89
CA LYS A 1007 31.80 10.94 -36.05
C LYS A 1007 31.97 10.22 -37.38
N PHE A 1008 31.24 9.12 -37.57
CA PHE A 1008 31.57 8.19 -38.63
C PHE A 1008 30.92 8.52 -39.97
N GLN A 1009 29.83 9.30 -39.98
CA GLN A 1009 29.23 9.74 -41.25
C GLN A 1009 29.69 11.14 -41.63
N ASP A 1010 29.46 12.13 -40.75
CA ASP A 1010 29.84 13.50 -41.09
C ASP A 1010 31.34 13.63 -41.30
N ARG A 1011 32.16 12.96 -40.48
CA ARG A 1011 33.60 13.11 -40.59
C ARG A 1011 34.25 12.02 -41.44
N LEU A 1012 34.00 10.74 -41.14
CA LEU A 1012 34.68 9.66 -41.84
C LEU A 1012 33.95 9.20 -43.10
N ASN A 1013 32.77 9.75 -43.40
CA ASN A 1013 32.03 9.45 -44.63
C ASN A 1013 31.69 7.96 -44.75
N LYS A 1014 31.42 7.31 -43.62
CA LYS A 1014 30.79 6.00 -43.61
C LYS A 1014 29.29 6.16 -43.39
N LYS A 1015 28.58 5.05 -43.35
CA LYS A 1015 27.11 5.05 -43.25
C LYS A 1015 26.68 4.55 -41.88
N VAL A 1016 25.94 5.38 -41.15
CA VAL A 1016 25.45 5.06 -39.81
C VAL A 1016 23.93 5.07 -39.82
N VAL A 1017 23.33 3.99 -39.37
CA VAL A 1017 21.87 3.86 -39.37
C VAL A 1017 21.37 3.50 -37.97
N LEU A 1018 20.15 3.90 -37.68
CA LEU A 1018 19.44 3.54 -36.47
C LEU A 1018 18.22 2.69 -36.88
N LEU A 1019 18.11 1.48 -36.32
CA LEU A 1019 17.01 0.61 -36.68
C LEU A 1019 15.70 1.16 -36.14
N THR A 1020 14.69 1.21 -37.01
CA THR A 1020 13.38 1.69 -36.63
C THR A 1020 12.50 0.59 -36.09
N GLY A 1021 12.77 -0.66 -36.45
CA GLY A 1021 11.94 -1.78 -36.07
C GLY A 1021 11.02 -2.27 -37.16
N GLU A 1022 10.82 -1.48 -38.22
CA GLU A 1022 10.08 -1.96 -39.38
C GLU A 1022 11.03 -2.79 -40.24
N THR A 1023 10.56 -3.98 -40.65
CA THR A 1023 11.47 -4.98 -41.20
C THR A 1023 12.05 -4.54 -42.54
N SER A 1024 11.19 -4.12 -43.48
CA SER A 1024 11.64 -3.81 -44.84
C SER A 1024 12.69 -2.70 -44.84
N THR A 1025 12.50 -1.67 -44.00
CA THR A 1025 13.48 -0.58 -43.94
C THR A 1025 14.74 -0.99 -43.19
N ASP A 1026 14.61 -1.77 -42.11
CA ASP A 1026 15.79 -2.18 -41.36
C ASP A 1026 16.69 -3.10 -42.19
N LEU A 1027 16.14 -3.92 -43.08
CA LEU A 1027 16.97 -4.70 -44.01
C LEU A 1027 17.83 -3.79 -44.89
N LYS A 1028 17.23 -2.70 -45.41
CA LYS A 1028 17.98 -1.77 -46.26
C LYS A 1028 19.02 -1.02 -45.45
N LEU A 1029 18.68 -0.63 -44.23
CA LEU A 1029 19.67 -0.01 -43.36
C LEU A 1029 20.84 -0.96 -43.10
N LEU A 1030 20.54 -2.25 -42.89
CA LEU A 1030 21.58 -3.22 -42.60
C LEU A 1030 22.51 -3.42 -43.79
N GLY A 1031 21.94 -3.49 -44.99
CA GLY A 1031 22.76 -3.53 -46.18
C GLY A 1031 23.65 -2.31 -46.31
N LYS A 1032 23.03 -1.13 -46.37
CA LYS A 1032 23.77 0.06 -46.72
C LYS A 1032 24.58 0.66 -45.57
N GLY A 1033 24.42 0.18 -44.34
CA GLY A 1033 25.12 0.76 -43.21
C GLY A 1033 26.43 0.06 -42.90
N ASN A 1034 27.43 0.86 -42.48
CA ASN A 1034 28.67 0.31 -41.91
C ASN A 1034 28.59 0.24 -40.39
N ILE A 1035 27.77 1.09 -39.80
CA ILE A 1035 27.59 1.14 -38.36
C ILE A 1035 26.09 1.17 -38.12
N ILE A 1036 25.59 0.11 -37.52
CA ILE A 1036 24.16 -0.16 -37.41
C ILE A 1036 23.81 -0.19 -35.93
N ILE A 1037 22.98 0.74 -35.48
CA ILE A 1037 22.67 0.89 -34.06
C ILE A 1037 21.25 0.38 -33.82
N SER A 1038 21.07 -0.46 -32.81
CA SER A 1038 19.79 -1.10 -32.58
C SER A 1038 19.60 -1.47 -31.11
N THR A 1039 18.36 -1.40 -30.66
CA THR A 1039 17.96 -2.05 -29.42
C THR A 1039 17.78 -3.56 -29.63
N PRO A 1040 17.81 -4.35 -28.54
CA PRO A 1040 17.83 -5.82 -28.69
C PRO A 1040 16.68 -6.40 -29.49
N GLU A 1041 15.45 -5.96 -29.27
CA GLU A 1041 14.33 -6.60 -29.94
C GLU A 1041 14.40 -6.39 -31.45
N LYS A 1042 14.80 -5.18 -31.88
CA LYS A 1042 14.89 -4.89 -33.31
C LYS A 1042 15.93 -5.75 -33.98
N TRP A 1043 16.96 -6.18 -33.25
CA TRP A 1043 17.92 -7.10 -33.82
C TRP A 1043 17.48 -8.54 -33.73
N ASP A 1044 16.74 -8.91 -32.68
CA ASP A 1044 16.16 -10.24 -32.60
C ASP A 1044 15.30 -10.52 -33.82
N ILE A 1045 14.42 -9.56 -34.17
CA ILE A 1045 13.50 -9.80 -35.28
C ILE A 1045 14.27 -10.02 -36.57
N LEU A 1046 15.39 -9.29 -36.76
CA LEU A 1046 16.15 -9.40 -37.99
C LEU A 1046 17.02 -10.64 -37.99
N SER A 1047 17.67 -10.95 -36.87
CA SER A 1047 18.68 -11.99 -36.85
C SER A 1047 18.09 -13.37 -36.60
N ARG A 1048 16.78 -13.47 -36.31
CA ARG A 1048 16.13 -14.77 -36.33
C ARG A 1048 16.28 -15.44 -37.70
N ARG A 1049 16.11 -14.68 -38.77
CA ARG A 1049 16.13 -15.17 -40.15
C ARG A 1049 17.52 -15.12 -40.75
N TRP A 1050 18.52 -15.57 -40.00
CA TRP A 1050 19.89 -15.43 -40.49
C TRP A 1050 20.24 -16.45 -41.57
N LYS A 1051 19.48 -17.56 -41.63
CA LYS A 1051 19.71 -18.55 -42.68
C LYS A 1051 19.44 -17.97 -44.06
N GLN A 1052 18.53 -17.01 -44.14
CA GLN A 1052 18.05 -16.43 -45.40
C GLN A 1052 18.40 -14.96 -45.52
N ARG A 1053 19.33 -14.48 -44.68
CA ARG A 1053 19.77 -13.09 -44.69
C ARG A 1053 21.29 -13.11 -44.59
N LYS A 1054 21.94 -12.94 -45.73
CA LYS A 1054 23.39 -12.93 -45.77
C LYS A 1054 23.98 -11.77 -44.98
N ASN A 1055 23.28 -10.63 -44.94
CA ASN A 1055 23.81 -9.47 -44.26
C ASN A 1055 23.93 -9.69 -42.75
N VAL A 1056 23.15 -10.62 -42.18
CA VAL A 1056 23.29 -10.94 -40.76
C VAL A 1056 24.54 -11.77 -40.52
N GLN A 1057 24.87 -12.68 -41.45
CA GLN A 1057 26.10 -13.45 -41.31
C GLN A 1057 27.34 -12.64 -41.69
N ASN A 1058 27.22 -11.76 -42.67
CA ASN A 1058 28.31 -10.91 -43.13
C ASN A 1058 28.62 -9.77 -42.18
N ILE A 1059 28.35 -9.95 -40.90
CA ILE A 1059 28.70 -8.97 -39.88
C ILE A 1059 30.17 -9.16 -39.52
N ASN A 1060 30.96 -8.09 -39.65
CA ASN A 1060 32.35 -8.11 -39.20
C ASN A 1060 32.47 -8.01 -37.70
N LEU A 1061 31.60 -7.21 -37.07
CA LEU A 1061 31.77 -6.80 -35.68
C LEU A 1061 30.43 -6.69 -34.99
N PHE A 1062 30.32 -7.30 -33.82
CA PHE A 1062 29.14 -7.24 -32.99
C PHE A 1062 29.53 -6.62 -31.65
N VAL A 1063 29.02 -5.43 -31.37
CA VAL A 1063 29.29 -4.73 -30.11
C VAL A 1063 28.00 -4.73 -29.30
N VAL A 1064 28.08 -5.10 -28.04
CA VAL A 1064 26.94 -5.11 -27.16
C VAL A 1064 27.29 -4.26 -25.93
N ASP A 1065 26.47 -3.24 -25.67
CA ASP A 1065 26.70 -2.29 -24.59
C ASP A 1065 25.74 -2.59 -23.44
N GLU A 1066 26.16 -2.19 -22.22
CA GLU A 1066 25.38 -2.42 -20.99
C GLU A 1066 24.87 -3.87 -20.90
N VAL A 1067 25.78 -4.80 -21.19
CA VAL A 1067 25.46 -6.22 -21.17
C VAL A 1067 25.11 -6.74 -19.77
N HIS A 1068 25.48 -6.02 -18.70
CA HIS A 1068 25.06 -6.42 -17.36
C HIS A 1068 23.54 -6.43 -17.24
N LEU A 1069 22.84 -5.66 -18.08
CA LEU A 1069 21.38 -5.73 -18.05
C LEU A 1069 20.85 -7.07 -18.54
N ILE A 1070 21.70 -8.04 -18.90
CA ILE A 1070 21.15 -9.39 -19.10
C ILE A 1070 20.50 -9.88 -17.82
N GLY A 1071 20.97 -9.37 -16.65
CA GLY A 1071 20.42 -9.81 -15.38
C GLY A 1071 19.06 -9.25 -15.04
N GLY A 1072 18.55 -8.32 -15.85
CA GLY A 1072 17.38 -7.56 -15.52
C GLY A 1072 16.15 -7.97 -16.31
N GLU A 1073 15.18 -7.04 -16.35
CA GLU A 1073 13.82 -7.38 -16.75
C GLU A 1073 13.74 -7.81 -18.22
N ASN A 1074 14.42 -7.07 -19.10
CA ASN A 1074 14.47 -7.39 -20.52
C ASN A 1074 15.74 -8.13 -20.91
N GLY A 1075 16.33 -8.85 -19.97
CA GLY A 1075 17.57 -9.56 -20.21
C GLY A 1075 17.50 -10.73 -21.19
N PRO A 1076 16.47 -11.59 -21.11
CA PRO A 1076 16.42 -12.74 -22.04
C PRO A 1076 16.66 -12.41 -23.51
N VAL A 1077 16.04 -11.36 -24.06
CA VAL A 1077 16.24 -11.03 -25.47
C VAL A 1077 17.71 -10.73 -25.75
N LEU A 1078 18.37 -10.02 -24.83
CA LEU A 1078 19.76 -9.64 -25.03
C LEU A 1078 20.67 -10.87 -24.97
N GLU A 1079 20.46 -11.72 -23.96
CA GLU A 1079 21.18 -12.98 -23.88
C GLU A 1079 21.03 -13.77 -25.17
N VAL A 1080 19.80 -13.83 -25.71
CA VAL A 1080 19.52 -14.68 -26.87
C VAL A 1080 20.23 -14.16 -28.11
N ILE A 1081 20.14 -12.85 -28.39
CA ILE A 1081 20.79 -12.36 -29.60
C ILE A 1081 22.31 -12.53 -29.51
N CYS A 1082 22.89 -12.34 -28.31
CA CYS A 1082 24.33 -12.60 -28.18
C CYS A 1082 24.65 -14.09 -28.41
N SER A 1083 23.81 -14.99 -27.87
CA SER A 1083 24.04 -16.42 -28.09
C SER A 1083 23.95 -16.77 -29.56
N ARG A 1084 23.01 -16.14 -30.26
CA ARG A 1084 22.85 -16.39 -31.68
C ARG A 1084 24.07 -15.93 -32.46
N MET A 1085 24.64 -14.77 -32.10
CA MET A 1085 25.81 -14.28 -32.85
C MET A 1085 27.02 -15.16 -32.64
N ARG A 1086 27.17 -15.73 -31.44
CA ARG A 1086 28.19 -16.77 -31.27
C ARG A 1086 27.93 -17.99 -32.16
N TYR A 1087 26.68 -18.47 -32.18
CA TYR A 1087 26.34 -19.67 -32.96
C TYR A 1087 26.58 -19.48 -34.46
N ILE A 1088 26.19 -18.32 -34.99
CA ILE A 1088 26.45 -18.00 -36.40
C ILE A 1088 27.95 -17.93 -36.66
N SER A 1089 28.69 -17.19 -35.83
CA SER A 1089 30.14 -17.11 -36.01
C SER A 1089 30.78 -18.49 -36.09
N SER A 1090 30.23 -19.47 -35.36
CA SER A 1090 30.79 -20.82 -35.45
C SER A 1090 30.25 -21.62 -36.63
N GLN A 1091 29.11 -21.23 -37.24
CA GLN A 1091 28.67 -21.90 -38.48
C GLN A 1091 29.50 -21.46 -39.68
N ILE A 1092 29.54 -20.15 -39.94
CA ILE A 1092 30.11 -19.64 -41.19
C ILE A 1092 31.62 -19.69 -41.25
N GLU A 1093 32.30 -20.03 -40.16
CA GLU A 1093 33.73 -20.33 -40.14
C GLU A 1093 34.62 -19.15 -40.61
N ARG A 1094 34.03 -17.96 -40.71
CA ARG A 1094 34.76 -16.69 -40.73
C ARG A 1094 34.18 -15.88 -39.58
N PRO A 1095 34.90 -15.71 -38.47
CA PRO A 1095 34.24 -15.35 -37.20
C PRO A 1095 33.76 -13.92 -37.17
N ILE A 1096 32.70 -13.69 -36.40
CA ILE A 1096 32.25 -12.34 -36.11
C ILE A 1096 32.89 -11.93 -34.79
N ARG A 1097 33.63 -10.83 -34.81
CA ARG A 1097 34.27 -10.38 -33.59
C ARG A 1097 33.21 -9.85 -32.64
N ILE A 1098 33.34 -10.17 -31.35
CA ILE A 1098 32.42 -9.67 -30.35
C ILE A 1098 33.18 -8.78 -29.35
N VAL A 1099 32.57 -7.64 -29.03
CA VAL A 1099 33.03 -6.75 -27.96
C VAL A 1099 31.88 -6.49 -26.98
N ALA A 1100 32.07 -6.87 -25.72
CA ALA A 1100 31.07 -6.65 -24.67
C ALA A 1100 31.51 -5.54 -23.73
N LEU A 1101 30.60 -4.60 -23.46
CA LEU A 1101 30.83 -3.52 -22.50
C LEU A 1101 29.85 -3.66 -21.36
N SER A 1102 30.30 -3.36 -20.14
CA SER A 1102 29.47 -3.64 -18.97
C SER A 1102 29.89 -2.79 -17.79
N SER A 1103 28.97 -2.64 -16.83
CA SER A 1103 29.37 -2.20 -15.50
C SER A 1103 30.24 -3.26 -14.85
N SER A 1104 30.93 -2.86 -13.79
CA SER A 1104 31.75 -3.81 -13.04
C SER A 1104 30.94 -5.03 -12.62
N LEU A 1105 31.40 -6.20 -13.04
CA LEU A 1105 30.73 -7.46 -12.76
C LEU A 1105 31.62 -8.31 -11.87
N SER A 1106 31.01 -8.92 -10.85
CA SER A 1106 31.76 -9.87 -10.05
C SER A 1106 31.98 -11.17 -10.80
N ASN A 1107 30.97 -11.62 -11.57
CA ASN A 1107 31.08 -12.83 -12.40
C ASN A 1107 31.32 -12.49 -13.85
N ALA A 1108 32.21 -11.50 -14.08
CA ALA A 1108 32.61 -11.12 -15.43
C ALA A 1108 33.21 -12.30 -16.19
N LYS A 1109 33.98 -13.15 -15.51
CA LYS A 1109 34.61 -14.28 -16.17
C LYS A 1109 33.59 -15.13 -16.92
N ASP A 1110 32.42 -15.34 -16.32
CA ASP A 1110 31.41 -16.19 -16.97
C ASP A 1110 30.84 -15.51 -18.21
N VAL A 1111 30.61 -14.21 -18.16
CA VAL A 1111 30.14 -13.50 -19.35
C VAL A 1111 31.18 -13.61 -20.45
N ALA A 1112 32.46 -13.47 -20.09
CA ALA A 1112 33.53 -13.56 -21.06
C ALA A 1112 33.62 -14.94 -21.70
N HIS A 1113 33.56 -15.99 -20.87
CA HIS A 1113 33.53 -17.36 -21.38
C HIS A 1113 32.35 -17.55 -22.34
N TRP A 1114 31.15 -17.15 -21.91
CA TRP A 1114 29.97 -17.24 -22.76
C TRP A 1114 30.18 -16.55 -24.12
N LEU A 1115 30.79 -15.37 -24.14
CA LEU A 1115 31.01 -14.68 -25.40
C LEU A 1115 32.36 -15.01 -26.05
N GLY A 1116 33.09 -15.98 -25.52
CA GLY A 1116 34.31 -16.42 -26.19
C GLY A 1116 35.47 -15.47 -26.04
N CYS A 1117 35.60 -14.80 -24.91
CA CYS A 1117 36.69 -13.88 -24.65
C CYS A 1117 37.78 -14.59 -23.85
N SER A 1118 39.00 -14.54 -24.35
CA SER A 1118 40.14 -15.07 -23.63
C SER A 1118 40.42 -14.24 -22.38
N ALA A 1119 41.02 -14.87 -21.37
CA ALA A 1119 41.32 -14.15 -20.13
C ALA A 1119 42.22 -12.96 -20.39
N THR A 1120 43.13 -13.06 -21.36
CA THR A 1120 43.98 -11.93 -21.72
C THR A 1120 43.19 -10.77 -22.31
N SER A 1121 41.99 -11.02 -22.82
CA SER A 1121 41.14 -9.99 -23.41
C SER A 1121 39.85 -9.77 -22.64
N THR A 1122 39.83 -10.11 -21.35
CA THR A 1122 38.73 -9.73 -20.48
C THR A 1122 39.27 -8.76 -19.44
N PHE A 1123 38.73 -7.55 -19.45
CA PHE A 1123 39.11 -6.49 -18.54
C PHE A 1123 37.95 -6.36 -17.55
N ASN A 1124 38.06 -7.04 -16.41
CA ASN A 1124 37.06 -6.96 -15.35
C ASN A 1124 37.55 -5.96 -14.30
N PHE A 1125 37.25 -4.68 -14.53
CA PHE A 1125 37.61 -3.64 -13.58
C PHE A 1125 36.52 -3.47 -12.52
N HIS A 1126 36.92 -3.11 -11.36
CA HIS A 1126 36.25 -2.86 -10.10
C HIS A 1126 35.74 -1.42 -10.06
N PRO A 1127 34.66 -1.14 -9.29
CA PRO A 1127 34.18 0.24 -9.16
C PRO A 1127 35.21 1.29 -8.74
N ASN A 1128 36.27 0.93 -8.00
CA ASN A 1128 37.13 2.02 -7.55
C ASN A 1128 38.12 2.49 -8.61
N VAL A 1129 38.09 1.92 -9.83
CA VAL A 1129 38.98 2.41 -10.89
C VAL A 1129 38.21 3.34 -11.81
N ARG A 1130 37.10 3.90 -11.37
CA ARG A 1130 36.44 4.90 -12.20
C ARG A 1130 37.41 6.04 -12.43
N PRO A 1131 37.54 6.53 -13.67
CA PRO A 1131 38.55 7.57 -13.92
C PRO A 1131 38.30 8.85 -13.13
N VAL A 1132 37.08 9.37 -13.12
CA VAL A 1132 36.79 10.49 -12.22
C VAL A 1132 36.40 9.88 -10.88
N PRO A 1133 37.23 10.03 -9.84
CA PRO A 1133 36.97 9.37 -8.56
C PRO A 1133 35.57 9.68 -8.05
N LEU A 1134 34.86 8.66 -7.57
CA LEU A 1134 33.48 8.80 -7.10
C LEU A 1134 33.42 8.75 -5.58
N GLU A 1135 32.97 9.84 -4.96
CA GLU A 1135 32.64 9.87 -3.54
C GLU A 1135 31.15 9.61 -3.38
N LEU A 1136 30.81 8.44 -2.85
CA LEU A 1136 29.44 7.97 -2.74
C LEU A 1136 29.04 7.89 -1.28
N HIS A 1137 27.95 8.56 -0.92
CA HIS A 1137 27.44 8.56 0.45
C HIS A 1137 26.04 7.95 0.46
N ILE A 1138 25.78 7.02 1.36
CA ILE A 1138 24.46 6.43 1.50
C ILE A 1138 23.93 6.81 2.88
N GLN A 1139 22.83 7.57 2.89
CA GLN A 1139 22.17 8.08 4.10
C GLN A 1139 20.90 7.29 4.38
N GLY A 1140 20.77 6.73 5.57
CA GLY A 1140 19.57 5.98 5.92
C GLY A 1140 18.57 6.85 6.65
N PHE A 1141 17.29 6.63 6.33
CA PHE A 1141 16.16 7.33 6.94
C PHE A 1141 15.19 6.27 7.47
N ASN A 1142 15.01 6.24 8.80
CA ASN A 1142 14.20 5.21 9.45
C ASN A 1142 12.75 5.70 9.58
N ILE A 1143 12.10 5.88 8.44
CA ILE A 1143 10.70 6.23 8.36
C ILE A 1143 10.13 5.28 7.32
N SER A 1144 9.15 4.48 7.72
CA SER A 1144 8.58 3.49 6.81
C SER A 1144 7.37 3.99 6.04
N HIS A 1145 6.92 5.21 6.27
CA HIS A 1145 5.82 5.81 5.52
C HIS A 1145 6.43 6.74 4.47
N THR A 1146 6.10 6.49 3.20
CA THR A 1146 6.87 7.06 2.10
C THR A 1146 6.80 8.57 2.08
N GLN A 1147 5.60 9.15 2.18
CA GLN A 1147 5.45 10.59 2.02
C GLN A 1147 6.16 11.35 3.14
N THR A 1148 6.14 10.79 4.33
CA THR A 1148 6.82 11.38 5.46
C THR A 1148 8.32 11.17 5.36
N ARG A 1149 8.75 9.99 4.85
CA ARG A 1149 10.19 9.80 4.67
C ARG A 1149 10.74 10.81 3.66
N LEU A 1150 9.99 11.05 2.58
CA LEU A 1150 10.39 12.06 1.60
C LEU A 1150 10.42 13.47 2.22
N LEU A 1151 9.40 13.79 3.03
CA LEU A 1151 9.42 15.05 3.77
C LEU A 1151 10.71 15.18 4.56
N SER A 1152 11.12 14.11 5.28
CA SER A 1152 12.33 14.20 6.10
C SER A 1152 13.60 14.26 5.29
N MET A 1153 13.56 13.85 4.01
CA MET A 1153 14.71 14.04 3.12
C MET A 1153 14.80 15.45 2.54
N ALA A 1154 13.72 16.24 2.58
CA ALA A 1154 13.68 17.55 1.90
C ALA A 1154 14.84 18.50 2.29
N LYS A 1155 15.06 18.76 3.59
CA LYS A 1155 16.17 19.68 3.91
C LYS A 1155 17.55 19.01 3.79
N PRO A 1156 17.71 17.73 4.16
CA PRO A 1156 18.95 17.03 3.79
C PRO A 1156 19.35 17.21 2.32
N VAL A 1157 18.40 17.22 1.38
CA VAL A 1157 18.73 17.50 -0.02
C VAL A 1157 19.48 18.81 -0.12
N TYR A 1158 18.92 19.87 0.50
CA TYR A 1158 19.56 21.17 0.44
C TYR A 1158 20.93 21.13 1.09
N HIS A 1159 21.01 20.56 2.29
CA HIS A 1159 22.28 20.50 3.01
C HIS A 1159 23.34 19.75 2.21
N ALA A 1160 22.94 18.73 1.45
CA ALA A 1160 23.88 17.99 0.63
C ALA A 1160 24.38 18.86 -0.51
N ILE A 1161 23.48 19.59 -1.17
CA ILE A 1161 23.93 20.54 -2.17
C ILE A 1161 25.01 21.47 -1.60
N THR A 1162 24.73 22.09 -0.45
CA THR A 1162 25.68 23.05 0.10
C THR A 1162 26.95 22.37 0.64
N LYS A 1163 26.87 21.09 1.03
CA LYS A 1163 28.04 20.42 1.60
C LYS A 1163 28.95 19.84 0.54
N HIS A 1164 28.37 19.23 -0.49
CA HIS A 1164 29.15 18.54 -1.49
C HIS A 1164 29.25 19.30 -2.82
N SER A 1165 28.37 20.26 -3.09
CA SER A 1165 28.46 20.98 -4.35
C SER A 1165 27.92 22.40 -4.27
N PRO A 1166 28.43 23.24 -3.34
CA PRO A 1166 27.87 24.60 -3.21
C PRO A 1166 27.81 25.37 -4.53
N LYS A 1167 28.79 25.15 -5.41
CA LYS A 1167 28.97 25.97 -6.59
C LYS A 1167 28.83 25.24 -7.92
N LYS A 1168 28.84 23.90 -7.94
CA LYS A 1168 28.90 23.13 -9.20
C LYS A 1168 27.59 22.36 -9.46
N PRO A 1169 27.34 21.95 -10.71
CA PRO A 1169 26.01 21.44 -11.08
C PRO A 1169 25.56 20.22 -10.25
N VAL A 1170 24.25 20.13 -10.06
CA VAL A 1170 23.63 19.15 -9.19
C VAL A 1170 22.39 18.62 -9.92
N ILE A 1171 22.27 17.29 -9.98
CA ILE A 1171 21.05 16.62 -10.42
C ILE A 1171 20.43 15.93 -9.22
N VAL A 1172 19.14 16.14 -9.00
CA VAL A 1172 18.39 15.43 -7.97
C VAL A 1172 17.40 14.51 -8.66
N PHE A 1173 17.53 13.20 -8.45
CA PHE A 1173 16.57 12.24 -8.95
C PHE A 1173 15.50 11.97 -7.89
N VAL A 1174 14.24 12.13 -8.28
CA VAL A 1174 13.10 11.96 -7.38
C VAL A 1174 12.15 10.93 -8.00
N PRO A 1175 11.29 10.29 -7.17
CA PRO A 1175 10.56 9.11 -7.68
C PRO A 1175 9.41 9.39 -8.62
N SER A 1176 8.82 10.58 -8.63
CA SER A 1176 7.60 10.81 -9.41
C SER A 1176 7.69 12.15 -10.14
N ARG A 1177 6.87 12.25 -11.20
CA ARG A 1177 6.68 13.55 -11.88
C ARG A 1177 6.26 14.61 -10.89
N LYS A 1178 5.33 14.27 -9.99
CA LYS A 1178 4.83 15.25 -9.02
C LYS A 1178 5.96 15.79 -8.12
N GLN A 1179 6.90 14.92 -7.74
CA GLN A 1179 7.96 15.29 -6.79
C GLN A 1179 9.00 16.23 -7.40
N THR A 1180 9.18 16.23 -8.72
CA THR A 1180 10.15 17.11 -9.36
C THR A 1180 9.85 18.55 -9.03
N ARG A 1181 8.59 18.97 -9.27
CA ARG A 1181 8.23 20.36 -9.01
C ARG A 1181 8.29 20.68 -7.51
N LEU A 1182 7.82 19.76 -6.66
CA LEU A 1182 7.81 20.03 -5.22
C LEU A 1182 9.22 20.16 -4.67
N THR A 1183 10.13 19.30 -5.12
CA THR A 1183 11.50 19.35 -4.65
C THR A 1183 12.22 20.58 -5.19
N ALA A 1184 11.94 20.97 -6.44
CA ALA A 1184 12.45 22.23 -6.96
C ALA A 1184 12.01 23.40 -6.11
N ILE A 1185 10.72 23.48 -5.84
CA ILE A 1185 10.20 24.59 -5.04
C ILE A 1185 10.78 24.55 -3.64
N ASP A 1186 10.93 23.35 -3.09
CA ASP A 1186 11.37 23.28 -1.70
C ASP A 1186 12.84 23.66 -1.58
N ILE A 1187 13.64 23.26 -2.56
CA ILE A 1187 15.01 23.72 -2.61
C ILE A 1187 15.03 25.23 -2.64
N LEU A 1188 14.09 25.85 -3.38
CA LEU A 1188 14.06 27.31 -3.45
C LEU A 1188 13.69 27.93 -2.10
N THR A 1189 12.63 27.42 -1.48
CA THR A 1189 12.25 27.85 -0.14
C THR A 1189 13.41 27.77 0.85
N THR A 1190 14.15 26.65 0.81
CA THR A 1190 15.24 26.47 1.75
C THR A 1190 16.40 27.41 1.45
N CYS A 1191 16.64 27.70 0.17
CA CYS A 1191 17.63 28.69 -0.21
C CYS A 1191 17.28 30.07 0.34
N ALA A 1192 16.02 30.49 0.15
CA ALA A 1192 15.62 31.85 0.52
C ALA A 1192 15.84 32.14 2.00
N ALA A 1193 15.77 31.13 2.88
CA ALA A 1193 15.97 31.32 4.31
C ALA A 1193 17.36 30.90 4.77
N ASP A 1194 18.38 31.05 3.93
CA ASP A 1194 19.72 30.53 4.20
C ASP A 1194 20.78 31.61 3.97
N ILE A 1195 22.03 31.23 4.28
CA ILE A 1195 23.21 32.07 4.14
C ILE A 1195 23.46 32.52 2.70
N GLN A 1196 22.93 31.80 1.71
CA GLN A 1196 22.96 32.25 0.32
C GLN A 1196 21.55 32.20 -0.25
N ARG A 1197 21.20 33.21 -1.05
CA ARG A 1197 19.94 33.23 -1.78
C ARG A 1197 20.24 33.54 -3.24
N GLN A 1198 19.53 32.84 -4.14
CA GLN A 1198 19.71 32.93 -5.59
C GLN A 1198 21.10 32.47 -6.02
N ARG A 1199 21.77 31.72 -5.13
CA ARG A 1199 23.09 31.18 -5.42
C ARG A 1199 23.07 30.18 -6.56
N PHE A 1200 21.89 29.72 -6.99
CA PHE A 1200 21.81 28.74 -8.06
C PHE A 1200 21.68 29.35 -9.45
N LEU A 1201 21.42 30.67 -9.55
CA LEU A 1201 21.32 31.37 -10.83
C LEU A 1201 22.64 32.06 -11.14
N HIS A 1202 23.31 31.61 -12.22
CA HIS A 1202 24.65 32.11 -12.52
C HIS A 1202 24.72 33.01 -13.74
N CYS A 1203 23.64 33.13 -14.51
CA CYS A 1203 23.54 34.17 -15.51
C CYS A 1203 22.46 35.17 -15.10
N THR A 1204 22.56 36.38 -15.65
CA THR A 1204 21.65 37.46 -15.28
C THR A 1204 20.23 37.13 -15.72
N GLU A 1205 19.28 37.86 -15.14
CA GLU A 1205 17.87 37.64 -15.47
C GLU A 1205 17.62 37.87 -16.96
N LYS A 1206 18.31 38.84 -17.56
CA LYS A 1206 18.00 39.24 -18.93
C LYS A 1206 18.17 38.08 -19.92
N ASP A 1207 19.27 37.33 -19.81
CA ASP A 1207 19.54 36.26 -20.76
C ASP A 1207 18.51 35.14 -20.70
N LEU A 1208 17.78 35.00 -19.59
CA LEU A 1208 16.87 33.88 -19.39
C LEU A 1208 15.50 34.10 -19.99
N ILE A 1209 15.18 35.31 -20.43
CA ILE A 1209 13.84 35.70 -20.87
C ILE A 1209 13.38 34.98 -22.14
N PRO A 1210 14.19 34.91 -23.21
CA PRO A 1210 13.73 34.15 -24.39
C PRO A 1210 13.38 32.72 -24.09
N TYR A 1211 14.11 32.10 -23.14
CA TYR A 1211 13.80 30.74 -22.73
C TYR A 1211 12.45 30.66 -22.01
N LEU A 1212 12.18 31.63 -21.12
CA LEU A 1212 10.92 31.63 -20.39
C LEU A 1212 9.73 31.81 -21.33
N GLU A 1213 9.90 32.56 -22.42
CA GLU A 1213 8.77 32.83 -23.30
C GLU A 1213 8.15 31.54 -23.86
N LYS A 1214 8.99 30.55 -24.20
CA LYS A 1214 8.53 29.36 -24.90
C LYS A 1214 7.90 28.31 -23.99
N LEU A 1215 8.00 28.45 -22.68
CA LEU A 1215 7.50 27.43 -21.76
C LEU A 1215 6.04 27.66 -21.43
N SER A 1216 5.28 26.57 -21.36
CA SER A 1216 3.87 26.64 -20.97
C SER A 1216 3.67 26.49 -19.47
N ASP A 1217 4.60 25.83 -18.77
CA ASP A 1217 4.54 25.69 -17.33
C ASP A 1217 5.04 26.98 -16.69
N SER A 1218 4.19 27.61 -15.88
CA SER A 1218 4.56 28.87 -15.25
C SER A 1218 5.41 28.64 -14.00
N THR A 1219 5.11 27.59 -13.23
CA THR A 1219 5.93 27.26 -12.06
C THR A 1219 7.36 26.94 -12.47
N LEU A 1220 7.54 26.24 -13.60
CA LEU A 1220 8.86 25.94 -14.12
C LEU A 1220 9.64 27.23 -14.40
N LYS A 1221 8.95 28.29 -14.81
CA LYS A 1221 9.61 29.57 -15.08
C LYS A 1221 10.00 30.31 -13.79
N GLU A 1222 9.14 30.27 -12.77
CA GLU A 1222 9.52 30.78 -11.46
C GLU A 1222 10.78 30.08 -10.95
N THR A 1223 10.78 28.74 -10.94
CA THR A 1223 11.92 28.01 -10.39
C THR A 1223 13.17 28.21 -11.25
N LEU A 1224 12.99 28.29 -12.57
CA LEU A 1224 14.12 28.50 -13.46
C LEU A 1224 14.76 29.85 -13.21
N LEU A 1225 13.94 30.86 -12.91
CA LEU A 1225 14.47 32.18 -12.56
C LEU A 1225 15.42 32.10 -11.37
N ASN A 1226 15.11 31.24 -10.41
CA ASN A 1226 15.87 31.17 -9.17
C ASN A 1226 16.99 30.13 -9.21
N GLY A 1227 17.26 29.56 -10.39
CA GLY A 1227 18.41 28.72 -10.61
C GLY A 1227 18.13 27.24 -10.63
N VAL A 1228 16.86 26.84 -10.56
CA VAL A 1228 16.50 25.43 -10.39
C VAL A 1228 15.53 25.05 -11.50
N GLY A 1229 15.89 24.03 -12.28
CA GLY A 1229 15.00 23.46 -13.25
C GLY A 1229 14.47 22.13 -12.78
N TYR A 1230 13.52 21.60 -13.52
CA TYR A 1230 13.14 20.21 -13.32
C TYR A 1230 12.84 19.55 -14.65
N LEU A 1231 12.72 18.22 -14.62
CA LEU A 1231 12.52 17.39 -15.80
C LEU A 1231 11.60 16.23 -15.44
N HIS A 1232 10.53 16.06 -16.21
CA HIS A 1232 9.63 14.92 -16.01
C HIS A 1232 8.96 14.55 -17.34
N GLU A 1233 8.23 13.44 -17.29
CA GLU A 1233 7.60 12.85 -18.47
C GLU A 1233 6.62 13.82 -19.13
N GLY A 1234 5.92 14.63 -18.34
CA GLY A 1234 4.86 15.48 -18.85
C GLY A 1234 5.33 16.70 -19.63
N LEU A 1235 6.60 17.07 -19.53
CA LEU A 1235 7.11 18.22 -20.25
C LEU A 1235 7.18 17.93 -21.75
N SER A 1236 6.85 18.94 -22.55
CA SER A 1236 7.05 18.88 -23.99
C SER A 1236 8.54 18.63 -24.27
N PRO A 1237 8.87 18.03 -25.42
CA PRO A 1237 10.28 17.69 -25.67
C PRO A 1237 11.18 18.92 -25.74
N MET A 1238 10.69 20.01 -26.34
CA MET A 1238 11.52 21.22 -26.44
C MET A 1238 11.56 21.99 -25.12
N GLU A 1239 10.52 21.89 -24.28
CA GLU A 1239 10.64 22.39 -22.90
C GLU A 1239 11.81 21.73 -22.19
N ARG A 1240 11.85 20.40 -22.26
CA ARG A 1240 12.98 19.65 -21.73
C ARG A 1240 14.30 20.10 -22.35
N ARG A 1241 14.30 20.39 -23.66
CA ARG A 1241 15.56 20.81 -24.29
C ARG A 1241 16.03 22.14 -23.74
N LEU A 1242 15.11 23.11 -23.61
CA LEU A 1242 15.43 24.38 -22.99
C LEU A 1242 16.07 24.19 -21.62
N VAL A 1243 15.43 23.36 -20.77
CA VAL A 1243 15.94 23.13 -19.42
C VAL A 1243 17.32 22.47 -19.48
N GLU A 1244 17.49 21.50 -20.38
CA GLU A 1244 18.77 20.78 -20.47
C GLU A 1244 19.90 21.70 -20.89
N GLN A 1245 19.65 22.61 -21.83
CA GLN A 1245 20.72 23.51 -22.27
C GLN A 1245 21.00 24.61 -21.24
N LEU A 1246 19.97 25.08 -20.52
CA LEU A 1246 20.22 25.98 -19.41
C LEU A 1246 21.13 25.33 -18.38
N PHE A 1247 20.94 24.03 -18.16
CA PHE A 1247 21.80 23.28 -17.24
C PHE A 1247 23.21 23.08 -17.81
N SER A 1248 23.32 22.75 -19.09
CA SER A 1248 24.62 22.53 -19.69
C SER A 1248 25.43 23.82 -19.70
N SER A 1249 24.80 24.92 -20.07
CA SER A 1249 25.51 26.19 -20.14
C SER A 1249 25.91 26.73 -18.78
N GLY A 1250 25.45 26.12 -17.69
CA GLY A 1250 25.75 26.60 -16.35
C GLY A 1250 24.81 27.66 -15.82
N ALA A 1251 23.84 28.11 -16.61
CA ALA A 1251 22.97 29.19 -16.17
C ALA A 1251 22.19 28.83 -14.90
N ILE A 1252 21.69 27.59 -14.82
CA ILE A 1252 21.01 27.09 -13.63
C ILE A 1252 21.86 25.99 -13.01
N GLN A 1253 21.84 25.91 -11.69
CA GLN A 1253 22.79 25.03 -11.03
C GLN A 1253 22.20 23.67 -10.70
N VAL A 1254 20.90 23.59 -10.51
CA VAL A 1254 20.23 22.40 -10.00
C VAL A 1254 19.14 22.02 -11.00
N VAL A 1255 19.01 20.71 -11.26
CA VAL A 1255 17.85 20.22 -12.00
C VAL A 1255 17.31 18.99 -11.28
N VAL A 1256 16.00 18.97 -11.05
CA VAL A 1256 15.33 17.86 -10.38
C VAL A 1256 14.65 17.00 -11.45
N ALA A 1257 15.19 15.80 -11.71
CA ALA A 1257 14.66 14.91 -12.72
C ALA A 1257 13.87 13.76 -12.09
N SER A 1258 12.89 13.24 -12.83
CA SER A 1258 12.20 12.05 -12.36
C SER A 1258 13.00 10.77 -12.70
N ARG A 1259 12.74 9.71 -11.93
CA ARG A 1259 13.48 8.46 -12.10
C ARG A 1259 13.36 7.93 -13.52
N SER A 1260 12.20 8.10 -14.14
CA SER A 1260 11.96 7.52 -15.44
C SER A 1260 12.84 8.12 -16.54
N LEU A 1261 13.38 9.32 -16.30
CA LEU A 1261 14.24 9.93 -17.30
C LEU A 1261 15.72 9.53 -17.15
N CYS A 1262 16.06 8.56 -16.30
CA CYS A 1262 17.48 8.37 -15.99
C CYS A 1262 18.26 7.71 -17.11
N TRP A 1263 17.61 7.23 -18.16
CA TRP A 1263 18.33 6.73 -19.33
C TRP A 1263 18.37 7.72 -20.48
N GLY A 1264 17.46 8.67 -20.52
CA GLY A 1264 17.45 9.61 -21.62
C GLY A 1264 17.90 11.01 -21.28
N MET A 1265 18.74 11.17 -20.27
CA MET A 1265 19.22 12.50 -19.93
C MET A 1265 20.56 12.76 -20.60
N ASN A 1266 20.68 13.91 -21.26
CA ASN A 1266 21.90 14.24 -21.96
C ASN A 1266 22.64 15.38 -21.26
N VAL A 1267 22.51 15.42 -19.92
CA VAL A 1267 23.24 16.31 -19.04
C VAL A 1267 23.99 15.46 -18.02
N ALA A 1268 24.96 16.07 -17.34
CA ALA A 1268 25.72 15.42 -16.29
C ALA A 1268 26.03 16.42 -15.19
N ALA A 1269 26.53 15.93 -14.07
CA ALA A 1269 26.62 16.79 -12.91
C ALA A 1269 27.82 16.40 -12.08
N HIS A 1270 28.25 17.34 -11.25
CA HIS A 1270 29.25 17.12 -10.22
C HIS A 1270 28.69 16.37 -9.03
N LEU A 1271 27.42 16.59 -8.70
CA LEU A 1271 26.76 15.97 -7.57
C LEU A 1271 25.40 15.45 -8.01
N VAL A 1272 25.15 14.18 -7.74
CA VAL A 1272 23.85 13.56 -7.94
C VAL A 1272 23.29 13.20 -6.56
N ILE A 1273 22.03 13.57 -6.31
CA ILE A 1273 21.36 13.18 -5.08
C ILE A 1273 20.18 12.32 -5.48
N ILE A 1274 20.11 11.12 -4.94
CA ILE A 1274 19.00 10.23 -5.22
C ILE A 1274 18.07 10.27 -3.99
N MET A 1275 16.93 10.93 -4.17
CA MET A 1275 15.97 11.22 -3.11
C MET A 1275 14.98 10.07 -3.11
N ASP A 1276 15.24 9.08 -2.24
CA ASP A 1276 14.46 7.85 -2.10
C ASP A 1276 14.72 6.92 -3.27
N THR A 1277 14.51 5.63 -3.03
CA THR A 1277 14.85 4.60 -4.00
C THR A 1277 13.66 3.70 -4.32
N GLN A 1278 12.42 4.18 -4.13
CA GLN A 1278 11.23 3.38 -4.41
C GLN A 1278 10.24 4.23 -5.17
N TYR A 1279 9.38 3.59 -5.95
CA TYR A 1279 8.32 4.32 -6.64
C TYR A 1279 7.01 3.55 -6.54
N TYR A 1280 5.91 4.27 -6.67
CA TYR A 1280 4.59 3.67 -6.53
C TYR A 1280 4.17 3.10 -7.88
N ASN A 1281 3.93 1.80 -7.91
CA ASN A 1281 3.34 1.14 -9.06
C ASN A 1281 1.83 1.13 -8.85
N GLY A 1282 1.10 1.78 -9.77
CA GLY A 1282 -0.35 1.87 -9.73
C GLY A 1282 -1.08 0.64 -10.21
N LYS A 1283 -0.41 -0.24 -10.98
CA LYS A 1283 -1.00 -1.55 -11.31
C LYS A 1283 -1.24 -2.35 -10.04
N ILE A 1284 -0.16 -2.58 -9.26
CA ILE A 1284 -0.24 -3.44 -8.09
C ILE A 1284 -0.53 -2.67 -6.80
N HIS A 1285 -0.68 -1.35 -6.88
CA HIS A 1285 -0.92 -0.50 -5.72
C HIS A 1285 0.12 -0.73 -4.63
N ALA A 1286 1.40 -0.67 -5.02
CA ALA A 1286 2.43 -0.89 -4.00
C ALA A 1286 3.71 -0.21 -4.43
N TYR A 1287 4.54 0.12 -3.44
CA TYR A 1287 5.86 0.67 -3.69
C TYR A 1287 6.79 -0.45 -4.13
N VAL A 1288 7.68 -0.12 -5.08
CA VAL A 1288 8.59 -1.05 -5.74
C VAL A 1288 9.99 -0.44 -5.69
N ASP A 1289 10.98 -1.28 -5.41
CA ASP A 1289 12.35 -0.82 -5.31
C ASP A 1289 12.92 -0.54 -6.70
N TYR A 1290 13.56 0.63 -6.86
CA TYR A 1290 14.34 0.93 -8.04
C TYR A 1290 15.19 -0.28 -8.44
N PRO A 1291 15.17 -0.69 -9.72
CA PRO A 1291 16.14 -1.69 -10.19
C PRO A 1291 17.54 -1.18 -9.90
N ILE A 1292 18.41 -2.08 -9.46
CA ILE A 1292 19.78 -1.66 -9.19
C ILE A 1292 20.40 -1.04 -10.44
N TYR A 1293 20.00 -1.50 -11.64
CA TYR A 1293 20.56 -0.97 -12.88
C TYR A 1293 20.26 0.53 -12.99
N ASP A 1294 19.05 0.92 -12.60
CA ASP A 1294 18.69 2.34 -12.58
C ASP A 1294 19.60 3.13 -11.64
N VAL A 1295 19.89 2.58 -10.47
CA VAL A 1295 20.69 3.33 -9.49
C VAL A 1295 22.10 3.53 -10.01
N LEU A 1296 22.68 2.47 -10.58
CA LEU A 1296 24.00 2.59 -11.20
C LEU A 1296 23.98 3.63 -12.32
N GLN A 1297 22.88 3.69 -13.08
CA GLN A 1297 22.79 4.69 -14.15
C GLN A 1297 22.63 6.10 -13.59
N MET A 1298 21.97 6.25 -12.44
CA MET A 1298 21.87 7.57 -11.82
C MET A 1298 23.20 8.01 -11.25
N VAL A 1299 23.87 7.13 -10.50
CA VAL A 1299 25.21 7.41 -9.99
C VAL A 1299 26.14 7.80 -11.13
N GLY A 1300 26.01 7.16 -12.29
CA GLY A 1300 26.87 7.50 -13.42
C GLY A 1300 26.71 8.92 -13.92
N HIS A 1301 25.66 9.63 -13.52
CA HIS A 1301 25.52 11.03 -13.93
C HIS A 1301 26.41 11.98 -13.14
N ALA A 1302 27.12 11.50 -12.11
CA ALA A 1302 28.00 12.32 -11.29
C ALA A 1302 29.41 12.09 -11.81
N ASN A 1303 29.72 12.75 -12.93
CA ASN A 1303 30.91 12.42 -13.70
C ASN A 1303 31.09 13.47 -14.78
N ARG A 1304 32.04 14.37 -14.57
CA ARG A 1304 32.39 15.42 -15.54
C ARG A 1304 33.89 15.33 -15.75
N PRO A 1305 34.34 14.53 -16.72
CA PRO A 1305 35.77 14.25 -16.83
C PRO A 1305 36.57 15.48 -17.18
N LEU A 1306 36.00 16.39 -17.95
CA LEU A 1306 36.72 17.59 -18.36
C LEU A 1306 36.70 18.70 -17.32
N GLN A 1307 35.76 18.66 -16.36
CA GLN A 1307 35.57 19.81 -15.49
C GLN A 1307 35.93 19.59 -14.02
N ASP A 1308 35.72 18.40 -13.48
CA ASP A 1308 35.84 18.16 -12.05
C ASP A 1308 36.95 17.18 -11.72
N ASP A 1309 37.53 17.33 -10.52
CA ASP A 1309 38.49 16.38 -9.98
C ASP A 1309 37.82 15.16 -9.37
N GLU A 1310 36.50 15.19 -9.23
CA GLU A 1310 35.77 14.08 -8.63
C GLU A 1310 34.29 14.27 -8.92
N GLY A 1311 33.53 13.20 -8.73
CA GLY A 1311 32.09 13.26 -8.70
C GLY A 1311 31.60 12.82 -7.34
N ARG A 1312 30.42 13.32 -6.94
CA ARG A 1312 29.86 13.03 -5.63
C ARG A 1312 28.41 12.61 -5.76
N CYS A 1313 28.02 11.62 -4.97
CA CYS A 1313 26.66 11.11 -5.03
C CYS A 1313 26.18 10.80 -3.63
N VAL A 1314 24.99 11.30 -3.32
CA VAL A 1314 24.35 11.01 -2.05
C VAL A 1314 23.10 10.23 -2.37
N ILE A 1315 23.01 9.01 -1.85
CA ILE A 1315 21.78 8.23 -1.95
C ILE A 1315 21.04 8.28 -0.60
N MET A 1316 19.82 8.77 -0.64
CA MET A 1316 18.94 8.83 0.52
C MET A 1316 17.88 7.75 0.37
N CYS A 1317 17.79 6.85 1.35
CA CYS A 1317 16.91 5.69 1.21
C CYS A 1317 16.34 5.30 2.57
N GLN A 1318 15.29 4.50 2.54
CA GLN A 1318 14.83 3.86 3.76
C GLN A 1318 15.98 3.06 4.34
N GLY A 1319 16.16 3.17 5.67
CA GLY A 1319 17.22 2.43 6.36
C GLY A 1319 17.23 0.95 6.05
N SER A 1320 16.05 0.35 5.84
CA SER A 1320 16.02 -1.07 5.56
C SER A 1320 16.66 -1.42 4.23
N LYS A 1321 17.00 -0.44 3.40
CA LYS A 1321 17.69 -0.68 2.13
C LYS A 1321 19.17 -0.30 2.16
N LYS A 1322 19.65 0.32 3.24
CA LYS A 1322 21.03 0.82 3.23
C LYS A 1322 22.03 -0.30 2.95
N ASP A 1323 21.94 -1.40 3.71
CA ASP A 1323 22.87 -2.52 3.57
C ASP A 1323 22.94 -3.01 2.14
N PHE A 1324 21.79 -3.12 1.48
CA PHE A 1324 21.80 -3.70 0.14
C PHE A 1324 22.67 -2.86 -0.78
N PHE A 1325 22.52 -1.53 -0.69
CA PHE A 1325 23.23 -0.67 -1.60
C PHE A 1325 24.72 -0.71 -1.32
N LYS A 1326 25.08 -0.79 -0.03
CA LYS A 1326 26.50 -0.82 0.28
C LYS A 1326 27.13 -2.07 -0.30
N LYS A 1327 26.36 -3.16 -0.38
CA LYS A 1327 26.93 -4.37 -0.93
C LYS A 1327 27.02 -4.30 -2.44
N PHE A 1328 26.05 -3.65 -3.10
CA PHE A 1328 25.97 -3.80 -4.53
C PHE A 1328 26.35 -2.55 -5.30
N LEU A 1329 26.82 -1.50 -4.61
CA LEU A 1329 27.45 -0.35 -5.25
C LEU A 1329 28.95 -0.28 -5.01
N TYR A 1330 29.44 -0.71 -3.85
CA TYR A 1330 30.88 -0.68 -3.59
C TYR A 1330 31.63 -1.89 -4.12
N GLU A 1331 30.92 -2.97 -4.41
CA GLU A 1331 31.49 -4.15 -5.02
C GLU A 1331 30.91 -4.35 -6.42
N PRO A 1332 31.63 -5.00 -7.33
CA PRO A 1332 31.04 -5.30 -8.64
C PRO A 1332 29.86 -6.24 -8.46
N LEU A 1333 28.95 -6.23 -9.46
CA LEU A 1333 27.59 -6.76 -9.51
C LEU A 1333 27.55 -8.22 -9.95
N PRO A 1334 26.90 -9.15 -9.21
CA PRO A 1334 26.70 -10.50 -9.78
C PRO A 1334 25.46 -10.49 -10.63
N VAL A 1335 25.52 -11.01 -11.85
CA VAL A 1335 24.33 -11.07 -12.68
C VAL A 1335 24.03 -12.51 -13.04
N GLU A 1336 22.76 -12.76 -13.36
CA GLU A 1336 22.23 -14.07 -13.65
C GLU A 1336 21.35 -13.97 -14.87
N SER A 1337 21.09 -15.12 -15.47
CA SER A 1337 20.12 -15.23 -16.55
C SER A 1337 18.72 -15.45 -16.01
N HIS A 1338 17.73 -14.85 -16.67
CA HIS A 1338 16.35 -15.25 -16.44
C HIS A 1338 15.71 -15.79 -17.72
N LEU A 1339 16.56 -16.24 -18.66
CA LEU A 1339 16.10 -16.83 -19.90
C LEU A 1339 15.20 -18.02 -19.65
N ASP A 1340 15.43 -18.78 -18.56
CA ASP A 1340 14.59 -19.94 -18.31
C ASP A 1340 13.15 -19.57 -17.99
N HIS A 1341 12.87 -18.28 -17.82
CA HIS A 1341 11.53 -17.74 -17.64
C HIS A 1341 10.99 -17.07 -18.89
N CYS A 1342 11.71 -17.12 -19.99
CA CYS A 1342 11.29 -16.44 -21.21
C CYS A 1342 11.72 -17.29 -22.41
N MET A 1343 11.27 -18.52 -22.46
CA MET A 1343 11.79 -19.45 -23.44
C MET A 1343 10.88 -19.62 -24.64
N HIS A 1344 9.57 -19.53 -24.44
CA HIS A 1344 8.61 -20.05 -25.41
C HIS A 1344 8.75 -19.38 -26.77
N ASP A 1345 8.71 -18.04 -26.80
CA ASP A 1345 8.71 -17.33 -28.08
C ASP A 1345 10.02 -17.52 -28.83
N HIS A 1346 11.12 -17.72 -28.12
CA HIS A 1346 12.40 -17.99 -28.77
C HIS A 1346 12.47 -19.42 -29.30
N PHE A 1347 12.05 -20.40 -28.51
CA PHE A 1347 11.93 -21.76 -29.06
C PHE A 1347 11.05 -21.80 -30.29
N ASN A 1348 9.93 -21.06 -30.24
CA ASN A 1348 8.99 -21.00 -31.37
C ASN A 1348 9.67 -20.45 -32.60
N ALA A 1349 10.40 -19.34 -32.45
CA ALA A 1349 11.15 -18.82 -33.59
C ALA A 1349 12.12 -19.85 -34.14
N GLU A 1350 12.83 -20.57 -33.25
CA GLU A 1350 13.86 -21.50 -33.75
C GLU A 1350 13.25 -22.76 -34.37
N ILE A 1351 12.01 -23.07 -34.05
CA ILE A 1351 11.35 -24.20 -34.71
C ILE A 1351 10.77 -23.76 -36.06
N VAL A 1352 10.32 -22.51 -36.18
CA VAL A 1352 10.00 -22.00 -37.51
C VAL A 1352 11.26 -21.98 -38.40
N THR A 1353 12.37 -21.50 -37.85
CA THR A 1353 13.62 -21.29 -38.58
C THR A 1353 14.42 -22.57 -38.79
N LYS A 1354 13.91 -23.72 -38.31
CA LYS A 1354 14.53 -25.04 -38.44
C LYS A 1354 15.86 -25.15 -37.70
N THR A 1355 16.12 -24.31 -36.72
CA THR A 1355 17.30 -24.48 -35.89
C THR A 1355 17.08 -25.45 -34.73
N ILE A 1356 15.84 -25.57 -34.25
CA ILE A 1356 15.43 -26.68 -33.39
C ILE A 1356 14.45 -27.53 -34.18
N GLU A 1357 14.83 -28.78 -34.46
CA GLU A 1357 13.97 -29.73 -35.16
C GLU A 1357 13.50 -30.88 -34.27
N ASN A 1358 14.15 -31.11 -33.13
CA ASN A 1358 13.76 -32.10 -32.14
C ASN A 1358 14.21 -31.63 -30.76
N LYS A 1359 13.93 -32.44 -29.74
CA LYS A 1359 14.17 -32.05 -28.35
C LYS A 1359 15.68 -32.01 -28.04
N GLN A 1360 16.43 -32.97 -28.58
CA GLN A 1360 17.88 -32.92 -28.53
C GLN A 1360 18.40 -31.56 -29.01
N ASP A 1361 17.82 -31.04 -30.09
CA ASP A 1361 18.22 -29.74 -30.61
C ASP A 1361 18.01 -28.64 -29.59
N ALA A 1362 16.87 -28.68 -28.87
CA ALA A 1362 16.61 -27.65 -27.86
C ALA A 1362 17.65 -27.70 -26.73
N VAL A 1363 18.08 -28.91 -26.35
CA VAL A 1363 19.13 -29.01 -25.32
C VAL A 1363 20.46 -28.42 -25.82
N ASP A 1364 20.89 -28.84 -27.03
CA ASP A 1364 22.14 -28.28 -27.58
C ASP A 1364 22.06 -26.75 -27.69
N TYR A 1365 20.95 -26.24 -28.22
CA TYR A 1365 20.66 -24.81 -28.23
C TYR A 1365 20.93 -24.18 -26.86
N LEU A 1366 20.38 -24.80 -25.81
CA LEU A 1366 20.53 -24.20 -24.49
C LEU A 1366 22.00 -24.12 -24.08
N THR A 1367 22.82 -25.06 -24.54
CA THR A 1367 24.23 -24.99 -24.17
C THR A 1367 24.92 -23.72 -24.67
N TRP A 1368 24.35 -23.01 -25.63
CA TRP A 1368 25.02 -21.82 -26.15
C TRP A 1368 24.84 -20.58 -25.28
N THR A 1369 24.02 -20.65 -24.22
CA THR A 1369 23.44 -19.49 -23.57
C THR A 1369 24.16 -19.16 -22.27
N PHE A 1370 23.91 -17.95 -21.78
CA PHE A 1370 24.50 -17.55 -20.50
C PHE A 1370 23.89 -18.34 -19.36
N LEU A 1371 22.58 -18.59 -19.46
CA LEU A 1371 21.87 -19.43 -18.49
C LEU A 1371 22.64 -20.71 -18.22
N TYR A 1372 23.00 -21.44 -19.28
CA TYR A 1372 23.68 -22.72 -19.14
C TYR A 1372 25.00 -22.59 -18.40
N ARG A 1373 25.78 -21.57 -18.71
CA ARG A 1373 27.01 -21.33 -17.98
C ARG A 1373 26.72 -21.10 -16.49
N ARG A 1374 25.73 -20.25 -16.18
CA ARG A 1374 25.47 -19.92 -14.79
C ARG A 1374 24.88 -21.09 -14.01
N MET A 1375 24.29 -22.05 -14.70
CA MET A 1375 23.73 -23.20 -13.99
C MET A 1375 24.79 -24.03 -13.27
N THR A 1376 26.01 -24.13 -13.82
CA THR A 1376 27.06 -24.84 -13.10
C THR A 1376 27.74 -23.99 -12.04
N GLN A 1377 27.69 -22.66 -12.15
CA GLN A 1377 28.32 -21.79 -11.15
C GLN A 1377 27.43 -21.50 -9.96
N ASN A 1378 26.11 -21.45 -10.14
CA ASN A 1378 25.20 -21.07 -9.06
C ASN A 1378 23.94 -21.93 -9.11
N PRO A 1379 24.07 -23.24 -8.90
CA PRO A 1379 22.94 -24.14 -9.21
C PRO A 1379 21.64 -23.79 -8.48
N ASN A 1380 21.71 -23.47 -7.17
CA ASN A 1380 20.48 -23.20 -6.42
C ASN A 1380 19.66 -22.06 -7.03
N TYR A 1381 20.32 -21.08 -7.68
CA TYR A 1381 19.60 -19.98 -8.29
C TYR A 1381 18.63 -20.44 -9.37
N TYR A 1382 18.95 -21.55 -10.04
CA TYR A 1382 18.16 -22.07 -11.15
C TYR A 1382 17.42 -23.34 -10.77
N ASN A 1383 17.37 -23.64 -9.48
CA ASN A 1383 16.74 -24.84 -8.92
C ASN A 1383 17.42 -26.13 -9.38
N LEU A 1384 18.75 -26.14 -9.31
CA LEU A 1384 19.54 -27.35 -9.40
C LEU A 1384 20.05 -27.67 -8.02
N GLN A 1385 20.24 -28.96 -7.73
CA GLN A 1385 20.80 -29.37 -6.46
C GLN A 1385 22.19 -30.00 -6.62
N GLY A 1386 22.73 -30.01 -7.84
CA GLY A 1386 24.12 -30.37 -8.08
C GLY A 1386 24.54 -29.83 -9.42
N ILE A 1387 25.87 -29.86 -9.66
CA ILE A 1387 26.43 -29.42 -10.94
C ILE A 1387 26.91 -30.59 -11.78
N SER A 1388 26.51 -31.82 -11.45
CA SER A 1388 26.95 -32.98 -12.21
C SER A 1388 26.34 -32.97 -13.61
N HIS A 1389 27.06 -33.61 -14.54
CA HIS A 1389 26.60 -33.69 -15.92
C HIS A 1389 25.13 -34.12 -16.00
N ARG A 1390 24.73 -35.07 -15.16
CA ARG A 1390 23.38 -35.61 -15.28
C ARG A 1390 22.33 -34.68 -14.68
N HIS A 1391 22.67 -33.99 -13.59
CA HIS A 1391 21.80 -32.92 -13.09
C HIS A 1391 21.50 -31.92 -14.19
N LEU A 1392 22.56 -31.45 -14.86
CA LEU A 1392 22.39 -30.49 -15.93
C LEU A 1392 21.52 -31.06 -17.03
N SER A 1393 21.81 -32.29 -17.46
CA SER A 1393 21.04 -32.90 -18.55
C SER A 1393 19.56 -33.03 -18.19
N ASP A 1394 19.26 -33.47 -16.97
CA ASP A 1394 17.86 -33.65 -16.60
C ASP A 1394 17.16 -32.30 -16.47
N HIS A 1395 17.86 -31.29 -15.97
CA HIS A 1395 17.26 -29.96 -15.83
C HIS A 1395 16.97 -29.34 -17.20
N LEU A 1396 17.96 -29.40 -18.10
CA LEU A 1396 17.74 -28.96 -19.46
C LEU A 1396 16.57 -29.69 -20.08
N SER A 1397 16.49 -31.01 -19.88
CA SER A 1397 15.42 -31.79 -20.47
C SER A 1397 14.07 -31.36 -19.93
N GLU A 1398 13.97 -31.09 -18.62
CA GLU A 1398 12.70 -30.65 -18.06
C GLU A 1398 12.28 -29.31 -18.65
N LEU A 1399 13.20 -28.34 -18.68
CA LEU A 1399 12.89 -27.04 -19.27
C LEU A 1399 12.43 -27.19 -20.71
N VAL A 1400 13.17 -27.97 -21.49
CA VAL A 1400 12.80 -28.21 -22.87
C VAL A 1400 11.42 -28.83 -22.97
N GLU A 1401 11.18 -29.84 -22.14
CA GLU A 1401 9.92 -30.59 -22.19
C GLU A 1401 8.74 -29.68 -21.89
N GLN A 1402 8.83 -28.89 -20.83
CA GLN A 1402 7.68 -28.08 -20.46
C GLN A 1402 7.44 -26.94 -21.46
N THR A 1403 8.53 -26.35 -22.01
CA THR A 1403 8.37 -25.32 -23.03
C THR A 1403 7.73 -25.88 -24.31
N LEU A 1404 8.18 -27.04 -24.76
CA LEU A 1404 7.62 -27.61 -25.99
C LEU A 1404 6.20 -28.11 -25.76
N SER A 1405 5.89 -28.56 -24.55
CA SER A 1405 4.52 -28.92 -24.21
C SER A 1405 3.60 -27.71 -24.29
N ASP A 1406 4.04 -26.57 -23.76
CA ASP A 1406 3.21 -25.36 -23.84
C ASP A 1406 3.03 -24.92 -25.28
N LEU A 1407 4.10 -24.95 -26.07
CA LEU A 1407 3.95 -24.58 -27.48
C LEU A 1407 2.96 -25.50 -28.18
N GLU A 1408 3.03 -26.82 -27.93
CA GLU A 1408 2.14 -27.76 -28.59
C GLU A 1408 0.70 -27.53 -28.19
N GLN A 1409 0.44 -27.38 -26.88
CA GLN A 1409 -0.92 -27.16 -26.40
C GLN A 1409 -1.51 -25.87 -26.98
N SER A 1410 -0.68 -24.89 -27.31
CA SER A 1410 -1.13 -23.66 -27.95
C SER A 1410 -1.32 -23.80 -29.46
N LYS A 1411 -1.05 -24.98 -30.04
CA LYS A 1411 -1.15 -25.20 -31.49
C LYS A 1411 -0.13 -24.36 -32.29
N CYS A 1412 0.99 -24.02 -31.65
CA CYS A 1412 2.09 -23.33 -32.33
C CYS A 1412 3.07 -24.27 -32.98
N ILE A 1413 3.28 -25.45 -32.38
CA ILE A 1413 4.13 -26.47 -32.94
C ILE A 1413 3.40 -27.82 -32.86
N SER A 1414 3.90 -28.79 -33.60
CA SER A 1414 3.51 -30.18 -33.46
C SER A 1414 4.68 -30.98 -32.92
N ILE A 1415 4.35 -32.10 -32.28
CA ILE A 1415 5.33 -33.08 -31.80
C ILE A 1415 4.92 -34.45 -32.30
N GLU A 1416 5.78 -35.07 -33.11
CA GLU A 1416 5.59 -36.41 -33.64
C GLU A 1416 6.57 -37.37 -32.96
N ASP A 1417 6.06 -38.56 -32.63
CA ASP A 1417 6.85 -39.62 -31.98
C ASP A 1417 7.47 -39.12 -30.68
N GLU A 1418 6.83 -38.13 -30.06
CA GLU A 1418 7.29 -37.46 -28.84
C GLU A 1418 8.72 -36.94 -28.95
N MET A 1419 9.31 -36.96 -30.14
CA MET A 1419 10.68 -36.50 -30.32
C MET A 1419 10.78 -35.31 -31.26
N ASP A 1420 10.18 -35.39 -32.44
CA ASP A 1420 10.42 -34.39 -33.45
C ASP A 1420 9.38 -33.30 -33.36
N VAL A 1421 9.79 -32.06 -33.62
CA VAL A 1421 8.91 -30.91 -33.52
C VAL A 1421 8.89 -30.20 -34.86
N ALA A 1422 7.77 -29.54 -35.13
CA ALA A 1422 7.65 -28.83 -36.40
C ALA A 1422 6.80 -27.59 -36.18
N PRO A 1423 7.03 -26.54 -36.96
CA PRO A 1423 6.20 -25.34 -36.83
C PRO A 1423 4.79 -25.54 -37.36
N LEU A 1424 3.84 -24.91 -36.70
CA LEU A 1424 2.47 -24.85 -37.16
C LEU A 1424 2.13 -23.42 -37.59
N ASN A 1425 0.94 -23.27 -38.21
CA ASN A 1425 0.50 -21.98 -38.72
C ASN A 1425 0.65 -20.88 -37.67
N LEU A 1426 0.09 -21.10 -36.48
CA LEU A 1426 0.10 -20.08 -35.43
C LEU A 1426 1.52 -19.73 -35.00
N GLY A 1427 2.36 -20.75 -34.81
CA GLY A 1427 3.75 -20.48 -34.46
C GLY A 1427 4.46 -19.67 -35.52
N MET A 1428 4.18 -19.95 -36.80
CA MET A 1428 4.80 -19.20 -37.89
C MET A 1428 4.38 -17.72 -37.86
N ILE A 1429 3.10 -17.45 -37.58
CA ILE A 1429 2.64 -16.07 -37.49
C ILE A 1429 3.24 -15.37 -36.26
N ALA A 1430 3.30 -16.07 -35.13
CA ALA A 1430 3.93 -15.51 -33.94
C ALA A 1430 5.37 -15.11 -34.24
N ALA A 1431 6.12 -16.00 -34.87
CA ALA A 1431 7.53 -15.75 -35.15
C ALA A 1431 7.72 -14.63 -36.17
N TYR A 1432 6.89 -14.59 -37.23
CA TYR A 1432 7.06 -13.58 -38.27
C TYR A 1432 6.75 -12.18 -37.75
N TYR A 1433 5.61 -12.00 -37.07
CA TYR A 1433 5.27 -10.67 -36.61
C TYR A 1433 5.89 -10.33 -35.25
N TYR A 1434 6.67 -11.25 -34.67
CA TYR A 1434 7.34 -11.03 -33.40
C TYR A 1434 6.31 -10.71 -32.32
N ILE A 1435 5.42 -11.67 -32.10
CA ILE A 1435 4.27 -11.51 -31.23
C ILE A 1435 4.28 -12.68 -30.24
N ASN A 1436 3.94 -12.37 -28.99
CA ASN A 1436 3.89 -13.34 -27.90
C ASN A 1436 3.00 -14.51 -28.29
N TYR A 1437 3.48 -15.73 -28.04
CA TYR A 1437 2.71 -16.90 -28.45
C TYR A 1437 1.35 -16.95 -27.75
N THR A 1438 1.28 -16.47 -26.50
CA THR A 1438 -0.02 -16.40 -25.82
C THR A 1438 -0.95 -15.41 -26.50
N THR A 1439 -0.41 -14.31 -27.04
CA THR A 1439 -1.24 -13.36 -27.78
C THR A 1439 -1.89 -14.02 -28.99
N ILE A 1440 -1.09 -14.74 -29.78
CA ILE A 1440 -1.62 -15.37 -31.00
C ILE A 1440 -2.60 -16.48 -30.65
N GLU A 1441 -2.33 -17.23 -29.58
CA GLU A 1441 -3.30 -18.18 -29.05
C GLU A 1441 -4.63 -17.49 -28.77
N LEU A 1442 -4.59 -16.42 -27.96
CA LEU A 1442 -5.81 -15.70 -27.59
C LEU A 1442 -6.50 -15.11 -28.81
N PHE A 1443 -5.74 -14.77 -29.86
CA PHE A 1443 -6.36 -14.34 -31.11
C PHE A 1443 -7.13 -15.48 -31.76
N SER A 1444 -6.55 -16.68 -31.78
CA SER A 1444 -7.26 -17.82 -32.35
C SER A 1444 -8.52 -18.13 -31.55
N MET A 1445 -8.44 -18.04 -30.23
CA MET A 1445 -9.59 -18.39 -29.39
C MET A 1445 -10.67 -17.30 -29.40
N SER A 1446 -10.29 -16.04 -29.61
CA SER A 1446 -11.25 -14.95 -29.51
C SER A 1446 -11.92 -14.63 -30.83
N LEU A 1447 -11.25 -14.84 -31.96
CA LEU A 1447 -11.78 -14.37 -33.23
C LEU A 1447 -12.85 -15.32 -33.76
N ASN A 1448 -13.53 -14.88 -34.81
CA ASN A 1448 -14.68 -15.57 -35.37
C ASN A 1448 -14.72 -15.28 -36.86
N ALA A 1449 -15.41 -16.16 -37.59
CA ALA A 1449 -15.53 -16.06 -39.04
C ALA A 1449 -16.34 -14.82 -39.44
N LYS A 1450 -16.90 -14.12 -38.44
CA LYS A 1450 -17.65 -12.88 -38.65
C LYS A 1450 -17.54 -12.04 -37.38
N THR A 1451 -16.32 -11.57 -37.10
CA THR A 1451 -16.08 -10.70 -35.95
C THR A 1451 -16.17 -9.25 -36.39
N LYS A 1452 -16.79 -8.42 -35.55
CA LYS A 1452 -16.96 -7.02 -35.88
C LYS A 1452 -15.60 -6.31 -35.88
N VAL A 1453 -15.56 -5.16 -36.58
CA VAL A 1453 -14.38 -4.31 -36.54
C VAL A 1453 -14.02 -3.97 -35.10
N ARG A 1454 -15.03 -3.68 -34.29
CA ARG A 1454 -14.82 -3.42 -32.87
C ARG A 1454 -14.41 -4.67 -32.12
N GLY A 1455 -14.90 -5.83 -32.56
CA GLY A 1455 -14.40 -7.09 -32.02
C GLY A 1455 -12.89 -7.19 -32.15
N LEU A 1456 -12.38 -6.91 -33.35
CA LEU A 1456 -10.94 -6.78 -33.55
C LEU A 1456 -10.34 -5.75 -32.61
N ILE A 1457 -11.00 -4.59 -32.48
CA ILE A 1457 -10.48 -3.49 -31.67
C ILE A 1457 -10.17 -3.96 -30.25
N GLU A 1458 -11.06 -4.78 -29.68
CA GLU A 1458 -10.84 -5.29 -28.33
C GLU A 1458 -9.86 -6.47 -28.32
N ILE A 1459 -10.05 -7.40 -29.27
CA ILE A 1459 -9.21 -8.61 -29.32
C ILE A 1459 -7.74 -8.23 -29.29
N ILE A 1460 -7.34 -7.35 -30.22
CA ILE A 1460 -5.97 -6.89 -30.24
C ILE A 1460 -5.62 -6.09 -28.98
N SER A 1461 -6.62 -5.53 -28.31
CA SER A 1461 -6.32 -4.72 -27.13
C SER A 1461 -5.92 -5.59 -25.96
N ASN A 1462 -6.40 -6.83 -25.92
CA ASN A 1462 -6.04 -7.73 -24.83
C ASN A 1462 -4.79 -8.57 -25.13
N ALA A 1463 -3.98 -8.15 -26.09
CA ALA A 1463 -2.72 -8.81 -26.36
C ALA A 1463 -1.76 -8.63 -25.19
N ALA A 1464 -0.90 -9.65 -25.00
CA ALA A 1464 0.08 -9.61 -23.93
C ALA A 1464 1.06 -8.45 -24.08
N GLU A 1465 1.15 -7.87 -25.28
CA GLU A 1465 2.10 -6.77 -25.54
C GLU A 1465 1.72 -5.47 -24.84
N TYR A 1466 0.70 -5.43 -23.98
CA TYR A 1466 0.07 -4.19 -23.56
C TYR A 1466 -0.12 -4.15 -22.05
N GLU A 1467 0.94 -4.31 -21.28
CA GLU A 1467 0.88 -4.23 -19.81
C GLU A 1467 1.86 -3.15 -19.34
N ASN A 1468 1.52 -1.87 -19.60
CA ASN A 1468 2.52 -0.81 -19.52
C ASN A 1468 2.05 0.54 -18.99
N ILE A 1469 0.76 0.79 -18.79
CA ILE A 1469 0.36 2.13 -18.36
C ILE A 1469 -0.50 2.06 -17.09
N PRO A 1470 0.02 2.45 -15.94
CA PRO A 1470 -0.82 2.54 -14.75
C PRO A 1470 -0.77 3.88 -14.05
N ILE A 1471 -0.31 4.93 -14.74
CA ILE A 1471 -0.01 6.17 -14.04
C ILE A 1471 -1.24 6.73 -13.33
N ARG A 1472 -2.42 6.65 -13.97
CA ARG A 1472 -3.60 7.30 -13.42
C ARG A 1472 -4.84 6.41 -13.57
N HIS A 1473 -5.42 6.00 -12.43
CA HIS A 1473 -6.72 5.35 -12.45
C HIS A 1473 -7.83 6.36 -12.72
N HIS A 1474 -7.67 7.58 -12.19
CA HIS A 1474 -8.71 8.59 -12.34
C HIS A 1474 -8.84 9.04 -13.79
N GLU A 1475 -7.78 8.92 -14.57
CA GLU A 1475 -7.94 9.17 -16.00
C GLU A 1475 -8.87 8.13 -16.62
N ASP A 1476 -8.84 6.90 -16.11
CA ASP A 1476 -9.78 5.90 -16.62
C ASP A 1476 -11.17 6.10 -16.02
N ASN A 1477 -11.25 6.70 -14.83
CA ASN A 1477 -12.58 7.07 -14.33
C ASN A 1477 -13.18 8.21 -15.15
N LEU A 1478 -12.33 9.09 -15.70
CA LEU A 1478 -12.76 10.07 -16.69
C LEU A 1478 -13.02 9.42 -18.05
N LEU A 1479 -12.30 8.35 -18.36
CA LEU A 1479 -12.57 7.57 -19.55
C LEU A 1479 -13.87 6.78 -19.44
N ARG A 1480 -14.42 6.62 -18.22
CA ARG A 1480 -15.77 6.09 -18.10
C ARG A 1480 -16.76 6.96 -18.86
N GLN A 1481 -16.56 8.28 -18.81
CA GLN A 1481 -17.34 9.20 -19.63
C GLN A 1481 -16.83 9.22 -21.07
N LEU A 1482 -15.51 9.17 -21.27
CA LEU A 1482 -14.97 9.11 -22.63
C LEU A 1482 -15.47 7.89 -23.40
N ALA A 1483 -15.87 6.82 -22.70
CA ALA A 1483 -16.26 5.58 -23.34
C ALA A 1483 -17.65 5.66 -23.94
N GLN A 1484 -18.48 6.61 -23.50
CA GLN A 1484 -19.79 6.77 -24.10
C GLN A 1484 -19.68 7.29 -25.53
N LYS A 1485 -18.72 8.20 -25.78
CA LYS A 1485 -18.59 8.81 -27.09
C LYS A 1485 -18.05 7.84 -28.13
N VAL A 1486 -17.20 6.90 -27.72
CA VAL A 1486 -16.52 6.05 -28.70
C VAL A 1486 -17.56 5.20 -29.43
N PRO A 1487 -17.52 5.13 -30.76
CA PRO A 1487 -18.60 4.44 -31.49
C PRO A 1487 -18.65 2.94 -31.23
N HIS A 1488 -17.58 2.35 -30.68
CA HIS A 1488 -17.54 0.92 -30.45
C HIS A 1488 -18.09 0.59 -29.06
N LYS A 1489 -18.73 -0.58 -28.96
CA LYS A 1489 -19.52 -0.95 -27.79
C LYS A 1489 -19.08 -2.32 -27.27
N LEU A 1490 -18.89 -2.42 -25.96
CA LEU A 1490 -18.50 -3.68 -25.31
C LEU A 1490 -19.19 -3.77 -23.95
N ASN A 1491 -18.71 -4.72 -23.13
CA ASN A 1491 -19.45 -5.11 -21.92
C ASN A 1491 -19.20 -4.18 -20.74
N ASN A 1492 -17.95 -4.04 -20.29
CA ASN A 1492 -17.75 -3.36 -19.02
C ASN A 1492 -16.53 -2.45 -19.04
N PRO A 1493 -16.55 -1.37 -18.25
CA PRO A 1493 -15.34 -0.58 -18.00
C PRO A 1493 -14.73 -0.89 -16.64
N LYS A 1494 -13.51 -1.39 -16.60
CA LYS A 1494 -12.81 -1.71 -15.36
C LYS A 1494 -11.42 -1.08 -15.43
N PHE A 1495 -11.25 0.07 -14.77
CA PHE A 1495 -9.95 0.74 -14.72
C PHE A 1495 -8.92 -0.13 -14.02
N ASN A 1496 -7.67 0.37 -13.94
CA ASN A 1496 -6.57 -0.31 -13.27
C ASN A 1496 -6.10 -1.55 -14.05
N ASP A 1497 -6.29 -1.53 -15.37
CA ASP A 1497 -5.91 -2.65 -16.25
C ASP A 1497 -5.28 -2.07 -17.51
N PRO A 1498 -3.98 -2.27 -17.74
CA PRO A 1498 -3.34 -1.63 -18.91
C PRO A 1498 -4.07 -1.89 -20.22
N HIS A 1499 -4.77 -3.03 -20.34
CA HIS A 1499 -5.47 -3.33 -21.58
C HIS A 1499 -6.66 -2.41 -21.81
N VAL A 1500 -7.29 -1.89 -20.75
CA VAL A 1500 -8.41 -0.97 -20.97
C VAL A 1500 -7.90 0.42 -21.35
N LYS A 1501 -6.79 0.86 -20.76
CA LYS A 1501 -6.12 2.05 -21.25
C LYS A 1501 -5.82 1.93 -22.74
N THR A 1502 -5.36 0.76 -23.18
CA THR A 1502 -5.13 0.56 -24.61
C THR A 1502 -6.44 0.62 -25.39
N ASN A 1503 -7.44 -0.17 -24.94
CA ASN A 1503 -8.76 -0.20 -25.56
C ASN A 1503 -9.30 1.19 -25.87
N LEU A 1504 -9.13 2.12 -24.93
CA LEU A 1504 -9.71 3.46 -25.07
C LEU A 1504 -8.78 4.44 -25.77
N LEU A 1505 -7.49 4.41 -25.41
CA LEU A 1505 -6.49 5.25 -26.05
C LEU A 1505 -6.39 4.98 -27.54
N LEU A 1506 -6.92 3.85 -28.01
CA LEU A 1506 -6.99 3.63 -29.45
C LEU A 1506 -8.17 4.39 -30.07
N GLN A 1507 -9.37 4.23 -29.50
CA GLN A 1507 -10.52 4.97 -30.00
C GLN A 1507 -10.25 6.47 -29.99
N ALA A 1508 -9.46 6.93 -29.02
CA ALA A 1508 -9.02 8.32 -29.03
C ALA A 1508 -8.25 8.65 -30.29
N HIS A 1509 -7.39 7.73 -30.74
CA HIS A 1509 -6.61 7.94 -31.95
C HIS A 1509 -7.49 7.98 -33.19
N LEU A 1510 -8.37 6.99 -33.34
CA LEU A 1510 -9.13 6.87 -34.59
C LEU A 1510 -10.15 8.00 -34.75
N SER A 1511 -10.60 8.58 -33.64
CA SER A 1511 -11.49 9.73 -33.69
C SER A 1511 -10.76 11.03 -33.30
N ARG A 1512 -9.42 11.04 -33.42
CA ARG A 1512 -8.61 12.24 -33.23
C ARG A 1512 -9.01 13.01 -31.97
N MET A 1513 -9.14 12.30 -30.85
CA MET A 1513 -9.77 12.84 -29.65
C MET A 1513 -8.73 13.42 -28.70
N GLN A 1514 -8.79 14.75 -28.53
CA GLN A 1514 -8.20 15.49 -27.41
C GLN A 1514 -6.67 15.35 -27.42
N LEU A 1515 -6.07 15.44 -26.25
CA LEU A 1515 -4.62 15.52 -26.12
C LEU A 1515 -4.23 15.10 -24.71
N SER A 1516 -2.92 15.06 -24.48
CA SER A 1516 -2.30 15.00 -23.15
C SER A 1516 -0.80 15.13 -23.32
N ALA A 1517 -0.05 14.78 -22.29
CA ALA A 1517 1.40 14.90 -22.36
C ALA A 1517 2.04 13.53 -22.29
N GLU A 1518 2.08 12.96 -21.09
CA GLU A 1518 2.58 11.60 -20.91
C GLU A 1518 1.65 10.58 -21.56
N LEU A 1519 0.34 10.84 -21.51
CA LEU A 1519 -0.60 9.96 -22.15
C LEU A 1519 -0.42 9.92 -23.66
N GLN A 1520 0.15 10.96 -24.28
CA GLN A 1520 0.42 10.90 -25.71
C GLN A 1520 1.65 10.06 -26.03
N SER A 1521 2.69 10.15 -25.20
CA SER A 1521 3.80 9.21 -25.33
C SER A 1521 3.33 7.78 -25.10
N ASP A 1522 2.24 7.58 -24.35
CA ASP A 1522 1.64 6.25 -24.23
C ASP A 1522 0.94 5.83 -25.52
N THR A 1523 0.13 6.73 -26.09
CA THR A 1523 -0.49 6.49 -27.39
C THR A 1523 0.53 6.03 -28.42
N GLU A 1524 1.70 6.66 -28.43
CA GLU A 1524 2.70 6.36 -29.45
C GLU A 1524 3.30 4.97 -29.28
N GLU A 1525 3.49 4.50 -28.05
CA GLU A 1525 3.98 3.14 -27.86
C GLU A 1525 2.92 2.08 -28.12
N ILE A 1526 1.63 2.41 -28.06
CA ILE A 1526 0.62 1.45 -28.52
C ILE A 1526 0.61 1.36 -30.04
N LEU A 1527 0.72 2.52 -30.70
CA LEU A 1527 0.77 2.55 -32.16
C LEU A 1527 2.02 1.85 -32.69
N SER A 1528 3.11 1.80 -31.91
CA SER A 1528 4.30 1.03 -32.29
C SER A 1528 4.07 -0.49 -32.43
N LYS A 1529 2.88 -1.02 -32.09
CA LYS A 1529 2.59 -2.46 -32.17
C LYS A 1529 1.28 -2.79 -32.90
N ALA A 1530 0.36 -1.82 -33.01
CA ALA A 1530 -0.94 -2.09 -33.62
C ALA A 1530 -0.84 -2.70 -35.02
N ILE A 1531 0.10 -2.25 -35.85
CA ILE A 1531 0.11 -2.75 -37.22
C ILE A 1531 0.47 -4.24 -37.26
N ARG A 1532 1.47 -4.67 -36.46
CA ARG A 1532 1.81 -6.08 -36.37
C ARG A 1532 0.64 -6.90 -35.88
N LEU A 1533 -0.03 -6.43 -34.83
CA LEU A 1533 -1.15 -7.21 -34.29
C LEU A 1533 -2.28 -7.35 -35.32
N ILE A 1534 -2.57 -6.28 -36.03
CA ILE A 1534 -3.62 -6.33 -37.06
C ILE A 1534 -3.24 -7.29 -38.18
N GLN A 1535 -1.98 -7.23 -38.64
CA GLN A 1535 -1.54 -8.14 -39.70
C GLN A 1535 -1.61 -9.60 -39.25
N ALA A 1536 -1.27 -9.87 -37.98
CA ALA A 1536 -1.41 -11.22 -37.46
C ALA A 1536 -2.86 -11.69 -37.54
N CYS A 1537 -3.81 -10.84 -37.12
CA CYS A 1537 -5.21 -11.22 -37.25
C CYS A 1537 -5.58 -11.47 -38.71
N VAL A 1538 -5.13 -10.61 -39.62
CA VAL A 1538 -5.41 -10.82 -41.05
C VAL A 1538 -4.92 -12.19 -41.48
N ASP A 1539 -3.72 -12.58 -41.05
CA ASP A 1539 -3.17 -13.89 -41.41
C ASP A 1539 -3.97 -15.03 -40.79
N VAL A 1540 -4.41 -14.88 -39.54
CA VAL A 1540 -5.20 -15.92 -38.90
C VAL A 1540 -6.51 -16.13 -39.64
N LEU A 1541 -7.21 -15.02 -39.96
CA LEU A 1541 -8.46 -15.10 -40.69
C LEU A 1541 -8.27 -15.72 -42.06
N SER A 1542 -7.23 -15.30 -42.78
CA SER A 1542 -6.97 -15.84 -44.12
C SER A 1542 -6.66 -17.33 -44.06
N SER A 1543 -5.87 -17.76 -43.06
CA SER A 1543 -5.52 -19.17 -42.94
C SER A 1543 -6.76 -20.01 -42.66
N ASN A 1544 -7.60 -19.57 -41.73
CA ASN A 1544 -8.83 -20.30 -41.48
C ASN A 1544 -9.75 -20.27 -42.70
N GLY A 1545 -9.82 -19.13 -43.39
CA GLY A 1545 -10.52 -19.06 -44.66
C GLY A 1545 -11.65 -18.04 -44.70
N TRP A 1546 -11.73 -17.23 -43.65
CA TRP A 1546 -12.86 -16.33 -43.42
C TRP A 1546 -12.55 -14.97 -44.05
N LEU A 1547 -13.34 -14.58 -45.07
CA LEU A 1547 -13.01 -13.42 -45.90
C LEU A 1547 -13.41 -12.09 -45.27
N SER A 1548 -14.65 -12.02 -44.75
CA SER A 1548 -15.22 -10.77 -44.24
C SER A 1548 -14.33 -10.11 -43.20
N PRO A 1549 -14.05 -10.75 -42.05
CA PRO A 1549 -13.22 -10.07 -41.03
C PRO A 1549 -11.79 -9.87 -41.50
N ALA A 1550 -11.30 -10.67 -42.45
CA ALA A 1550 -10.00 -10.44 -43.04
C ALA A 1550 -9.93 -9.04 -43.65
N LEU A 1551 -10.85 -8.74 -44.57
CA LEU A 1551 -10.86 -7.40 -45.16
C LEU A 1551 -11.18 -6.33 -44.12
N ALA A 1552 -12.01 -6.66 -43.13
CA ALA A 1552 -12.29 -5.70 -42.06
C ALA A 1552 -11.02 -5.31 -41.31
N ALA A 1553 -10.15 -6.28 -41.01
CA ALA A 1553 -8.88 -5.98 -40.34
C ALA A 1553 -7.90 -5.28 -41.27
N MET A 1554 -7.94 -5.63 -42.57
CA MET A 1554 -7.13 -4.92 -43.55
C MET A 1554 -7.45 -3.43 -43.57
N GLU A 1555 -8.72 -3.07 -43.44
CA GLU A 1555 -9.06 -1.65 -43.37
C GLU A 1555 -8.86 -1.08 -41.97
N LEU A 1556 -8.87 -1.91 -40.92
CA LEU A 1556 -8.48 -1.42 -39.60
C LEU A 1556 -7.02 -0.98 -39.57
N ALA A 1557 -6.16 -1.63 -40.37
CA ALA A 1557 -4.80 -1.11 -40.58
C ALA A 1557 -4.82 0.30 -41.16
N GLN A 1558 -5.66 0.53 -42.18
CA GLN A 1558 -5.83 1.86 -42.75
C GLN A 1558 -6.29 2.85 -41.68
N MET A 1559 -7.25 2.43 -40.85
CA MET A 1559 -7.80 3.29 -39.83
C MET A 1559 -6.73 3.69 -38.81
N VAL A 1560 -5.92 2.74 -38.36
CA VAL A 1560 -4.91 3.09 -37.36
C VAL A 1560 -3.84 3.97 -37.96
N THR A 1561 -3.50 3.77 -39.24
CA THR A 1561 -2.47 4.62 -39.84
C THR A 1561 -2.97 6.05 -40.05
N GLN A 1562 -4.12 6.21 -40.71
CA GLN A 1562 -4.59 7.53 -41.10
C GLN A 1562 -5.49 8.21 -40.06
N ALA A 1563 -5.80 7.52 -38.95
CA ALA A 1563 -6.61 8.04 -37.84
C ALA A 1563 -7.99 8.51 -38.33
N MET A 1564 -8.83 7.52 -38.65
CA MET A 1564 -10.20 7.78 -39.01
C MET A 1564 -10.99 6.49 -38.93
N TRP A 1565 -12.29 6.63 -38.70
CA TRP A 1565 -13.17 5.48 -38.54
C TRP A 1565 -13.66 4.99 -39.89
N SER A 1566 -14.86 4.42 -39.91
CA SER A 1566 -15.44 3.93 -41.14
C SER A 1566 -16.19 5.01 -41.91
N LYS A 1567 -15.98 6.29 -41.57
CA LYS A 1567 -16.58 7.38 -42.33
C LYS A 1567 -16.25 7.23 -43.80
N ASP A 1568 -17.29 7.17 -44.64
CA ASP A 1568 -17.10 6.96 -46.07
C ASP A 1568 -16.20 8.01 -46.69
N SER A 1569 -16.20 9.23 -46.14
CA SER A 1569 -15.42 10.32 -46.71
C SER A 1569 -13.95 10.19 -46.32
N TYR A 1570 -13.12 9.83 -47.30
CA TYR A 1570 -11.68 9.72 -47.15
C TYR A 1570 -10.99 11.06 -47.22
N LEU A 1571 -11.75 12.16 -47.27
CA LEU A 1571 -11.13 13.48 -47.32
C LEU A 1571 -10.49 13.87 -46.00
N LYS A 1572 -10.79 13.16 -44.91
CA LYS A 1572 -10.16 13.42 -43.63
C LYS A 1572 -8.67 13.05 -43.63
N GLN A 1573 -8.19 12.40 -44.70
CA GLN A 1573 -6.77 12.05 -44.84
C GLN A 1573 -5.93 13.23 -45.30
N LEU A 1574 -6.55 14.23 -45.95
CA LEU A 1574 -5.83 15.34 -46.55
C LEU A 1574 -5.35 16.32 -45.49
N PRO A 1575 -4.15 16.89 -45.65
CA PRO A 1575 -3.65 17.85 -44.66
C PRO A 1575 -4.49 19.12 -44.62
N HIS A 1576 -4.65 19.66 -43.40
CA HIS A 1576 -5.32 20.93 -43.12
C HIS A 1576 -6.81 20.92 -43.45
N PHE A 1577 -7.44 19.75 -43.49
CA PHE A 1577 -8.86 19.60 -43.81
C PHE A 1577 -9.71 19.53 -42.55
N THR A 1578 -10.89 20.15 -42.59
CA THR A 1578 -11.84 20.15 -41.47
C THR A 1578 -13.19 19.60 -41.93
N SER A 1579 -14.09 19.39 -40.96
CA SER A 1579 -15.42 18.89 -41.26
C SER A 1579 -16.15 19.80 -42.23
N GLU A 1580 -16.01 21.13 -42.05
CA GLU A 1580 -16.62 22.07 -42.99
C GLU A 1580 -16.00 21.93 -44.37
N HIS A 1581 -14.70 21.65 -44.44
CA HIS A 1581 -14.07 21.40 -45.73
C HIS A 1581 -14.74 20.22 -46.43
N ILE A 1582 -15.08 19.17 -45.66
CA ILE A 1582 -15.74 18.00 -46.26
C ILE A 1582 -17.19 18.31 -46.61
N LYS A 1583 -17.87 19.11 -45.77
CA LYS A 1583 -19.23 19.52 -46.09
C LYS A 1583 -19.27 20.31 -47.38
N ARG A 1584 -18.28 21.17 -47.59
CA ARG A 1584 -18.22 21.94 -48.83
C ARG A 1584 -17.83 21.06 -50.00
N CYS A 1585 -16.85 20.18 -49.82
CA CYS A 1585 -16.42 19.29 -50.91
C CYS A 1585 -17.55 18.35 -51.33
N THR A 1586 -18.23 17.76 -50.36
CA THR A 1586 -19.40 16.95 -50.64
C THR A 1586 -20.52 17.78 -51.24
N ASP A 1587 -20.63 19.06 -50.85
CA ASP A 1587 -21.63 19.94 -51.44
C ASP A 1587 -21.35 20.19 -52.93
N LYS A 1588 -20.08 20.20 -53.33
CA LYS A 1588 -19.71 20.44 -54.72
C LYS A 1588 -19.52 19.14 -55.52
N GLY A 1589 -19.67 17.98 -54.88
CA GLY A 1589 -19.56 16.71 -55.56
C GLY A 1589 -18.23 15.99 -55.38
N VAL A 1590 -17.42 16.39 -54.41
CA VAL A 1590 -16.10 15.82 -54.19
C VAL A 1590 -16.12 15.04 -52.89
N GLU A 1591 -15.95 13.71 -53.00
CA GLU A 1591 -15.77 12.87 -51.84
C GLU A 1591 -14.47 12.07 -51.88
N SER A 1592 -13.72 12.13 -52.98
CA SER A 1592 -12.53 11.32 -53.17
C SER A 1592 -11.29 12.22 -53.30
N VAL A 1593 -10.14 11.67 -52.87
CA VAL A 1593 -8.87 12.36 -53.05
C VAL A 1593 -8.60 12.59 -54.52
N PHE A 1594 -8.84 11.56 -55.34
CA PHE A 1594 -8.73 11.73 -56.79
C PHE A 1594 -9.66 12.82 -57.30
N ASP A 1595 -10.82 13.01 -56.63
CA ASP A 1595 -11.71 14.09 -57.03
C ASP A 1595 -11.06 15.46 -56.83
N ILE A 1596 -10.43 15.70 -55.67
CA ILE A 1596 -9.84 17.02 -55.46
C ILE A 1596 -8.67 17.23 -56.43
N MET A 1597 -7.90 16.18 -56.71
CA MET A 1597 -6.77 16.44 -57.61
C MET A 1597 -7.19 16.52 -59.06
N GLU A 1598 -8.39 16.02 -59.41
CA GLU A 1598 -8.91 16.23 -60.76
C GLU A 1598 -9.40 17.65 -60.99
N MET A 1599 -9.61 18.43 -59.93
CA MET A 1599 -10.15 19.77 -60.08
C MET A 1599 -9.14 20.69 -60.74
N GLU A 1600 -9.66 21.68 -61.46
CA GLU A 1600 -8.85 22.81 -61.85
C GLU A 1600 -8.40 23.57 -60.61
N ASP A 1601 -7.14 24.02 -60.63
CA ASP A 1601 -6.48 24.48 -59.41
C ASP A 1601 -7.26 25.59 -58.70
N GLU A 1602 -7.76 26.57 -59.46
CA GLU A 1602 -8.43 27.71 -58.84
C GLU A 1602 -9.79 27.33 -58.26
N GLU A 1603 -10.52 26.43 -58.93
CA GLU A 1603 -11.80 25.98 -58.38
C GLU A 1603 -11.59 25.29 -57.04
N ARG A 1604 -10.54 24.48 -56.94
CA ARG A 1604 -10.19 23.85 -55.67
C ARG A 1604 -9.79 24.89 -54.64
N ASN A 1605 -9.04 25.91 -55.06
CA ASN A 1605 -8.60 26.94 -54.13
C ASN A 1605 -9.78 27.78 -53.63
N ALA A 1606 -10.83 27.90 -54.44
CA ALA A 1606 -12.06 28.57 -54.01
C ALA A 1606 -12.92 27.67 -53.14
N LEU A 1607 -12.83 26.36 -53.34
CA LEU A 1607 -13.61 25.42 -52.56
C LEU A 1607 -13.07 25.29 -51.14
N LEU A 1608 -11.75 25.19 -50.99
CA LEU A 1608 -11.11 25.10 -49.70
C LEU A 1608 -10.41 26.42 -49.40
N GLN A 1609 -10.66 26.97 -48.22
CA GLN A 1609 -9.95 28.16 -47.82
C GLN A 1609 -8.52 27.78 -47.48
N LEU A 1610 -7.57 28.46 -48.12
CA LEU A 1610 -6.24 27.93 -48.35
C LEU A 1610 -5.16 28.91 -47.90
N THR A 1611 -4.04 28.35 -47.43
CA THR A 1611 -2.76 29.04 -47.36
C THR A 1611 -1.87 28.44 -48.44
N ASP A 1612 -0.75 29.11 -48.71
CA ASP A 1612 0.17 28.58 -49.72
C ASP A 1612 0.81 27.28 -49.25
N SER A 1613 1.40 27.30 -48.05
CA SER A 1613 1.99 26.09 -47.50
C SER A 1613 0.94 25.00 -47.31
N GLN A 1614 -0.31 25.39 -47.05
CA GLN A 1614 -1.34 24.39 -46.80
C GLN A 1614 -1.69 23.62 -48.07
N ILE A 1615 -1.90 24.33 -49.19
CA ILE A 1615 -2.14 23.62 -50.45
C ILE A 1615 -0.90 22.84 -50.88
N ALA A 1616 0.30 23.32 -50.53
CA ALA A 1616 1.50 22.55 -50.86
C ALA A 1616 1.56 21.24 -50.09
N ASP A 1617 1.15 21.25 -48.80
CA ASP A 1617 1.06 19.99 -48.06
C ASP A 1617 0.04 19.06 -48.68
N VAL A 1618 -1.14 19.60 -49.04
CA VAL A 1618 -2.19 18.81 -49.70
C VAL A 1618 -1.64 18.13 -50.95
N ALA A 1619 -0.90 18.89 -51.75
CA ALA A 1619 -0.39 18.37 -53.03
C ALA A 1619 0.73 17.36 -52.81
N ARG A 1620 1.56 17.54 -51.77
CA ARG A 1620 2.52 16.50 -51.40
C ARG A 1620 1.81 15.18 -51.15
N PHE A 1621 0.76 15.23 -50.32
CA PHE A 1621 -0.02 14.03 -50.05
C PHE A 1621 -0.59 13.42 -51.33
N CYS A 1622 -1.19 14.27 -52.17
CA CYS A 1622 -1.80 13.77 -53.41
C CYS A 1622 -0.78 13.19 -54.38
N ASN A 1623 0.48 13.64 -54.31
CA ASN A 1623 1.52 13.08 -55.14
C ASN A 1623 2.08 11.78 -54.55
N ARG A 1624 2.07 11.61 -53.23
CA ARG A 1624 2.42 10.33 -52.65
C ARG A 1624 1.24 9.36 -52.57
N TYR A 1625 0.02 9.84 -52.80
CA TYR A 1625 -1.17 8.99 -52.69
C TYR A 1625 -1.18 7.93 -53.79
N PRO A 1626 -1.46 6.67 -53.48
CA PRO A 1626 -1.37 5.61 -54.49
C PRO A 1626 -2.43 5.76 -55.59
N ASN A 1627 -1.99 5.64 -56.84
CA ASN A 1627 -2.85 5.67 -58.01
C ASN A 1627 -2.51 4.44 -58.87
N ILE A 1628 -2.80 3.27 -58.35
CA ILE A 1628 -2.34 2.01 -58.94
C ILE A 1628 -3.36 1.50 -59.95
N GLU A 1629 -2.90 1.26 -61.18
CA GLU A 1629 -3.70 0.56 -62.17
C GLU A 1629 -3.39 -0.93 -62.08
N LEU A 1630 -4.45 -1.74 -62.14
CA LEU A 1630 -4.38 -3.18 -61.91
C LEU A 1630 -4.92 -3.93 -63.12
N SER A 1631 -4.26 -5.04 -63.46
CA SER A 1631 -4.79 -5.96 -64.45
C SER A 1631 -4.67 -7.39 -63.93
N TYR A 1632 -5.70 -8.20 -64.15
CA TYR A 1632 -5.71 -9.60 -63.75
C TYR A 1632 -5.84 -10.47 -64.99
N GLU A 1633 -5.03 -11.53 -65.06
CA GLU A 1633 -5.07 -12.51 -66.14
C GLU A 1633 -5.19 -13.90 -65.51
N VAL A 1634 -6.23 -14.63 -65.89
CA VAL A 1634 -6.43 -15.99 -65.41
C VAL A 1634 -5.83 -16.92 -66.46
N VAL A 1635 -4.71 -17.58 -66.12
CA VAL A 1635 -4.11 -18.51 -67.07
C VAL A 1635 -4.99 -19.74 -67.19
N ASP A 1636 -4.98 -20.35 -68.39
CA ASP A 1636 -5.85 -21.47 -68.72
C ASP A 1636 -7.31 -21.13 -68.45
N LYS A 1637 -7.73 -19.96 -68.96
CA LYS A 1637 -9.05 -19.43 -68.64
C LYS A 1637 -10.16 -20.41 -69.01
N ASP A 1638 -9.94 -21.25 -70.03
CA ASP A 1638 -10.92 -22.20 -70.51
C ASP A 1638 -10.35 -23.62 -70.62
N SER A 1639 -9.47 -24.00 -69.68
CA SER A 1639 -8.94 -25.38 -69.63
C SER A 1639 -8.46 -25.65 -68.20
N ILE A 1640 -9.41 -25.82 -67.29
CA ILE A 1640 -9.14 -26.08 -65.87
C ILE A 1640 -10.17 -27.07 -65.32
N ARG A 1641 -9.69 -28.11 -64.65
CA ARG A 1641 -10.54 -29.18 -64.13
C ARG A 1641 -10.59 -29.08 -62.60
N SER A 1642 -11.73 -29.47 -62.03
CA SER A 1642 -11.94 -29.35 -60.60
C SER A 1642 -10.84 -30.07 -59.83
N GLY A 1643 -10.45 -29.49 -58.68
CA GLY A 1643 -9.31 -29.97 -57.95
C GLY A 1643 -7.97 -29.66 -58.58
N GLY A 1644 -7.93 -28.67 -59.48
CA GLY A 1644 -6.73 -28.38 -60.23
C GLY A 1644 -6.31 -26.92 -60.18
N PRO A 1645 -5.23 -26.58 -60.90
CA PRO A 1645 -4.58 -25.27 -60.72
C PRO A 1645 -5.34 -24.13 -61.38
N VAL A 1646 -5.74 -23.15 -60.56
CA VAL A 1646 -6.15 -21.83 -60.99
C VAL A 1646 -5.01 -20.88 -60.62
N VAL A 1647 -4.31 -20.39 -61.62
CA VAL A 1647 -3.14 -19.54 -61.47
C VAL A 1647 -3.52 -18.18 -62.01
N VAL A 1648 -3.69 -17.20 -61.11
CA VAL A 1648 -4.06 -15.85 -61.50
C VAL A 1648 -2.83 -14.97 -61.38
N LEU A 1649 -2.47 -14.27 -62.46
CA LEU A 1649 -1.35 -13.35 -62.45
C LEU A 1649 -1.89 -11.92 -62.49
N VAL A 1650 -1.52 -11.13 -61.49
CA VAL A 1650 -1.98 -9.74 -61.36
C VAL A 1650 -0.78 -8.82 -61.50
N GLN A 1651 -0.98 -7.72 -62.22
CA GLN A 1651 0.06 -6.77 -62.56
C GLN A 1651 -0.36 -5.39 -62.05
N LEU A 1652 0.60 -4.68 -61.45
CA LEU A 1652 0.35 -3.45 -60.71
C LEU A 1652 1.31 -2.36 -61.15
N GLU A 1653 0.75 -1.25 -61.66
CA GLU A 1653 1.52 -0.11 -62.13
C GLU A 1653 1.16 1.12 -61.30
N ARG A 1654 2.15 1.69 -60.60
CA ARG A 1654 1.87 2.83 -59.73
C ARG A 1654 1.47 4.07 -60.51
N GLU A 1655 1.96 4.23 -61.74
CA GLU A 1655 1.87 5.50 -62.46
C GLU A 1655 2.52 6.59 -61.64
N GLU A 1656 2.46 7.83 -62.13
CA GLU A 1656 3.13 8.96 -61.48
C GLU A 1656 4.54 8.51 -61.11
N GLU A 1657 5.01 8.76 -59.89
CA GLU A 1657 6.30 8.28 -59.41
C GLU A 1657 6.22 8.11 -57.90
N VAL A 1658 7.07 7.22 -57.36
CA VAL A 1658 7.06 6.92 -55.93
C VAL A 1658 8.50 6.83 -55.44
N THR A 1659 8.86 7.70 -54.48
CA THR A 1659 10.13 7.61 -53.79
C THR A 1659 10.05 8.01 -52.32
N GLY A 1660 8.86 8.19 -51.75
CA GLY A 1660 8.75 8.64 -50.39
C GLY A 1660 7.92 7.71 -49.52
N PRO A 1661 8.27 7.65 -48.23
CA PRO A 1661 7.46 6.86 -47.29
C PRO A 1661 6.01 7.29 -47.28
N VAL A 1662 5.21 6.51 -46.56
CA VAL A 1662 3.79 6.82 -46.41
C VAL A 1662 3.63 8.12 -45.62
N ILE A 1663 2.91 9.07 -46.19
CA ILE A 1663 2.48 10.23 -45.43
C ILE A 1663 1.37 9.78 -44.47
N ALA A 1664 1.55 10.09 -43.19
CA ALA A 1664 0.57 9.78 -42.15
C ALA A 1664 0.96 10.48 -40.86
N PRO A 1665 0.57 11.75 -40.69
CA PRO A 1665 1.07 12.51 -39.53
C PRO A 1665 0.66 11.91 -38.19
N LEU A 1666 -0.58 11.46 -38.06
CA LEU A 1666 -1.05 10.87 -36.80
C LEU A 1666 -0.35 9.56 -36.46
N PHE A 1667 0.45 8.99 -37.39
CA PHE A 1667 1.13 7.73 -37.07
C PHE A 1667 2.60 7.99 -36.83
N PRO A 1668 3.15 7.56 -35.69
CA PRO A 1668 4.48 8.03 -35.29
C PRO A 1668 5.61 7.45 -36.13
N GLN A 1669 5.63 6.13 -36.25
CA GLN A 1669 6.70 5.46 -36.99
C GLN A 1669 6.52 5.67 -38.50
N LYS A 1670 7.64 5.78 -39.21
CA LYS A 1670 7.59 5.83 -40.66
C LYS A 1670 7.25 4.45 -41.21
N ARG A 1671 6.53 4.44 -42.35
CA ARG A 1671 6.02 3.21 -42.92
C ARG A 1671 6.17 3.25 -44.43
N GLU A 1672 6.26 2.06 -45.03
CA GLU A 1672 6.10 1.93 -46.47
C GLU A 1672 4.77 1.25 -46.79
N GLU A 1673 4.21 1.64 -47.94
CA GLU A 1673 2.89 1.17 -48.36
C GLU A 1673 2.89 -0.32 -48.63
N GLY A 1674 1.93 -1.03 -48.04
CA GLY A 1674 1.79 -2.47 -48.23
C GLY A 1674 0.42 -2.81 -48.78
N TRP A 1675 0.35 -3.93 -49.51
CA TRP A 1675 -0.87 -4.29 -50.21
C TRP A 1675 -1.14 -5.77 -50.02
N TRP A 1676 -2.42 -6.12 -49.91
CA TRP A 1676 -2.85 -7.51 -50.02
C TRP A 1676 -3.70 -7.67 -51.27
N VAL A 1677 -3.34 -8.64 -52.12
CA VAL A 1677 -4.26 -9.15 -53.15
C VAL A 1677 -4.96 -10.38 -52.58
N VAL A 1678 -6.29 -10.35 -52.59
CA VAL A 1678 -7.09 -11.45 -52.04
C VAL A 1678 -8.21 -11.79 -53.01
N ILE A 1679 -8.21 -13.03 -53.51
CA ILE A 1679 -9.33 -13.61 -54.25
C ILE A 1679 -10.25 -14.30 -53.25
N GLY A 1680 -11.55 -13.95 -53.32
CA GLY A 1680 -12.54 -14.55 -52.45
C GLY A 1680 -13.92 -14.55 -53.09
N ASP A 1681 -14.90 -15.01 -52.30
CA ASP A 1681 -16.30 -15.06 -52.70
C ASP A 1681 -17.17 -14.56 -51.56
N ALA A 1682 -18.01 -13.56 -51.85
CA ALA A 1682 -18.87 -12.97 -50.84
C ALA A 1682 -20.13 -13.82 -50.66
N LYS A 1683 -20.83 -13.55 -49.53
CA LYS A 1683 -22.01 -14.29 -49.08
C LYS A 1683 -21.66 -15.72 -48.68
N SER A 1684 -20.58 -16.25 -49.26
CA SER A 1684 -19.98 -17.50 -48.80
C SER A 1684 -18.84 -17.28 -47.82
N ASN A 1685 -18.23 -16.09 -47.83
CA ASN A 1685 -17.07 -15.76 -46.99
C ASN A 1685 -15.91 -16.73 -47.23
N SER A 1686 -15.76 -17.18 -48.47
CA SER A 1686 -14.72 -18.14 -48.83
C SER A 1686 -13.48 -17.35 -49.26
N LEU A 1687 -12.58 -17.11 -48.31
CA LEU A 1687 -11.28 -16.55 -48.69
C LEU A 1687 -10.49 -17.63 -49.42
N ILE A 1688 -10.00 -17.29 -50.61
CA ILE A 1688 -9.39 -18.29 -51.46
C ILE A 1688 -7.87 -18.11 -51.46
N SER A 1689 -7.38 -17.05 -52.11
CA SER A 1689 -5.93 -16.94 -52.25
C SER A 1689 -5.47 -15.51 -52.02
N ILE A 1690 -4.49 -15.35 -51.15
CA ILE A 1690 -4.03 -14.02 -50.75
C ILE A 1690 -2.51 -13.98 -50.76
N LYS A 1691 -1.95 -12.91 -51.32
CA LYS A 1691 -0.53 -12.63 -51.26
C LYS A 1691 -0.30 -11.19 -50.80
N ARG A 1692 0.67 -11.02 -49.89
CA ARG A 1692 1.10 -9.73 -49.39
C ARG A 1692 2.26 -9.23 -50.25
N LEU A 1693 2.26 -7.93 -50.56
CA LEU A 1693 3.28 -7.38 -51.45
C LEU A 1693 3.61 -5.95 -51.06
N THR A 1694 4.82 -5.54 -51.42
CA THR A 1694 5.24 -4.16 -51.41
C THR A 1694 5.60 -3.77 -52.85
N LEU A 1695 5.32 -2.51 -53.21
CA LEU A 1695 5.28 -2.10 -54.61
C LEU A 1695 6.19 -0.90 -54.86
N GLN A 1696 6.93 -0.97 -55.97
CA GLN A 1696 7.76 0.12 -56.45
C GLN A 1696 7.47 0.27 -57.95
N GLN A 1697 6.55 1.18 -58.27
CA GLN A 1697 6.06 1.50 -59.61
C GLN A 1697 5.50 0.30 -60.37
N LYS A 1698 6.31 -0.72 -60.64
CA LYS A 1698 5.86 -1.88 -61.40
C LYS A 1698 6.11 -3.15 -60.58
N ALA A 1699 5.08 -4.02 -60.51
CA ALA A 1699 5.31 -5.35 -59.93
C ALA A 1699 4.22 -6.33 -60.35
N LYS A 1700 4.60 -7.60 -60.48
CA LYS A 1700 3.74 -8.70 -60.92
C LYS A 1700 3.73 -9.81 -59.88
N VAL A 1701 2.56 -10.43 -59.65
CA VAL A 1701 2.43 -11.44 -58.60
C VAL A 1701 1.48 -12.55 -59.06
N LYS A 1702 1.75 -13.77 -58.59
CA LYS A 1702 0.95 -14.95 -58.88
C LYS A 1702 0.15 -15.37 -57.65
N LEU A 1703 -1.07 -15.88 -57.89
CA LEU A 1703 -1.95 -16.42 -56.85
C LEU A 1703 -2.41 -17.81 -57.25
N ASP A 1704 -2.47 -18.71 -56.27
CA ASP A 1704 -2.69 -20.13 -56.49
C ASP A 1704 -4.01 -20.58 -55.86
N PHE A 1705 -4.73 -21.43 -56.58
CA PHE A 1705 -6.03 -21.92 -56.12
C PHE A 1705 -6.28 -23.29 -56.74
N VAL A 1706 -7.04 -24.14 -56.05
CA VAL A 1706 -7.47 -25.44 -56.57
C VAL A 1706 -8.98 -25.44 -56.71
N ALA A 1707 -9.46 -25.75 -57.92
CA ALA A 1707 -10.87 -25.54 -58.27
C ALA A 1707 -11.79 -26.35 -57.37
N PRO A 1708 -12.88 -25.75 -56.82
CA PRO A 1708 -13.66 -26.41 -55.77
C PRO A 1708 -14.78 -27.31 -56.28
N ALA A 1709 -15.15 -27.15 -57.56
CA ALA A 1709 -16.21 -27.94 -58.17
C ALA A 1709 -16.17 -27.74 -59.68
N THR A 1710 -17.27 -28.03 -60.36
CA THR A 1710 -17.48 -27.60 -61.73
C THR A 1710 -18.66 -26.64 -61.82
N GLY A 1711 -18.94 -25.95 -60.72
CA GLY A 1711 -20.11 -25.08 -60.66
C GLY A 1711 -20.07 -23.95 -61.68
N ALA A 1712 -18.86 -23.45 -61.98
CA ALA A 1712 -18.69 -22.40 -62.97
C ALA A 1712 -19.42 -21.12 -62.57
N HIS A 1713 -18.87 -20.36 -61.63
CA HIS A 1713 -19.50 -19.14 -61.14
C HIS A 1713 -18.44 -18.05 -60.92
N ASN A 1714 -18.78 -17.08 -60.07
CA ASN A 1714 -18.10 -15.78 -59.99
C ASN A 1714 -17.28 -15.63 -58.71
N TYR A 1715 -16.23 -14.79 -58.78
CA TYR A 1715 -15.40 -14.43 -57.64
C TYR A 1715 -15.20 -12.92 -57.61
N THR A 1716 -15.04 -12.38 -56.41
CA THR A 1716 -14.62 -11.00 -56.26
C THR A 1716 -13.14 -10.97 -55.87
N LEU A 1717 -12.47 -9.91 -56.31
CA LEU A 1717 -11.03 -9.76 -56.16
C LEU A 1717 -10.79 -8.41 -55.48
N TYR A 1718 -9.98 -8.42 -54.42
CA TYR A 1718 -9.73 -7.25 -53.59
C TYR A 1718 -8.25 -6.90 -53.58
N PHE A 1719 -7.97 -5.61 -53.72
CA PHE A 1719 -6.63 -5.01 -53.62
C PHE A 1719 -6.71 -4.01 -52.47
N MET A 1720 -6.19 -4.39 -51.30
CA MET A 1720 -6.39 -3.63 -50.07
C MET A 1720 -5.08 -3.02 -49.60
N SER A 1721 -5.13 -1.73 -49.27
CA SER A 1721 -4.01 -1.06 -48.67
C SER A 1721 -3.94 -1.41 -47.19
N ASP A 1722 -2.74 -1.36 -46.65
CA ASP A 1722 -2.57 -1.39 -45.21
C ASP A 1722 -2.29 0.00 -44.63
N ALA A 1723 -2.44 1.05 -45.44
CA ALA A 1723 -1.95 2.38 -45.09
C ALA A 1723 -2.93 3.50 -45.47
N TYR A 1724 -3.50 3.46 -46.67
CA TYR A 1724 -4.36 4.53 -47.14
C TYR A 1724 -5.80 4.04 -47.25
N MET A 1725 -6.75 4.90 -46.90
CA MET A 1725 -8.16 4.62 -47.11
C MET A 1725 -8.58 5.12 -48.48
N GLY A 1726 -9.50 4.38 -49.10
CA GLY A 1726 -10.04 4.75 -50.39
C GLY A 1726 -9.29 4.19 -51.57
N CYS A 1727 -8.06 3.72 -51.36
CA CYS A 1727 -7.24 3.17 -52.44
C CYS A 1727 -7.63 1.75 -52.83
N ASP A 1728 -8.65 1.17 -52.23
CA ASP A 1728 -8.89 -0.26 -52.37
C ASP A 1728 -9.67 -0.54 -53.65
N GLN A 1729 -9.14 -1.43 -54.49
CA GLN A 1729 -9.84 -1.76 -55.72
C GLN A 1729 -10.55 -3.10 -55.58
N GLU A 1730 -11.68 -3.23 -56.28
CA GLU A 1730 -12.44 -4.48 -56.34
C GLU A 1730 -12.77 -4.78 -57.81
N TYR A 1731 -12.35 -5.94 -58.27
CA TYR A 1731 -12.63 -6.37 -59.63
C TYR A 1731 -13.34 -7.72 -59.60
N LYS A 1732 -14.41 -7.82 -60.38
CA LYS A 1732 -15.23 -9.03 -60.41
C LYS A 1732 -14.82 -9.86 -61.61
N PHE A 1733 -14.59 -11.16 -61.40
CA PHE A 1733 -14.29 -12.04 -62.52
C PHE A 1733 -14.90 -13.41 -62.26
N SER A 1734 -15.50 -13.99 -63.29
CA SER A 1734 -16.13 -15.30 -63.21
C SER A 1734 -15.25 -16.32 -63.94
N VAL A 1735 -15.15 -17.51 -63.36
CA VAL A 1735 -14.30 -18.57 -63.91
C VAL A 1735 -15.13 -19.83 -64.03
N ASP A 1736 -15.37 -20.30 -65.26
CA ASP A 1736 -16.04 -21.56 -65.50
C ASP A 1736 -15.03 -22.70 -65.49
N VAL A 1737 -15.39 -23.80 -64.84
CA VAL A 1737 -14.50 -24.94 -64.74
C VAL A 1737 -14.40 -25.60 -66.11
N LYS A 1738 -13.18 -25.69 -66.63
CA LYS A 1738 -12.88 -25.88 -68.05
C LYS A 1738 -13.32 -24.63 -68.81
N GLY B 1 -8.12 -9.82 72.08
CA GLY B 1 -9.22 -10.77 72.16
C GLY B 1 -10.49 -10.48 71.36
N PRO B 2 -10.38 -10.46 70.01
CA PRO B 2 -11.52 -10.08 69.16
C PRO B 2 -12.06 -11.20 68.29
N LEU B 3 -13.35 -11.48 68.43
CA LEU B 3 -14.05 -12.44 67.58
C LEU B 3 -15.19 -11.70 66.91
N GLY B 4 -15.06 -11.43 65.61
CA GLY B 4 -16.11 -10.74 64.90
C GLY B 4 -15.95 -9.24 64.95
N SER B 5 -15.55 -8.71 66.11
CA SER B 5 -15.45 -7.27 66.29
C SER B 5 -14.32 -6.68 65.46
N MET B 6 -13.10 -7.18 65.63
CA MET B 6 -11.95 -6.80 64.81
C MET B 6 -11.73 -7.88 63.76
N THR B 7 -12.60 -7.88 62.76
CA THR B 7 -12.58 -8.89 61.71
C THR B 7 -11.64 -8.47 60.59
N GLN B 8 -11.08 -9.47 59.90
CA GLN B 8 -10.19 -9.26 58.76
C GLN B 8 -10.35 -10.45 57.80
N THR B 9 -10.21 -10.19 56.49
CA THR B 9 -10.64 -11.12 55.45
C THR B 9 -9.47 -11.53 54.58
N PHE B 10 -9.31 -12.84 54.34
CA PHE B 10 -8.15 -13.32 53.61
C PHE B 10 -8.32 -13.08 52.11
N SER B 11 -7.31 -12.46 51.50
CA SER B 11 -7.23 -12.26 50.06
C SER B 11 -6.12 -13.16 49.53
N SER B 12 -6.45 -14.03 48.58
CA SER B 12 -5.45 -14.97 48.08
C SER B 12 -4.27 -14.21 47.47
N LYS B 13 -3.11 -14.86 47.49
CA LYS B 13 -1.86 -14.26 47.01
C LYS B 13 -1.09 -15.41 46.33
N THR B 14 -1.54 -15.78 45.13
CA THR B 14 -1.06 -17.00 44.49
C THR B 14 0.41 -16.87 44.07
N GLU B 15 1.09 -18.02 44.06
CA GLU B 15 2.56 -18.08 44.00
C GLU B 15 3.10 -17.92 42.58
N TRP B 16 2.43 -18.54 41.61
CA TRP B 16 2.96 -18.53 40.26
C TRP B 16 3.03 -17.12 39.70
N ARG B 17 2.24 -16.19 40.22
CA ARG B 17 2.28 -14.82 39.73
C ARG B 17 3.60 -14.13 40.07
N VAL B 18 4.08 -14.30 41.30
CA VAL B 18 5.39 -13.76 41.70
C VAL B 18 6.50 -14.44 40.91
N ARG B 19 6.38 -15.76 40.69
CA ARG B 19 7.42 -16.42 39.90
C ARG B 19 7.37 -15.98 38.43
N ALA B 20 6.19 -15.69 37.89
CA ALA B 20 6.06 -15.13 36.56
C ALA B 20 6.71 -13.75 36.46
N ILE B 21 6.44 -12.88 37.47
CA ILE B 21 7.07 -11.56 37.46
C ILE B 21 8.59 -11.68 37.44
N SER B 22 9.13 -12.55 38.30
CA SER B 22 10.59 -12.64 38.36
C SER B 22 11.17 -13.35 37.14
N ALA B 23 10.41 -14.26 36.51
CA ALA B 23 10.89 -14.88 35.28
C ALA B 23 10.99 -13.87 34.15
N ALA B 24 10.16 -12.82 34.18
CA ALA B 24 10.26 -11.81 33.13
C ALA B 24 11.61 -11.07 33.11
N ASN B 25 12.43 -11.17 34.18
CA ASN B 25 13.76 -10.54 34.24
C ASN B 25 14.90 -11.53 33.99
N LEU B 26 14.59 -12.74 33.54
CA LEU B 26 15.63 -13.73 33.35
C LEU B 26 16.68 -13.23 32.35
N HIS B 27 16.27 -12.41 31.37
CA HIS B 27 17.20 -12.01 30.31
C HIS B 27 18.38 -11.23 30.85
N LEU B 28 18.24 -10.63 32.04
CA LEU B 28 19.35 -9.88 32.63
C LEU B 28 20.56 -10.77 32.89
N ARG B 29 20.33 -12.00 33.38
CA ARG B 29 21.39 -12.95 33.72
C ARG B 29 22.17 -13.47 32.51
N THR B 30 21.68 -13.29 31.30
CA THR B 30 22.40 -13.85 30.15
C THR B 30 23.62 -13.03 29.76
N ASN B 31 23.75 -11.80 30.28
CA ASN B 31 24.96 -10.99 30.13
C ASN B 31 26.03 -11.33 31.16
N HIS B 32 25.75 -12.24 32.09
CA HIS B 32 26.70 -12.62 33.11
C HIS B 32 26.63 -14.13 33.25
N ILE B 33 27.15 -14.84 32.26
CA ILE B 33 27.16 -16.29 32.26
C ILE B 33 28.60 -16.71 32.52
N TYR B 34 28.81 -17.45 33.61
CA TYR B 34 30.13 -17.92 34.00
C TYR B 34 30.18 -19.45 33.95
N VAL B 35 31.19 -19.97 33.25
CA VAL B 35 31.54 -21.39 33.32
C VAL B 35 32.55 -21.57 34.44
N SER B 36 32.26 -22.47 35.38
CA SER B 36 33.28 -22.88 36.33
C SER B 36 34.40 -23.64 35.61
N SER B 37 35.65 -23.38 36.02
CA SER B 37 36.82 -23.89 35.30
C SER B 37 37.65 -24.86 36.14
N ASP B 38 37.08 -25.39 37.22
CA ASP B 38 37.81 -26.18 38.20
C ASP B 38 38.30 -27.52 37.66
N ASP B 39 37.80 -27.95 36.50
CA ASP B 39 38.36 -29.11 35.83
C ASP B 39 39.83 -28.88 35.49
N ILE B 40 40.60 -29.97 35.41
CA ILE B 40 42.03 -29.89 35.16
C ILE B 40 42.45 -30.99 34.20
N LYS B 41 43.70 -30.87 33.73
CA LYS B 41 44.45 -31.85 32.94
C LYS B 41 43.97 -31.99 31.50
N GLU B 42 43.01 -31.18 31.05
CA GLU B 42 42.42 -31.22 29.70
C GLU B 42 42.28 -32.65 29.23
N THR B 43 41.87 -33.52 30.14
CA THR B 43 42.05 -34.94 29.90
C THR B 43 41.08 -35.48 28.86
N GLY B 44 39.79 -35.28 29.08
CA GLY B 44 38.76 -35.97 28.32
C GLY B 44 38.28 -35.17 27.12
N TYR B 45 36.98 -35.26 26.85
CA TYR B 45 36.37 -34.46 25.79
C TYR B 45 36.17 -33.02 26.23
N THR B 46 36.15 -32.11 25.27
CA THR B 46 35.88 -30.70 25.48
C THR B 46 34.59 -30.32 24.75
N TYR B 47 33.66 -29.68 25.48
CA TYR B 47 32.32 -29.41 24.98
C TYR B 47 32.14 -27.92 24.76
N ILE B 48 31.70 -27.55 23.56
CA ILE B 48 31.46 -26.15 23.26
C ILE B 48 29.95 -25.93 23.13
N LEU B 49 29.42 -25.14 24.06
CA LEU B 49 28.03 -24.76 24.05
C LEU B 49 27.90 -23.40 23.36
N PRO B 50 27.12 -23.28 22.29
CA PRO B 50 26.90 -21.98 21.67
C PRO B 50 26.06 -21.07 22.56
N LYS B 51 26.48 -19.80 22.63
CA LYS B 51 25.81 -18.85 23.51
C LYS B 51 24.35 -18.63 23.13
N ASN B 52 24.01 -18.70 21.84
CA ASN B 52 22.67 -18.25 21.45
C ASN B 52 21.57 -19.16 22.04
N VAL B 53 21.75 -20.47 21.98
CA VAL B 53 20.75 -21.33 22.60
C VAL B 53 20.93 -21.41 24.12
N LEU B 54 22.14 -21.25 24.65
CA LEU B 54 22.26 -21.12 26.08
C LEU B 54 21.37 -19.99 26.59
N LYS B 55 21.45 -18.82 25.95
CA LYS B 55 20.68 -17.69 26.44
C LYS B 55 19.20 -17.92 26.26
N LYS B 56 18.78 -18.48 25.13
CA LYS B 56 17.36 -18.79 24.98
C LYS B 56 16.90 -19.77 26.06
N PHE B 57 17.71 -20.80 26.34
CA PHE B 57 17.40 -21.77 27.38
C PHE B 57 17.18 -21.10 28.72
N ILE B 58 18.06 -20.16 29.09
CA ILE B 58 17.88 -19.43 30.34
C ILE B 58 16.58 -18.63 30.33
N CYS B 59 16.33 -17.91 29.24
CA CYS B 59 15.15 -17.05 29.13
C CYS B 59 13.83 -17.83 29.21
N ILE B 60 13.79 -19.09 28.77
CA ILE B 60 12.55 -19.85 28.79
C ILE B 60 12.36 -20.64 30.10
N SER B 61 13.25 -20.47 31.07
CA SER B 61 13.23 -21.27 32.28
C SER B 61 12.45 -20.57 33.39
N ASP B 62 12.50 -21.19 34.57
CA ASP B 62 11.88 -20.67 35.78
C ASP B 62 12.92 -20.66 36.88
N LEU B 63 12.77 -19.72 37.82
CA LEU B 63 13.79 -19.60 38.87
C LEU B 63 13.69 -20.72 39.90
N ARG B 64 12.52 -21.35 40.05
CA ARG B 64 12.34 -22.45 40.99
C ARG B 64 12.25 -23.82 40.31
N ALA B 65 11.37 -24.02 39.32
CA ALA B 65 11.18 -25.34 38.73
C ALA B 65 12.24 -25.63 37.67
N GLN B 66 12.92 -26.76 37.80
CA GLN B 66 13.96 -27.10 36.82
C GLN B 66 13.34 -27.36 35.45
N ILE B 67 14.07 -26.99 34.40
CA ILE B 67 13.76 -27.42 33.04
C ILE B 67 15.01 -28.05 32.43
N ALA B 68 14.82 -28.83 31.35
CA ALA B 68 15.88 -29.69 30.81
C ALA B 68 15.83 -29.68 29.29
N GLY B 69 16.98 -29.90 28.68
CA GLY B 69 17.08 -29.94 27.23
C GLY B 69 18.07 -31.01 26.85
N TYR B 70 17.78 -31.75 25.76
CA TYR B 70 18.70 -32.77 25.26
C TYR B 70 19.75 -32.14 24.38
N LEU B 71 20.98 -32.59 24.54
CA LEU B 71 22.12 -32.04 23.82
C LEU B 71 22.43 -32.92 22.62
N TYR B 72 22.61 -32.31 21.46
CA TYR B 72 23.05 -33.02 20.26
C TYR B 72 24.20 -32.27 19.60
N GLY B 73 25.17 -33.02 19.10
CA GLY B 73 26.29 -32.34 18.48
C GLY B 73 27.16 -33.29 17.68
N VAL B 74 28.35 -32.80 17.35
CA VAL B 74 29.30 -33.46 16.44
C VAL B 74 30.68 -32.95 16.80
N SER B 75 31.71 -33.73 16.43
CA SER B 75 33.07 -33.22 16.49
C SER B 75 33.37 -32.35 15.27
N PRO B 76 34.16 -31.29 15.44
CA PRO B 76 34.71 -30.59 14.28
C PRO B 76 35.45 -31.55 13.37
N PRO B 77 35.59 -31.22 12.08
CA PRO B 77 36.24 -32.11 11.11
C PRO B 77 37.48 -32.87 11.60
N ASP B 78 38.58 -32.19 11.92
CA ASP B 78 39.81 -32.87 12.31
C ASP B 78 40.14 -32.62 13.78
N ASN B 79 39.14 -32.72 14.66
CA ASN B 79 39.35 -32.52 16.08
C ASN B 79 38.39 -33.40 16.88
N PRO B 80 38.63 -34.72 16.88
CA PRO B 80 37.69 -35.64 17.54
C PRO B 80 37.56 -35.42 19.05
N GLN B 81 38.50 -34.70 19.67
CA GLN B 81 38.42 -34.51 21.11
C GLN B 81 37.48 -33.38 21.51
N VAL B 82 37.03 -32.58 20.55
CA VAL B 82 36.07 -31.52 20.79
C VAL B 82 34.69 -32.00 20.36
N LYS B 83 33.72 -31.88 21.26
CA LYS B 83 32.31 -32.05 20.91
C LYS B 83 31.64 -30.68 20.85
N GLU B 84 31.18 -30.31 19.66
CA GLU B 84 30.40 -29.09 19.47
C GLU B 84 28.93 -29.40 19.72
N ILE B 85 28.28 -28.55 20.53
CA ILE B 85 26.85 -28.71 20.77
C ILE B 85 26.10 -27.91 19.71
N ARG B 86 25.37 -28.61 18.85
CA ARG B 86 24.69 -27.99 17.73
C ARG B 86 23.20 -27.80 17.95
N CYS B 87 22.58 -28.59 18.84
CA CYS B 87 21.13 -28.58 18.96
C CYS B 87 20.72 -28.84 20.40
N ILE B 88 19.70 -28.10 20.85
CA ILE B 88 19.07 -28.37 22.15
C ILE B 88 17.63 -28.71 21.86
N VAL B 89 17.18 -29.87 22.30
CA VAL B 89 15.85 -30.39 22.04
C VAL B 89 15.01 -30.27 23.31
N MET B 90 13.88 -29.59 23.21
CA MET B 90 12.92 -29.43 24.30
C MET B 90 11.75 -30.40 24.09
N VAL B 91 11.57 -31.31 25.05
CA VAL B 91 10.54 -32.34 25.01
C VAL B 91 9.51 -32.05 26.11
N PRO B 92 8.30 -32.62 26.03
CA PRO B 92 7.29 -32.41 27.09
C PRO B 92 7.81 -32.78 28.47
N GLN B 93 7.68 -31.87 29.42
CA GLN B 93 8.33 -32.11 30.70
C GLN B 93 7.61 -31.38 31.83
N TRP B 94 7.90 -31.80 33.06
CA TRP B 94 7.63 -30.96 34.22
C TRP B 94 8.77 -31.09 35.22
N GLY B 95 8.79 -30.23 36.24
CA GLY B 95 9.89 -30.38 37.16
C GLY B 95 9.61 -29.76 38.51
N THR B 96 10.47 -30.11 39.45
CA THR B 96 10.54 -29.43 40.73
C THR B 96 11.88 -28.69 40.83
N HIS B 97 12.18 -28.21 42.05
CA HIS B 97 13.43 -27.53 42.30
C HIS B 97 14.61 -28.49 42.43
N GLN B 98 14.37 -29.80 42.55
CA GLN B 98 15.44 -30.77 42.66
C GLN B 98 15.63 -31.67 41.44
N THR B 99 14.65 -31.79 40.55
CA THR B 99 14.78 -32.77 39.49
C THR B 99 13.90 -32.38 38.30
N VAL B 100 13.91 -33.20 37.25
CA VAL B 100 13.08 -33.01 36.06
C VAL B 100 12.41 -34.34 35.68
N HIS B 101 11.17 -34.30 35.22
CA HIS B 101 10.47 -35.47 34.72
C HIS B 101 10.28 -35.30 33.23
N LEU B 102 10.94 -36.15 32.46
CA LEU B 102 11.03 -36.34 31.04
C LEU B 102 10.37 -37.66 30.63
N PRO B 103 9.86 -37.74 29.41
CA PRO B 103 9.37 -39.03 28.90
C PRO B 103 10.48 -40.05 28.76
N GLY B 104 10.08 -41.32 28.68
CA GLY B 104 11.03 -42.37 28.35
C GLY B 104 11.57 -42.29 26.93
N GLN B 105 10.78 -41.76 26.01
CA GLN B 105 11.17 -41.73 24.60
C GLN B 105 12.13 -40.57 24.36
N LEU B 106 13.34 -40.90 23.93
CA LEU B 106 14.30 -39.91 23.53
C LEU B 106 13.87 -39.23 22.24
N PRO B 107 14.45 -38.05 21.94
CA PRO B 107 14.17 -37.39 20.65
C PRO B 107 14.39 -38.31 19.46
N GLN B 108 13.53 -38.14 18.46
CA GLN B 108 13.55 -38.94 17.24
C GLN B 108 13.12 -38.01 16.12
N HIS B 109 14.06 -37.64 15.23
CA HIS B 109 13.73 -36.78 14.10
C HIS B 109 14.82 -36.89 13.06
N GLU B 110 14.41 -36.80 11.79
CA GLU B 110 15.33 -36.95 10.68
C GLU B 110 16.46 -35.93 10.75
N TYR B 111 16.17 -34.69 11.16
CA TYR B 111 17.22 -33.67 11.24
C TYR B 111 18.31 -34.04 12.21
N LEU B 112 18.01 -34.89 13.21
CA LEU B 112 18.95 -35.24 14.27
C LEU B 112 19.82 -36.43 13.94
N LYS B 113 19.54 -37.15 12.84
CA LYS B 113 20.14 -38.46 12.69
C LYS B 113 21.63 -38.38 12.35
N GLU B 114 22.11 -37.27 11.82
CA GLU B 114 23.54 -37.14 11.60
C GLU B 114 24.29 -36.60 12.84
N MET B 115 23.57 -36.26 13.91
CA MET B 115 24.20 -35.81 15.14
C MET B 115 24.28 -36.94 16.14
N GLU B 116 25.15 -36.78 17.09
CA GLU B 116 25.27 -37.76 18.13
C GLU B 116 24.76 -37.15 19.44
N PRO B 117 24.13 -37.95 20.30
CA PRO B 117 23.57 -37.42 21.56
C PRO B 117 24.69 -37.19 22.58
N LEU B 118 24.68 -36.01 23.20
CA LEU B 118 25.76 -35.60 24.08
C LEU B 118 25.31 -35.44 25.51
N GLY B 119 24.05 -35.75 25.82
CA GLY B 119 23.57 -35.73 27.20
C GLY B 119 22.43 -34.72 27.36
N TRP B 120 22.50 -33.94 28.44
CA TRP B 120 21.44 -32.97 28.70
C TRP B 120 21.96 -31.79 29.51
N ILE B 121 21.13 -30.76 29.59
CA ILE B 121 21.39 -29.52 30.29
C ILE B 121 20.16 -29.16 31.10
N HIS B 122 20.35 -28.72 32.32
CA HIS B 122 19.19 -28.38 33.13
C HIS B 122 19.50 -27.21 34.06
N THR B 123 18.48 -26.37 34.26
CA THR B 123 18.64 -25.27 35.21
C THR B 123 18.53 -25.83 36.63
N GLN B 124 19.02 -25.02 37.59
CA GLN B 124 19.09 -25.38 39.00
C GLN B 124 18.93 -24.09 39.80
N PRO B 125 18.10 -24.09 40.86
CA PRO B 125 17.95 -22.88 41.68
C PRO B 125 19.24 -22.38 42.33
N ASN B 126 20.14 -23.27 42.74
CA ASN B 126 21.35 -22.86 43.44
C ASN B 126 22.56 -23.66 42.96
N GLU B 127 23.73 -23.05 43.12
CA GLU B 127 24.98 -23.77 42.90
C GLU B 127 25.14 -24.89 43.91
N SER B 128 25.85 -25.94 43.50
CA SER B 128 26.16 -27.04 44.36
C SER B 128 27.59 -27.44 44.02
N PRO B 129 28.38 -27.87 45.01
CA PRO B 129 29.72 -28.39 44.68
C PRO B 129 29.63 -29.71 43.93
N GLN B 130 28.95 -30.68 44.53
CA GLN B 130 28.71 -32.00 43.95
C GLN B 130 27.63 -31.95 42.85
N LEU B 131 27.69 -32.95 41.97
CA LEU B 131 26.57 -33.27 41.10
C LEU B 131 25.47 -33.94 41.91
N SER B 132 24.24 -33.67 41.53
CA SER B 132 23.09 -34.17 42.28
C SER B 132 22.99 -35.70 42.18
N PRO B 133 22.57 -36.38 43.25
CA PRO B 133 22.20 -37.80 43.11
C PRO B 133 20.97 -38.01 42.22
N GLN B 134 20.04 -37.05 42.19
CA GLN B 134 18.95 -37.07 41.22
C GLN B 134 19.50 -37.12 39.79
N ASP B 135 20.46 -36.23 39.49
CA ASP B 135 21.09 -36.21 38.17
C ASP B 135 21.79 -37.52 37.86
N VAL B 136 22.49 -38.09 38.83
CA VAL B 136 23.23 -39.33 38.55
C VAL B 136 22.26 -40.45 38.24
N THR B 137 21.15 -40.54 38.98
CA THR B 137 20.14 -41.56 38.70
C THR B 137 19.45 -41.33 37.35
N THR B 138 19.15 -40.08 37.01
CA THR B 138 18.46 -39.78 35.77
C THR B 138 19.33 -40.12 34.56
N HIS B 139 20.57 -39.66 34.57
CA HIS B 139 21.52 -40.00 33.51
C HIS B 139 21.68 -41.52 33.41
N ALA B 140 21.93 -42.19 34.54
CA ALA B 140 22.09 -43.64 34.56
C ALA B 140 20.90 -44.37 33.95
N LYS B 141 19.67 -43.99 34.29
CA LYS B 141 18.53 -44.74 33.78
C LYS B 141 18.34 -44.49 32.29
N ILE B 142 18.50 -43.24 31.84
CA ILE B 142 18.46 -42.99 30.40
C ILE B 142 19.49 -43.86 29.70
N MET B 143 20.66 -44.01 30.30
CA MET B 143 21.73 -44.76 29.67
C MET B 143 21.38 -46.23 29.57
N ALA B 144 20.77 -46.78 30.62
CA ALA B 144 20.43 -48.20 30.62
C ALA B 144 19.30 -48.53 29.65
N ASP B 145 18.42 -47.56 29.36
CA ASP B 145 17.35 -47.72 28.39
C ASP B 145 17.75 -47.39 26.96
N ASN B 146 18.84 -46.64 26.76
CA ASN B 146 19.19 -46.13 25.44
C ASN B 146 20.67 -46.37 25.22
N PRO B 147 21.04 -47.46 24.53
CA PRO B 147 22.46 -47.74 24.30
C PRO B 147 23.19 -46.68 23.46
N SER B 148 22.48 -45.77 22.79
CA SER B 148 23.15 -44.69 22.08
C SER B 148 23.79 -43.66 23.03
N TRP B 149 23.48 -43.72 24.32
CA TRP B 149 24.15 -42.84 25.27
C TRP B 149 25.42 -43.54 25.77
N ASP B 150 26.54 -43.18 25.17
CA ASP B 150 27.84 -43.65 25.64
C ASP B 150 28.22 -42.94 26.94
N GLY B 151 28.57 -43.73 27.96
CA GLY B 151 28.90 -43.13 29.25
C GLY B 151 30.14 -42.25 29.20
N GLU B 152 31.08 -42.56 28.31
CA GLU B 152 32.26 -41.73 28.15
C GLU B 152 31.99 -40.47 27.35
N LYS B 153 30.81 -40.36 26.73
CA LYS B 153 30.54 -39.33 25.75
C LYS B 153 29.35 -38.44 26.06
N THR B 154 28.53 -38.75 27.07
CA THR B 154 27.36 -37.94 27.39
C THR B 154 27.56 -37.24 28.74
N ILE B 155 27.03 -36.04 28.84
CA ILE B 155 27.33 -35.14 29.95
C ILE B 155 26.04 -34.56 30.49
N ILE B 156 26.15 -34.01 31.69
CA ILE B 156 25.12 -33.19 32.29
C ILE B 156 25.71 -31.80 32.47
N ILE B 157 25.08 -30.81 31.86
CA ILE B 157 25.41 -29.42 32.12
C ILE B 157 24.41 -28.90 33.13
N THR B 158 24.90 -28.42 34.26
CA THR B 158 24.07 -27.72 35.23
C THR B 158 24.22 -26.23 34.98
N CYS B 159 23.09 -25.53 34.97
CA CYS B 159 23.03 -24.08 34.79
C CYS B 159 22.39 -23.56 36.08
N SER B 160 23.23 -23.09 37.00
CA SER B 160 22.82 -22.74 38.35
C SER B 160 22.58 -21.26 38.45
N PHE B 161 21.43 -20.88 39.00
CA PHE B 161 21.10 -19.46 39.16
C PHE B 161 21.83 -18.90 40.36
N THR B 162 22.75 -18.04 40.13
CA THR B 162 23.21 -17.22 41.24
C THR B 162 22.44 -15.91 41.19
N PRO B 163 22.27 -15.19 42.31
CA PRO B 163 21.69 -13.85 42.20
C PRO B 163 22.55 -13.07 41.23
N GLY B 164 21.93 -12.38 40.27
CA GLY B 164 22.71 -11.68 39.27
C GLY B 164 23.18 -12.48 38.06
N SER B 165 23.24 -13.82 38.09
CA SER B 165 23.91 -14.49 36.96
C SER B 165 23.53 -15.98 36.88
N CYS B 166 24.19 -16.69 35.95
CA CYS B 166 24.20 -18.14 35.88
C CYS B 166 25.63 -18.66 35.92
N THR B 167 25.83 -19.78 36.60
CA THR B 167 27.09 -20.53 36.53
C THR B 167 26.85 -21.85 35.82
N LEU B 168 27.70 -22.18 34.85
CA LEU B 168 27.59 -23.42 34.11
C LEU B 168 28.71 -24.37 34.53
N THR B 169 28.34 -25.59 34.94
CA THR B 169 29.36 -26.61 35.20
C THR B 169 28.93 -27.92 34.55
N ALA B 170 29.90 -28.67 34.03
CA ALA B 170 29.63 -29.85 33.22
C ALA B 170 30.25 -31.09 33.84
N TYR B 171 29.44 -32.12 34.02
CA TYR B 171 29.87 -33.42 34.55
C TYR B 171 29.61 -34.51 33.55
N LYS B 172 30.17 -35.69 33.86
CA LYS B 172 29.82 -36.95 33.22
C LYS B 172 29.86 -38.05 34.27
N LEU B 173 29.11 -39.11 34.02
CA LEU B 173 29.09 -40.28 34.89
C LEU B 173 30.35 -41.14 34.75
N THR B 174 30.76 -41.74 35.86
CA THR B 174 31.78 -42.78 35.83
C THR B 174 31.10 -44.13 35.81
N PRO B 175 31.84 -45.21 35.54
CA PRO B 175 31.21 -46.56 35.55
C PRO B 175 30.57 -46.92 36.88
N SER B 176 31.25 -46.60 37.97
CA SER B 176 30.68 -46.71 39.30
C SER B 176 29.35 -45.96 39.38
N GLY B 177 29.31 -44.74 38.87
CA GLY B 177 28.12 -43.92 38.98
C GLY B 177 26.98 -44.44 38.13
N TYR B 178 27.29 -44.93 36.92
CA TYR B 178 26.27 -45.57 36.10
C TYR B 178 25.66 -46.75 36.84
N GLU B 179 26.52 -47.64 37.34
CA GLU B 179 26.00 -48.85 37.95
C GLU B 179 25.20 -48.53 39.19
N TRP B 180 25.53 -47.42 39.88
CA TRP B 180 24.76 -47.08 41.06
C TRP B 180 23.43 -46.45 40.70
N GLY B 181 23.47 -45.41 39.85
CA GLY B 181 22.25 -44.70 39.50
C GLY B 181 21.21 -45.60 38.87
N ARG B 182 21.64 -46.57 38.06
CA ARG B 182 20.63 -47.35 37.35
C ARG B 182 19.85 -48.30 38.25
N GLN B 183 20.39 -48.69 39.41
CA GLN B 183 19.59 -49.46 40.36
C GLN B 183 19.00 -48.61 41.49
N ASN B 184 19.14 -47.28 41.45
CA ASN B 184 18.73 -46.46 42.59
C ASN B 184 17.25 -46.14 42.54
N THR B 185 16.60 -46.25 43.71
CA THR B 185 15.16 -46.03 43.86
C THR B 185 14.81 -44.94 44.87
N ASP B 186 15.77 -44.49 45.68
CA ASP B 186 15.55 -43.44 46.68
C ASP B 186 15.69 -42.09 46.00
N LYS B 187 14.61 -41.33 45.98
CA LYS B 187 14.61 -40.03 45.33
C LYS B 187 15.03 -38.89 46.25
N GLY B 188 15.21 -39.17 47.55
CA GLY B 188 15.61 -38.17 48.52
C GLY B 188 16.93 -37.49 48.19
N ASN B 189 17.36 -36.59 49.05
CA ASN B 189 18.57 -35.82 48.78
C ASN B 189 19.85 -36.53 49.22
N ASN B 190 19.74 -37.63 49.96
CA ASN B 190 20.91 -38.45 50.31
C ASN B 190 20.53 -39.93 50.30
N PRO B 191 20.45 -40.53 49.12
CA PRO B 191 20.11 -41.96 49.04
C PRO B 191 21.29 -42.84 49.44
N LYS B 192 20.98 -44.10 49.73
CA LYS B 192 22.02 -45.07 50.06
C LYS B 192 22.95 -45.31 48.86
N GLY B 193 24.24 -45.52 49.18
CA GLY B 193 25.24 -45.90 48.19
C GLY B 193 25.85 -44.78 47.36
N TYR B 194 25.30 -43.57 47.41
CA TYR B 194 25.75 -42.46 46.56
C TYR B 194 27.13 -41.96 46.96
N LEU B 195 27.93 -41.57 45.96
CA LEU B 195 29.35 -41.31 46.14
C LEU B 195 29.83 -40.21 45.19
N PRO B 196 30.84 -39.43 45.59
CA PRO B 196 31.41 -38.44 44.67
C PRO B 196 32.28 -39.04 43.58
N SER B 197 32.71 -40.30 43.73
CA SER B 197 33.43 -41.03 42.70
C SER B 197 32.51 -41.52 41.58
N HIS B 198 31.25 -41.08 41.58
CA HIS B 198 30.24 -41.46 40.61
C HIS B 198 30.16 -40.51 39.42
N TYR B 199 30.91 -39.41 39.43
CA TYR B 199 30.84 -38.41 38.36
C TYR B 199 32.16 -37.63 38.36
N GLU B 200 32.35 -36.86 37.30
CA GLU B 200 33.65 -36.29 36.98
C GLU B 200 33.44 -35.01 36.17
N ARG B 201 34.21 -33.99 36.52
CA ARG B 201 34.16 -32.72 35.79
C ARG B 201 34.69 -32.93 34.38
N VAL B 202 33.98 -32.40 33.40
CA VAL B 202 34.43 -32.34 32.01
C VAL B 202 34.59 -30.87 31.66
N GLN B 203 35.51 -30.58 30.76
CA GLN B 203 35.75 -29.19 30.39
C GLN B 203 34.68 -28.69 29.44
N MET B 204 34.28 -27.43 29.61
CA MET B 204 33.19 -26.82 28.88
C MET B 204 33.57 -25.41 28.44
N LEU B 205 33.17 -25.02 27.23
CA LEU B 205 33.46 -23.68 26.75
C LEU B 205 32.23 -23.06 26.08
N LEU B 206 32.03 -21.76 26.32
CA LEU B 206 30.99 -20.98 25.66
C LEU B 206 31.57 -20.29 24.44
N SER B 207 30.91 -20.43 23.30
CA SER B 207 31.41 -19.89 22.04
C SER B 207 30.41 -18.93 21.40
N ASP B 208 30.96 -17.87 20.81
CA ASP B 208 30.21 -16.99 19.92
C ASP B 208 30.54 -17.24 18.44
N ARG B 209 31.21 -18.35 18.12
CA ARG B 209 31.76 -18.55 16.78
C ARG B 209 30.82 -19.31 15.84
N PHE B 210 29.86 -20.06 16.39
CA PHE B 210 28.78 -20.66 15.62
C PHE B 210 27.50 -20.56 16.43
N LEU B 211 26.39 -20.92 15.79
CA LEU B 211 25.08 -20.86 16.42
C LEU B 211 24.50 -22.27 16.53
N GLY B 212 23.80 -22.55 17.64
CA GLY B 212 22.99 -23.75 17.75
C GLY B 212 21.54 -23.49 17.36
N PHE B 213 20.72 -24.53 17.46
CA PHE B 213 19.30 -24.38 17.17
C PHE B 213 18.50 -25.29 18.09
N PHE B 214 17.20 -25.02 18.17
CA PHE B 214 16.31 -25.83 18.98
C PHE B 214 15.43 -26.73 18.13
N MET B 215 15.01 -27.84 18.70
CA MET B 215 13.79 -28.51 18.25
C MET B 215 12.86 -28.61 19.45
N VAL B 216 11.57 -28.63 19.14
CA VAL B 216 10.50 -28.55 20.14
C VAL B 216 9.36 -29.45 19.69
N PRO B 217 8.43 -29.82 20.60
CA PRO B 217 7.36 -30.75 20.21
C PRO B 217 6.56 -30.24 19.01
N ALA B 218 6.04 -31.19 18.23
CA ALA B 218 5.29 -30.85 17.02
C ALA B 218 3.84 -30.45 17.34
N GLN B 219 3.16 -31.20 18.17
CA GLN B 219 1.74 -30.91 18.36
C GLN B 219 1.44 -30.16 19.64
N SER B 220 2.33 -30.20 20.63
CA SER B 220 2.08 -29.47 21.86
C SER B 220 3.15 -28.42 22.06
N SER B 221 3.37 -27.99 23.28
CA SER B 221 4.60 -27.32 23.63
C SER B 221 5.37 -28.23 24.58
N TRP B 222 6.50 -27.73 25.11
CA TRP B 222 7.36 -28.49 26.00
C TRP B 222 6.98 -28.40 27.49
N ASN B 223 6.34 -27.33 27.92
CA ASN B 223 6.16 -27.03 29.35
C ASN B 223 4.84 -27.59 29.85
N TYR B 224 4.92 -28.64 30.67
CA TYR B 224 3.77 -29.27 31.29
C TYR B 224 3.70 -29.02 32.80
N ASN B 225 4.49 -28.08 33.33
CA ASN B 225 4.41 -27.79 34.76
C ASN B 225 3.06 -27.25 35.20
N PHE B 226 2.20 -26.85 34.28
CA PHE B 226 0.84 -26.45 34.62
C PHE B 226 -0.18 -27.50 34.21
N MET B 227 0.26 -28.62 33.65
CA MET B 227 -0.62 -29.68 33.19
C MET B 227 -0.09 -31.05 33.62
N GLY B 228 0.59 -31.12 34.78
CA GLY B 228 1.26 -32.35 35.18
C GLY B 228 0.40 -33.59 35.06
N VAL B 229 -0.92 -33.45 35.17
CA VAL B 229 -1.83 -34.58 35.01
C VAL B 229 -1.86 -35.07 33.57
N ARG B 230 -1.68 -34.17 32.61
CA ARG B 230 -1.63 -34.58 31.20
C ARG B 230 -0.25 -35.07 30.78
N HIS B 231 0.67 -35.21 31.73
CA HIS B 231 2.01 -35.73 31.47
C HIS B 231 2.10 -37.17 31.96
N ASP B 232 2.99 -37.93 31.31
CA ASP B 232 3.05 -39.37 31.40
C ASP B 232 4.45 -39.83 30.97
N PRO B 233 5.15 -40.61 31.81
CA PRO B 233 6.43 -41.20 31.37
C PRO B 233 6.35 -41.89 30.02
N ASN B 234 5.22 -42.50 29.71
CA ASN B 234 5.04 -43.21 28.46
C ASN B 234 4.64 -42.34 27.28
N MET B 235 4.43 -41.04 27.49
CA MET B 235 3.88 -40.21 26.42
C MET B 235 4.84 -40.14 25.25
N LYS B 236 4.27 -40.23 24.05
CA LYS B 236 5.04 -40.10 22.82
C LYS B 236 4.82 -38.72 22.24
N TYR B 237 5.75 -38.32 21.37
CA TYR B 237 5.74 -36.97 20.83
C TYR B 237 6.65 -36.94 19.62
N GLU B 238 6.30 -36.06 18.68
CA GLU B 238 7.16 -35.75 17.54
C GLU B 238 7.84 -34.40 17.79
N LEU B 239 8.69 -33.99 16.85
CA LEU B 239 9.44 -32.76 16.99
C LEU B 239 9.33 -31.93 15.70
N GLN B 240 9.64 -30.64 15.85
CA GLN B 240 9.72 -29.72 14.72
C GLN B 240 10.86 -28.73 14.99
N LEU B 241 11.28 -28.07 13.93
CA LEU B 241 12.39 -27.14 13.97
C LEU B 241 11.82 -25.77 14.30
N ALA B 242 12.03 -25.32 15.54
CA ALA B 242 11.35 -24.15 16.05
C ALA B 242 11.89 -23.80 17.42
N ASN B 243 11.71 -22.54 17.82
CA ASN B 243 12.25 -22.05 19.09
C ASN B 243 11.19 -22.12 20.19
N PRO B 244 11.58 -22.56 21.38
CA PRO B 244 10.60 -22.79 22.45
C PRO B 244 10.01 -21.50 22.99
N LYS B 245 8.73 -21.55 23.34
CA LYS B 245 8.11 -20.46 24.07
C LYS B 245 8.55 -20.45 25.53
N GLU B 246 8.60 -19.26 26.12
CA GLU B 246 9.11 -19.08 27.46
C GLU B 246 8.17 -19.70 28.51
N PHE B 247 8.73 -19.96 29.70
CA PHE B 247 8.06 -20.74 30.74
C PHE B 247 6.61 -20.32 30.98
N TYR B 248 6.34 -19.02 31.12
CA TYR B 248 5.03 -18.54 31.51
C TYR B 248 4.18 -18.09 30.34
N HIS B 249 4.56 -18.45 29.11
CA HIS B 249 3.76 -18.13 27.95
C HIS B 249 2.34 -18.67 28.11
N GLU B 250 1.40 -18.00 27.44
CA GLU B 250 -0.02 -18.33 27.56
C GLU B 250 -0.33 -19.79 27.19
N VAL B 251 0.40 -20.38 26.23
CA VAL B 251 0.03 -21.72 25.75
C VAL B 251 0.46 -22.81 26.72
N HIS B 252 1.18 -22.46 27.77
CA HIS B 252 1.59 -23.41 28.78
C HIS B 252 0.63 -23.48 29.95
N ARG B 253 -0.20 -22.46 30.12
CA ARG B 253 -1.14 -22.36 31.24
C ARG B 253 -2.51 -21.92 30.74
N PRO B 254 -3.12 -22.69 29.82
CA PRO B 254 -4.40 -22.21 29.23
C PRO B 254 -5.54 -22.17 30.23
N SER B 255 -5.47 -23.00 31.28
CA SER B 255 -6.53 -22.98 32.28
C SER B 255 -6.67 -21.62 32.93
N HIS B 256 -5.56 -20.88 33.10
CA HIS B 256 -5.65 -19.56 33.73
C HIS B 256 -6.56 -18.63 32.94
N PHE B 257 -6.45 -18.68 31.61
CA PHE B 257 -7.23 -17.80 30.75
C PHE B 257 -8.69 -18.28 30.63
N LEU B 258 -8.89 -19.59 30.40
CA LEU B 258 -10.25 -20.11 30.26
C LEU B 258 -11.01 -20.08 31.58
N ASN B 259 -10.32 -20.20 32.72
CA ASN B 259 -10.93 -20.15 34.05
C ASN B 259 -11.11 -18.73 34.56
N PHE B 260 -10.28 -17.78 34.11
CA PHE B 260 -10.59 -16.39 34.42
C PHE B 260 -11.78 -15.91 33.62
N ALA B 261 -11.96 -16.41 32.39
CA ALA B 261 -13.14 -16.05 31.62
C ALA B 261 -14.43 -16.57 32.26
N LEU B 262 -14.40 -17.80 32.79
CA LEU B 262 -15.58 -18.39 33.42
C LEU B 262 -15.84 -17.85 34.83
N LEU B 263 -15.17 -16.77 35.23
CA LEU B 263 -15.36 -16.14 36.53
C LEU B 263 -16.53 -15.14 36.51
#